data_2DIN
#
_entry.id   2DIN
#
_entity_poly.entity_id   1
_entity_poly.type   'polypeptide(L)'
_entity_poly.pdbx_seq_one_letter_code
;GSSGSSGKKTEWSREEEEKLLHLAKLMPTQWRTIAPIIGRTAAQCLEHYEFLLDKAAQRDSGPSSG
;
_entity_poly.pdbx_strand_id   A
#
# COMPACT_ATOMS: atom_id res chain seq x y z
N GLY A 1 -15.23 -15.09 13.55
CA GLY A 1 -16.33 -15.53 12.70
C GLY A 1 -16.56 -14.59 11.53
N SER A 2 -16.25 -15.06 10.33
CA SER A 2 -16.42 -14.25 9.13
C SER A 2 -16.62 -15.14 7.90
N SER A 3 -16.84 -14.51 6.75
CA SER A 3 -17.04 -15.24 5.50
C SER A 3 -16.15 -14.69 4.39
N GLY A 4 -15.93 -15.51 3.37
CA GLY A 4 -15.10 -15.09 2.26
C GLY A 4 -15.81 -14.11 1.33
N SER A 5 -16.39 -13.07 1.91
CA SER A 5 -17.10 -12.06 1.14
C SER A 5 -16.59 -10.67 1.44
N SER A 6 -17.01 -9.70 0.64
CA SER A 6 -16.58 -8.31 0.82
C SER A 6 -17.12 -7.74 2.13
N GLY A 7 -16.36 -6.83 2.73
CA GLY A 7 -16.78 -6.22 3.98
C GLY A 7 -15.59 -5.83 4.86
N LYS A 8 -15.11 -6.79 5.64
CA LYS A 8 -13.97 -6.54 6.52
C LYS A 8 -12.70 -6.22 5.72
N LYS A 9 -12.44 -7.03 4.70
CA LYS A 9 -11.28 -6.83 3.85
C LYS A 9 -11.36 -5.50 3.11
N THR A 10 -10.24 -5.06 2.56
CA THR A 10 -10.18 -3.81 1.82
C THR A 10 -9.07 -3.83 0.77
N GLU A 11 -9.47 -3.79 -0.50
CA GLU A 11 -8.51 -3.81 -1.59
C GLU A 11 -8.15 -2.39 -2.03
N TRP A 12 -6.86 -2.13 -2.19
CA TRP A 12 -6.38 -0.81 -2.61
C TRP A 12 -6.43 -0.67 -4.12
N SER A 13 -6.30 0.56 -4.60
CA SER A 13 -6.33 0.84 -6.03
C SER A 13 -5.10 1.65 -6.46
N ARG A 14 -4.76 1.57 -7.74
CA ARG A 14 -3.61 2.29 -8.27
C ARG A 14 -3.55 3.70 -7.68
N GLU A 15 -4.69 4.35 -7.59
CA GLU A 15 -4.76 5.71 -7.04
C GLU A 15 -4.31 5.73 -5.58
N GLU A 16 -4.94 4.90 -4.77
CA GLU A 16 -4.61 4.82 -3.35
C GLU A 16 -3.13 4.51 -3.15
N GLU A 17 -2.57 3.71 -4.05
CA GLU A 17 -1.16 3.35 -3.97
C GLU A 17 -0.27 4.54 -4.29
N GLU A 18 -0.35 5.01 -5.53
CA GLU A 18 0.45 6.14 -5.97
C GLU A 18 0.58 7.18 -4.85
N LYS A 19 -0.56 7.63 -4.33
CA LYS A 19 -0.57 8.62 -3.26
C LYS A 19 0.11 8.08 -2.01
N LEU A 20 -0.04 6.77 -1.77
CA LEU A 20 0.55 6.12 -0.61
C LEU A 20 2.08 6.24 -0.65
N LEU A 21 2.67 5.83 -1.77
CA LEU A 21 4.11 5.89 -1.94
C LEU A 21 4.64 7.31 -1.71
N HIS A 22 3.84 8.29 -2.12
CA HIS A 22 4.22 9.69 -1.96
C HIS A 22 4.21 10.10 -0.49
N LEU A 23 3.06 9.94 0.15
CA LEU A 23 2.91 10.29 1.56
C LEU A 23 3.90 9.50 2.41
N ALA A 24 3.80 8.18 2.35
CA ALA A 24 4.69 7.31 3.12
C ALA A 24 6.12 7.85 3.12
N LYS A 25 6.61 8.24 1.94
CA LYS A 25 7.95 8.77 1.81
C LYS A 25 8.06 10.14 2.48
N LEU A 26 7.06 10.97 2.29
CA LEU A 26 7.04 12.30 2.88
C LEU A 26 7.15 12.23 4.40
N MET A 27 6.25 11.47 5.01
CA MET A 27 6.25 11.30 6.47
C MET A 27 6.07 9.85 6.86
N PRO A 28 7.17 9.09 6.84
CA PRO A 28 7.15 7.66 7.19
C PRO A 28 6.89 7.43 8.68
N THR A 29 6.86 8.52 9.44
CA THR A 29 6.63 8.43 10.88
C THR A 29 5.37 9.20 11.27
N GLN A 30 4.52 9.47 10.29
CA GLN A 30 3.27 10.21 10.53
C GLN A 30 2.07 9.44 9.98
N TRP A 31 2.11 8.12 10.10
CA TRP A 31 1.03 7.27 9.61
C TRP A 31 -0.31 7.74 10.15
N ARG A 32 -0.31 8.18 11.41
CA ARG A 32 -1.53 8.66 12.05
C ARG A 32 -2.12 9.84 11.30
N THR A 33 -1.29 10.52 10.52
CA THR A 33 -1.73 11.67 9.74
C THR A 33 -2.03 11.28 8.30
N ILE A 34 -1.20 10.40 7.74
CA ILE A 34 -1.39 9.95 6.37
C ILE A 34 -2.66 9.11 6.23
N ALA A 35 -3.02 8.40 7.30
CA ALA A 35 -4.20 7.56 7.30
C ALA A 35 -5.44 8.36 6.89
N PRO A 36 -5.73 9.42 7.66
CA PRO A 36 -6.89 10.30 7.39
C PRO A 36 -6.70 11.14 6.14
N ILE A 37 -5.47 11.20 5.65
CA ILE A 37 -5.16 11.97 4.46
C ILE A 37 -5.33 11.12 3.20
N ILE A 38 -5.38 9.80 3.38
CA ILE A 38 -5.55 8.89 2.26
C ILE A 38 -6.92 8.22 2.29
N GLY A 39 -7.40 7.93 3.50
CA GLY A 39 -8.70 7.30 3.65
C GLY A 39 -8.64 6.05 4.51
N ARG A 40 -7.51 5.35 4.46
CA ARG A 40 -7.33 4.14 5.24
C ARG A 40 -6.73 4.45 6.60
N THR A 41 -6.71 3.45 7.48
CA THR A 41 -6.15 3.62 8.81
C THR A 41 -4.63 3.54 8.80
N ALA A 42 -3.99 4.03 9.87
CA ALA A 42 -2.55 4.02 9.96
C ALA A 42 -2.00 2.62 9.69
N ALA A 43 -2.54 1.63 10.37
CA ALA A 43 -2.09 0.24 10.19
C ALA A 43 -2.28 -0.21 8.75
N GLN A 44 -3.44 0.12 8.18
CA GLN A 44 -3.75 -0.26 6.80
C GLN A 44 -2.75 0.38 5.83
N CYS A 45 -2.48 1.66 6.04
CA CYS A 45 -1.55 2.39 5.17
C CYS A 45 -0.15 1.77 5.25
N LEU A 46 0.36 1.64 6.46
CA LEU A 46 1.69 1.07 6.67
C LEU A 46 1.76 -0.36 6.16
N GLU A 47 0.78 -1.17 6.56
CA GLU A 47 0.73 -2.57 6.15
C GLU A 47 0.77 -2.68 4.63
N HIS A 48 -0.13 -1.96 3.96
CA HIS A 48 -0.20 -1.97 2.50
C HIS A 48 1.09 -1.44 1.89
N TYR A 49 1.49 -0.26 2.32
CA TYR A 49 2.71 0.38 1.81
C TYR A 49 3.87 -0.62 1.80
N GLU A 50 4.30 -1.04 2.99
CA GLU A 50 5.40 -1.98 3.11
C GLU A 50 5.24 -3.14 2.13
N PHE A 51 4.03 -3.68 2.06
CA PHE A 51 3.75 -4.80 1.16
C PHE A 51 4.12 -4.44 -0.28
N LEU A 52 3.85 -3.21 -0.66
CA LEU A 52 4.16 -2.74 -2.01
C LEU A 52 5.66 -2.83 -2.29
N LEU A 53 6.45 -2.28 -1.39
CA LEU A 53 7.92 -2.30 -1.53
C LEU A 53 8.40 -3.69 -1.92
N ASP A 54 7.98 -4.70 -1.16
CA ASP A 54 8.37 -6.08 -1.43
C ASP A 54 7.78 -6.55 -2.76
N LYS A 55 6.50 -6.28 -2.97
CA LYS A 55 5.83 -6.69 -4.19
C LYS A 55 6.59 -6.19 -5.42
N ALA A 56 7.04 -4.94 -5.37
CA ALA A 56 7.79 -4.35 -6.48
C ALA A 56 9.06 -5.14 -6.76
N ALA A 57 9.84 -5.40 -5.71
CA ALA A 57 11.08 -6.15 -5.86
C ALA A 57 10.84 -7.49 -6.56
N GLN A 58 9.87 -8.25 -6.06
CA GLN A 58 9.54 -9.54 -6.65
C GLN A 58 9.33 -9.43 -8.15
N ARG A 59 8.61 -8.40 -8.57
CA ARG A 59 8.34 -8.18 -9.99
C ARG A 59 9.53 -8.60 -10.84
N ASP A 60 9.26 -9.42 -11.86
CA ASP A 60 10.31 -9.90 -12.75
C ASP A 60 11.31 -8.80 -13.07
N SER A 61 10.80 -7.62 -13.39
CA SER A 61 11.64 -6.47 -13.73
C SER A 61 12.87 -6.44 -12.82
N GLY A 62 14.04 -6.60 -13.43
CA GLY A 62 15.28 -6.57 -12.67
C GLY A 62 15.53 -5.22 -12.02
N PRO A 63 16.14 -5.24 -10.83
CA PRO A 63 16.45 -4.02 -10.08
C PRO A 63 17.56 -3.21 -10.73
N SER A 64 17.71 -1.97 -10.29
CA SER A 64 18.74 -1.08 -10.84
C SER A 64 19.92 -0.94 -9.88
N SER A 65 20.94 -1.77 -10.09
CA SER A 65 22.12 -1.74 -9.24
C SER A 65 22.45 -0.31 -8.81
N GLY A 66 22.11 0.01 -7.56
CA GLY A 66 22.37 1.34 -7.03
C GLY A 66 22.66 1.33 -5.55
N GLY A 1 -19.21 -25.31 5.42
CA GLY A 1 -19.14 -24.11 4.61
C GLY A 1 -19.20 -24.42 3.13
N SER A 2 -18.66 -23.52 2.32
CA SER A 2 -18.67 -23.70 0.86
C SER A 2 -17.35 -23.23 0.25
N SER A 3 -16.62 -24.16 -0.35
CA SER A 3 -15.34 -23.84 -0.98
C SER A 3 -14.39 -23.20 0.03
N GLY A 4 -14.38 -23.74 1.24
CA GLY A 4 -13.51 -23.20 2.28
C GLY A 4 -14.01 -21.88 2.82
N SER A 5 -13.43 -21.45 3.94
CA SER A 5 -13.82 -20.19 4.57
C SER A 5 -12.80 -19.10 4.28
N SER A 6 -13.28 -17.99 3.72
CA SER A 6 -12.41 -16.87 3.38
C SER A 6 -13.03 -15.54 3.80
N GLY A 7 -12.22 -14.50 3.86
CA GLY A 7 -12.71 -13.19 4.26
C GLY A 7 -12.54 -12.15 3.16
N LYS A 8 -12.73 -10.88 3.52
CA LYS A 8 -12.59 -9.80 2.56
C LYS A 8 -11.35 -8.96 2.86
N LYS A 9 -10.79 -8.34 1.82
CA LYS A 9 -9.61 -7.51 1.98
C LYS A 9 -9.72 -6.24 1.14
N THR A 10 -9.75 -5.10 1.81
CA THR A 10 -9.86 -3.81 1.12
C THR A 10 -8.79 -3.68 0.03
N GLU A 11 -9.20 -3.89 -1.21
CA GLU A 11 -8.28 -3.79 -2.33
C GLU A 11 -7.93 -2.33 -2.64
N TRP A 12 -6.65 -2.04 -2.73
CA TRP A 12 -6.18 -0.69 -3.00
C TRP A 12 -6.27 -0.38 -4.49
N SER A 13 -6.48 0.88 -4.82
CA SER A 13 -6.60 1.31 -6.21
C SER A 13 -5.33 2.05 -6.65
N ARG A 14 -5.03 1.97 -7.94
CA ARG A 14 -3.85 2.62 -8.49
C ARG A 14 -3.62 3.98 -7.84
N GLU A 15 -4.72 4.71 -7.59
CA GLU A 15 -4.64 6.02 -6.97
C GLU A 15 -4.20 5.90 -5.51
N GLU A 16 -4.87 5.02 -4.77
CA GLU A 16 -4.54 4.82 -3.37
C GLU A 16 -3.06 4.51 -3.17
N GLU A 17 -2.49 3.77 -4.13
CA GLU A 17 -1.08 3.41 -4.07
C GLU A 17 -0.20 4.62 -4.33
N GLU A 18 -0.26 5.15 -5.54
CA GLU A 18 0.54 6.31 -5.92
C GLU A 18 0.64 7.30 -4.75
N LYS A 19 -0.52 7.72 -4.25
CA LYS A 19 -0.57 8.67 -3.14
C LYS A 19 0.13 8.09 -1.91
N LEU A 20 -0.01 6.79 -1.70
CA LEU A 20 0.60 6.12 -0.56
C LEU A 20 2.12 6.26 -0.61
N LEU A 21 2.72 5.89 -1.73
CA LEU A 21 4.16 5.98 -1.90
C LEU A 21 4.65 7.39 -1.63
N HIS A 22 3.85 8.38 -2.02
CA HIS A 22 4.19 9.78 -1.82
C HIS A 22 4.16 10.15 -0.34
N LEU A 23 2.98 10.07 0.26
CA LEU A 23 2.82 10.39 1.67
C LEU A 23 3.79 9.58 2.53
N ALA A 24 3.73 8.26 2.38
CA ALA A 24 4.60 7.38 3.14
C ALA A 24 6.04 7.90 3.17
N LYS A 25 6.53 8.33 2.02
CA LYS A 25 7.87 8.86 1.90
C LYS A 25 7.98 10.23 2.57
N LEU A 26 6.95 11.04 2.41
CA LEU A 26 6.92 12.37 3.00
C LEU A 26 7.03 12.30 4.52
N MET A 27 6.14 11.53 5.14
CA MET A 27 6.14 11.37 6.59
C MET A 27 5.97 9.90 6.97
N PRO A 28 7.08 9.16 6.97
CA PRO A 28 7.08 7.73 7.32
C PRO A 28 6.81 7.50 8.80
N THR A 29 6.80 8.58 9.58
CA THR A 29 6.55 8.49 11.01
C THR A 29 5.30 9.27 11.40
N GLN A 30 4.44 9.52 10.43
CA GLN A 30 3.20 10.26 10.66
C GLN A 30 2.01 9.53 10.06
N TRP A 31 2.00 8.21 10.18
CA TRP A 31 0.93 7.38 9.64
C TRP A 31 -0.43 7.88 10.15
N ARG A 32 -0.47 8.31 11.40
CA ARG A 32 -1.70 8.80 12.00
C ARG A 32 -2.25 10.00 11.22
N THR A 33 -1.37 10.62 10.43
CA THR A 33 -1.76 11.78 9.64
C THR A 33 -2.10 11.38 8.20
N ILE A 34 -1.39 10.37 7.70
CA ILE A 34 -1.62 9.89 6.34
C ILE A 34 -2.89 9.07 6.26
N ALA A 35 -3.26 8.43 7.36
CA ALA A 35 -4.46 7.61 7.42
C ALA A 35 -5.69 8.41 7.00
N PRO A 36 -5.96 9.50 7.74
CA PRO A 36 -7.10 10.38 7.47
C PRO A 36 -6.95 11.16 6.17
N ILE A 37 -5.73 11.14 5.62
CA ILE A 37 -5.44 11.85 4.38
C ILE A 37 -5.66 10.95 3.17
N ILE A 38 -5.69 9.64 3.41
CA ILE A 38 -5.87 8.68 2.33
C ILE A 38 -7.24 8.00 2.44
N GLY A 39 -7.71 7.84 3.68
CA GLY A 39 -9.00 7.20 3.90
C GLY A 39 -8.90 5.95 4.74
N ARG A 40 -7.73 5.29 4.68
CA ARG A 40 -7.51 4.07 5.44
C ARG A 40 -6.87 4.38 6.79
N THR A 41 -6.72 3.34 7.62
CA THR A 41 -6.13 3.51 8.94
C THR A 41 -4.60 3.40 8.88
N ALA A 42 -3.93 4.00 9.85
CA ALA A 42 -2.48 3.97 9.91
C ALA A 42 -1.95 2.57 9.66
N ALA A 43 -2.45 1.60 10.42
CA ALA A 43 -2.04 0.22 10.28
C ALA A 43 -2.11 -0.24 8.82
N GLN A 44 -3.17 0.16 8.13
CA GLN A 44 -3.35 -0.20 6.74
C GLN A 44 -2.26 0.41 5.86
N CYS A 45 -2.18 1.73 5.86
CA CYS A 45 -1.19 2.44 5.06
C CYS A 45 0.19 1.78 5.20
N LEU A 46 0.57 1.49 6.44
CA LEU A 46 1.86 0.86 6.72
C LEU A 46 1.92 -0.54 6.12
N GLU A 47 0.93 -1.36 6.46
CA GLU A 47 0.87 -2.73 5.94
C GLU A 47 0.96 -2.75 4.42
N HIS A 48 0.00 -2.11 3.77
CA HIS A 48 -0.03 -2.05 2.32
C HIS A 48 1.26 -1.46 1.77
N TYR A 49 1.62 -0.29 2.26
CA TYR A 49 2.84 0.38 1.81
C TYR A 49 4.01 -0.59 1.76
N GLU A 50 4.45 -1.03 2.93
CA GLU A 50 5.57 -1.98 3.01
C GLU A 50 5.42 -3.09 1.99
N PHE A 51 4.21 -3.64 1.91
CA PHE A 51 3.94 -4.72 0.96
C PHE A 51 4.29 -4.31 -0.46
N LEU A 52 4.10 -3.03 -0.76
CA LEU A 52 4.41 -2.50 -2.09
C LEU A 52 5.91 -2.55 -2.36
N LEU A 53 6.70 -2.22 -1.36
CA LEU A 53 8.15 -2.21 -1.50
C LEU A 53 8.66 -3.60 -1.86
N ASP A 54 8.23 -4.61 -1.12
CA ASP A 54 8.63 -5.98 -1.37
C ASP A 54 8.01 -6.51 -2.67
N LYS A 55 6.75 -6.15 -2.89
CA LYS A 55 6.04 -6.58 -4.09
C LYS A 55 6.82 -6.21 -5.35
N ALA A 56 7.26 -4.96 -5.42
CA ALA A 56 8.01 -4.48 -6.58
C ALA A 56 9.09 -5.48 -6.97
N ALA A 57 9.75 -6.06 -5.97
CA ALA A 57 10.81 -7.03 -6.22
C ALA A 57 10.23 -8.38 -6.64
N GLN A 58 9.28 -8.87 -5.85
CA GLN A 58 8.64 -10.16 -6.13
C GLN A 58 8.29 -10.27 -7.61
N ARG A 59 7.74 -9.21 -8.17
CA ARG A 59 7.35 -9.18 -9.58
C ARG A 59 8.33 -10.01 -10.42
N ASP A 60 9.62 -9.81 -10.18
CA ASP A 60 10.66 -10.53 -10.92
C ASP A 60 10.27 -11.99 -11.08
N SER A 61 9.88 -12.35 -12.31
CA SER A 61 9.48 -13.72 -12.60
C SER A 61 10.02 -14.16 -13.96
N GLY A 62 10.01 -15.47 -14.19
CA GLY A 62 10.49 -16.00 -15.46
C GLY A 62 9.38 -16.44 -16.38
N PRO A 63 9.73 -17.11 -17.49
CA PRO A 63 8.76 -17.59 -18.47
C PRO A 63 7.91 -18.74 -17.93
N SER A 64 6.75 -18.41 -17.39
CA SER A 64 5.84 -19.41 -16.84
C SER A 64 5.03 -20.07 -17.94
N SER A 65 5.46 -21.25 -18.38
CA SER A 65 4.77 -21.98 -19.43
C SER A 65 4.16 -23.26 -18.88
N GLY A 66 5.00 -24.15 -18.35
CA GLY A 66 4.51 -25.40 -17.80
C GLY A 66 5.11 -25.70 -16.45
N GLY A 1 -12.97 -14.71 -7.57
CA GLY A 1 -14.13 -15.55 -7.41
C GLY A 1 -15.21 -14.91 -6.56
N SER A 2 -16.10 -15.73 -6.02
CA SER A 2 -17.19 -15.24 -5.18
C SER A 2 -17.01 -15.70 -3.74
N SER A 3 -16.77 -16.99 -3.55
CA SER A 3 -16.59 -17.56 -2.23
C SER A 3 -15.20 -17.23 -1.68
N GLY A 4 -15.16 -16.64 -0.50
CA GLY A 4 -13.90 -16.27 0.12
C GLY A 4 -13.95 -16.32 1.64
N SER A 5 -14.74 -15.43 2.23
CA SER A 5 -14.87 -15.37 3.67
C SER A 5 -15.99 -14.41 4.08
N SER A 6 -16.63 -14.71 5.20
CA SER A 6 -17.72 -13.86 5.69
C SER A 6 -17.18 -12.60 6.35
N GLY A 7 -17.08 -11.54 5.57
CA GLY A 7 -16.58 -10.28 6.09
C GLY A 7 -16.05 -9.36 4.99
N LYS A 8 -16.60 -8.16 4.92
CA LYS A 8 -16.19 -7.19 3.91
C LYS A 8 -14.67 -7.06 3.88
N LYS A 9 -14.11 -7.08 2.68
CA LYS A 9 -12.67 -6.96 2.50
C LYS A 9 -12.28 -5.55 2.09
N THR A 10 -10.98 -5.29 2.02
CA THR A 10 -10.48 -3.97 1.63
C THR A 10 -9.24 -4.08 0.75
N GLU A 11 -9.38 -3.72 -0.51
CA GLU A 11 -8.28 -3.79 -1.46
C GLU A 11 -7.85 -2.39 -1.90
N TRP A 12 -6.56 -2.23 -2.18
CA TRP A 12 -6.03 -0.95 -2.61
C TRP A 12 -6.02 -0.84 -4.13
N SER A 13 -6.11 0.39 -4.63
CA SER A 13 -6.11 0.63 -6.07
C SER A 13 -4.85 1.36 -6.51
N ARG A 14 -4.64 1.46 -7.82
CA ARG A 14 -3.47 2.12 -8.37
C ARG A 14 -3.31 3.51 -7.75
N GLU A 15 -4.42 4.21 -7.56
CA GLU A 15 -4.39 5.55 -6.99
C GLU A 15 -3.98 5.49 -5.52
N GLU A 16 -4.73 4.74 -4.73
CA GLU A 16 -4.44 4.61 -3.30
C GLU A 16 -2.96 4.32 -3.07
N GLU A 17 -2.37 3.53 -3.98
CA GLU A 17 -0.95 3.17 -3.87
C GLU A 17 -0.06 4.38 -4.15
N GLU A 18 -0.11 4.86 -5.39
CA GLU A 18 0.69 6.01 -5.79
C GLU A 18 0.75 7.05 -4.66
N LYS A 19 -0.41 7.49 -4.21
CA LYS A 19 -0.50 8.48 -3.15
C LYS A 19 0.17 7.97 -1.88
N LEU A 20 0.07 6.67 -1.64
CA LEU A 20 0.67 6.05 -0.46
C LEU A 20 2.20 6.19 -0.49
N LEU A 21 2.81 5.72 -1.58
CA LEU A 21 4.25 5.80 -1.74
C LEU A 21 4.75 7.23 -1.51
N HIS A 22 3.95 8.20 -1.94
CA HIS A 22 4.30 9.60 -1.79
C HIS A 22 4.27 10.03 -0.33
N LEU A 23 3.08 9.92 0.28
CA LEU A 23 2.90 10.29 1.68
C LEU A 23 3.92 9.57 2.56
N ALA A 24 3.87 8.25 2.54
CA ALA A 24 4.78 7.44 3.34
C ALA A 24 6.16 8.08 3.42
N LYS A 25 6.68 8.49 2.27
CA LYS A 25 8.00 9.13 2.21
C LYS A 25 7.98 10.49 2.90
N LEU A 26 7.00 11.31 2.56
CA LEU A 26 6.86 12.63 3.15
C LEU A 26 6.91 12.55 4.68
N MET A 27 6.04 11.74 5.25
CA MET A 27 5.99 11.57 6.70
C MET A 27 5.88 10.09 7.07
N PRO A 28 7.03 9.41 7.13
CA PRO A 28 7.08 7.98 7.48
C PRO A 28 6.74 7.73 8.94
N THR A 29 6.69 8.80 9.73
CA THR A 29 6.37 8.69 11.14
C THR A 29 5.09 9.45 11.48
N GLN A 30 4.21 9.58 10.50
CA GLN A 30 2.95 10.30 10.69
C GLN A 30 1.79 9.51 10.09
N TRP A 31 1.86 8.19 10.20
CA TRP A 31 0.81 7.33 9.66
C TRP A 31 -0.56 7.76 10.17
N ARG A 32 -0.62 8.09 11.45
CA ARG A 32 -1.89 8.52 12.06
C ARG A 32 -2.41 9.79 11.39
N THR A 33 -1.53 10.49 10.68
CA THR A 33 -1.89 11.71 9.99
C THR A 33 -2.21 11.45 8.53
N ILE A 34 -1.50 10.49 7.94
CA ILE A 34 -1.70 10.15 6.53
C ILE A 34 -2.97 9.31 6.36
N ALA A 35 -3.32 8.56 7.39
CA ALA A 35 -4.52 7.72 7.34
C ALA A 35 -5.71 8.49 6.82
N PRO A 36 -6.05 9.59 7.51
CA PRO A 36 -7.18 10.44 7.14
C PRO A 36 -6.93 11.22 5.86
N ILE A 37 -5.69 11.19 5.40
CA ILE A 37 -5.32 11.89 4.17
C ILE A 37 -5.43 10.98 2.95
N ILE A 38 -5.48 9.67 3.20
CA ILE A 38 -5.59 8.69 2.14
C ILE A 38 -6.95 8.01 2.15
N GLY A 39 -7.51 7.83 3.35
CA GLY A 39 -8.80 7.20 3.48
C GLY A 39 -8.76 5.95 4.34
N ARG A 40 -7.60 5.30 4.36
CA ARG A 40 -7.43 4.07 5.14
C ARG A 40 -6.82 4.39 6.51
N THR A 41 -6.68 3.36 7.34
CA THR A 41 -6.12 3.52 8.68
C THR A 41 -4.59 3.45 8.63
N ALA A 42 -3.95 4.10 9.60
CA ALA A 42 -2.49 4.11 9.68
C ALA A 42 -1.93 2.70 9.50
N ALA A 43 -2.50 1.74 10.21
CA ALA A 43 -2.06 0.35 10.12
C ALA A 43 -2.12 -0.16 8.68
N GLN A 44 -3.28 0.00 8.05
CA GLN A 44 -3.47 -0.44 6.68
C GLN A 44 -2.49 0.25 5.74
N CYS A 45 -2.32 1.55 5.94
CA CYS A 45 -1.41 2.34 5.12
C CYS A 45 0.03 1.83 5.24
N LEU A 46 0.49 1.69 6.48
CA LEU A 46 1.84 1.21 6.74
C LEU A 46 2.03 -0.21 6.23
N GLU A 47 1.08 -1.08 6.56
CA GLU A 47 1.14 -2.47 6.14
C GLU A 47 1.14 -2.58 4.61
N HIS A 48 0.19 -1.90 3.97
CA HIS A 48 0.09 -1.92 2.52
C HIS A 48 1.33 -1.31 1.88
N TYR A 49 1.71 -0.12 2.34
CA TYR A 49 2.88 0.57 1.81
C TYR A 49 4.07 -0.39 1.73
N GLU A 50 4.60 -0.76 2.89
CA GLU A 50 5.75 -1.67 2.94
C GLU A 50 5.55 -2.85 2.00
N PHE A 51 4.36 -3.43 2.04
CA PHE A 51 4.05 -4.58 1.19
C PHE A 51 4.32 -4.27 -0.27
N LEU A 52 3.98 -3.05 -0.69
CA LEU A 52 4.19 -2.62 -2.07
C LEU A 52 5.67 -2.67 -2.43
N LEU A 53 6.51 -2.12 -1.56
CA LEU A 53 7.96 -2.10 -1.80
C LEU A 53 8.46 -3.49 -2.17
N ASP A 54 8.15 -4.48 -1.34
CA ASP A 54 8.57 -5.85 -1.58
C ASP A 54 7.85 -6.43 -2.80
N LYS A 55 6.54 -6.22 -2.86
CA LYS A 55 5.74 -6.71 -3.98
C LYS A 55 6.37 -6.33 -5.32
N ALA A 56 6.84 -5.09 -5.41
CA ALA A 56 7.46 -4.60 -6.63
C ALA A 56 8.60 -5.52 -7.07
N ALA A 57 9.43 -5.92 -6.11
CA ALA A 57 10.55 -6.80 -6.40
C ALA A 57 10.10 -8.10 -7.04
N GLN A 58 9.09 -8.73 -6.43
CA GLN A 58 8.55 -9.99 -6.94
C GLN A 58 7.96 -9.80 -8.34
N ARG A 59 7.09 -8.80 -8.46
CA ARG A 59 6.44 -8.51 -9.74
C ARG A 59 7.48 -8.13 -10.80
N ASP A 60 7.91 -9.11 -11.57
CA ASP A 60 8.90 -8.88 -12.62
C ASP A 60 8.22 -8.70 -13.98
N SER A 61 8.26 -7.49 -14.50
CA SER A 61 7.64 -7.18 -15.78
C SER A 61 8.62 -7.43 -16.93
N GLY A 62 9.36 -8.53 -16.84
CA GLY A 62 10.32 -8.86 -17.87
C GLY A 62 10.20 -10.29 -18.35
N PRO A 63 10.50 -10.52 -19.64
CA PRO A 63 10.44 -11.85 -20.24
C PRO A 63 11.51 -12.79 -19.71
N SER A 64 12.69 -12.23 -19.43
CA SER A 64 13.81 -13.02 -18.92
C SER A 64 13.85 -12.97 -17.40
N SER A 65 14.13 -14.12 -16.79
CA SER A 65 14.20 -14.21 -15.33
C SER A 65 15.34 -13.37 -14.78
N GLY A 66 15.19 -12.89 -13.56
CA GLY A 66 16.21 -12.07 -12.93
C GLY A 66 16.08 -10.61 -13.30
N GLY A 1 -11.24 -13.81 -5.48
CA GLY A 1 -11.48 -14.44 -6.77
C GLY A 1 -10.44 -14.03 -7.80
N SER A 2 -10.33 -14.83 -8.86
CA SER A 2 -9.37 -14.55 -9.93
C SER A 2 -9.67 -13.21 -10.59
N SER A 3 -10.88 -13.07 -11.10
CA SER A 3 -11.30 -11.84 -11.77
C SER A 3 -12.15 -10.97 -10.84
N GLY A 4 -12.03 -9.66 -10.97
CA GLY A 4 -12.79 -8.75 -10.14
C GLY A 4 -12.49 -8.92 -8.66
N SER A 5 -11.49 -8.21 -8.17
CA SER A 5 -11.09 -8.28 -6.77
C SER A 5 -12.28 -7.95 -5.87
N SER A 6 -13.00 -8.98 -5.45
CA SER A 6 -14.15 -8.80 -4.57
C SER A 6 -13.91 -9.45 -3.21
N GLY A 7 -14.20 -8.69 -2.15
CA GLY A 7 -14.01 -9.21 -0.80
C GLY A 7 -14.42 -8.21 0.26
N LYS A 8 -14.41 -8.66 1.51
CA LYS A 8 -14.79 -7.80 2.63
C LYS A 8 -13.65 -6.84 2.99
N LYS A 9 -12.50 -7.40 3.32
CA LYS A 9 -11.33 -6.59 3.67
C LYS A 9 -11.18 -5.41 2.73
N THR A 10 -10.63 -4.32 3.24
CA THR A 10 -10.42 -3.11 2.45
C THR A 10 -9.38 -3.35 1.36
N GLU A 11 -9.76 -3.05 0.12
CA GLU A 11 -8.86 -3.22 -1.02
C GLU A 11 -8.40 -1.87 -1.56
N TRP A 12 -7.12 -1.79 -1.90
CA TRP A 12 -6.55 -0.55 -2.42
C TRP A 12 -6.66 -0.50 -3.95
N SER A 13 -6.25 0.62 -4.53
CA SER A 13 -6.31 0.79 -5.98
C SER A 13 -5.10 1.56 -6.49
N ARG A 14 -4.72 1.30 -7.73
CA ARG A 14 -3.57 1.97 -8.34
C ARG A 14 -3.45 3.41 -7.82
N GLU A 15 -4.59 4.10 -7.74
CA GLU A 15 -4.61 5.48 -7.27
C GLU A 15 -4.13 5.57 -5.83
N GLU A 16 -4.88 4.95 -4.92
CA GLU A 16 -4.54 4.96 -3.51
C GLU A 16 -3.05 4.67 -3.31
N GLU A 17 -2.50 3.80 -4.15
CA GLU A 17 -1.09 3.44 -4.06
C GLU A 17 -0.20 4.63 -4.39
N GLU A 18 -0.30 5.12 -5.62
CA GLU A 18 0.50 6.27 -6.05
C GLU A 18 0.67 7.27 -4.93
N LYS A 19 -0.46 7.76 -4.40
CA LYS A 19 -0.43 8.73 -3.31
C LYS A 19 0.21 8.13 -2.07
N LEU A 20 0.02 6.83 -1.87
CA LEU A 20 0.58 6.14 -0.71
C LEU A 20 2.11 6.22 -0.72
N LEU A 21 2.71 5.82 -1.83
CA LEU A 21 4.16 5.84 -1.96
C LEU A 21 4.71 7.23 -1.66
N HIS A 22 3.97 8.25 -2.08
CA HIS A 22 4.38 9.63 -1.85
C HIS A 22 4.31 9.99 -0.37
N LEU A 23 3.11 9.88 0.20
CA LEU A 23 2.90 10.18 1.60
C LEU A 23 3.83 9.36 2.49
N ALA A 24 3.74 8.03 2.35
CA ALA A 24 4.57 7.13 3.12
C ALA A 24 6.01 7.64 3.21
N LYS A 25 6.55 8.06 2.07
CA LYS A 25 7.92 8.57 2.03
C LYS A 25 8.02 9.92 2.73
N LEU A 26 7.04 10.78 2.49
CA LEU A 26 7.02 12.11 3.10
C LEU A 26 7.11 12.00 4.63
N MET A 27 6.20 11.23 5.22
CA MET A 27 6.18 11.04 6.66
C MET A 27 5.99 9.58 7.02
N PRO A 28 7.10 8.82 7.04
CA PRO A 28 7.08 7.39 7.36
C PRO A 28 6.76 7.14 8.83
N THR A 29 6.73 8.21 9.62
CA THR A 29 6.44 8.09 11.05
C THR A 29 5.22 8.93 11.42
N GLN A 30 4.33 9.13 10.46
CA GLN A 30 3.12 9.91 10.70
C GLN A 30 1.90 9.21 10.10
N TRP A 31 1.87 7.90 10.21
CA TRP A 31 0.75 7.11 9.68
C TRP A 31 -0.57 7.61 10.24
N ARG A 32 -0.54 8.10 11.47
CA ARG A 32 -1.75 8.60 12.12
C ARG A 32 -2.27 9.84 11.39
N THR A 33 -1.40 10.49 10.63
CA THR A 33 -1.77 11.69 9.89
C THR A 33 -2.10 11.35 8.43
N ILE A 34 -1.34 10.44 7.86
CA ILE A 34 -1.55 10.02 6.48
C ILE A 34 -2.81 9.17 6.34
N ALA A 35 -3.15 8.45 7.41
CA ALA A 35 -4.33 7.60 7.41
C ALA A 35 -5.58 8.38 7.02
N PRO A 36 -5.88 9.44 7.79
CA PRO A 36 -7.04 10.30 7.52
C PRO A 36 -6.88 11.13 6.26
N ILE A 37 -5.66 11.17 5.74
CA ILE A 37 -5.38 11.94 4.53
C ILE A 37 -5.60 11.09 3.28
N ILE A 38 -5.67 9.78 3.47
CA ILE A 38 -5.88 8.85 2.36
C ILE A 38 -7.25 8.19 2.45
N GLY A 39 -7.67 7.85 3.67
CA GLY A 39 -8.95 7.22 3.86
C GLY A 39 -8.86 5.97 4.71
N ARG A 40 -7.72 5.29 4.63
CA ARG A 40 -7.51 4.06 5.41
C ARG A 40 -6.94 4.38 6.78
N THR A 41 -6.63 3.33 7.54
CA THR A 41 -6.07 3.49 8.88
C THR A 41 -4.56 3.37 8.87
N ALA A 42 -3.91 4.00 9.83
CA ALA A 42 -2.45 3.96 9.94
C ALA A 42 -1.92 2.57 9.61
N ALA A 43 -2.38 1.57 10.35
CA ALA A 43 -1.96 0.19 10.14
C ALA A 43 -2.08 -0.19 8.67
N GLN A 44 -3.21 0.15 8.05
CA GLN A 44 -3.44 -0.16 6.65
C GLN A 44 -2.42 0.53 5.76
N CYS A 45 -2.23 1.83 5.97
CA CYS A 45 -1.27 2.60 5.18
C CYS A 45 0.12 1.99 5.26
N LEU A 46 0.61 1.79 6.49
CA LEU A 46 1.93 1.21 6.69
C LEU A 46 2.01 -0.20 6.11
N GLU A 47 1.09 -1.07 6.55
CA GLU A 47 1.06 -2.44 6.07
C GLU A 47 1.07 -2.48 4.55
N HIS A 48 0.07 -1.85 3.93
CA HIS A 48 -0.04 -1.82 2.48
C HIS A 48 1.24 -1.25 1.85
N TYR A 49 1.64 -0.07 2.29
CA TYR A 49 2.83 0.58 1.77
C TYR A 49 4.00 -0.41 1.71
N GLU A 50 4.51 -0.77 2.87
CA GLU A 50 5.63 -1.70 2.96
C GLU A 50 5.44 -2.87 2.00
N PHE A 51 4.23 -3.43 2.01
CA PHE A 51 3.91 -4.56 1.14
C PHE A 51 4.20 -4.23 -0.32
N LEU A 52 3.84 -3.02 -0.73
CA LEU A 52 4.06 -2.57 -2.10
C LEU A 52 5.54 -2.65 -2.46
N LEU A 53 6.39 -2.11 -1.59
CA LEU A 53 7.84 -2.12 -1.82
C LEU A 53 8.31 -3.52 -2.19
N ASP A 54 7.98 -4.50 -1.36
CA ASP A 54 8.37 -5.88 -1.60
C ASP A 54 7.71 -6.43 -2.87
N LYS A 55 6.41 -6.21 -2.98
CA LYS A 55 5.66 -6.67 -4.14
C LYS A 55 6.37 -6.30 -5.44
N ALA A 56 6.87 -5.06 -5.50
CA ALA A 56 7.58 -4.59 -6.68
C ALA A 56 8.87 -5.39 -6.91
N ALA A 57 9.60 -5.63 -5.84
CA ALA A 57 10.85 -6.38 -5.92
C ALA A 57 10.59 -7.81 -6.38
N GLN A 58 9.68 -8.50 -5.71
CA GLN A 58 9.35 -9.87 -6.04
C GLN A 58 8.78 -9.97 -7.45
N ARG A 59 7.86 -9.05 -7.77
CA ARG A 59 7.24 -9.03 -9.09
C ARG A 59 8.28 -9.10 -10.19
N ASP A 60 8.23 -10.18 -10.98
CA ASP A 60 9.18 -10.37 -12.07
C ASP A 60 8.61 -9.83 -13.38
N SER A 61 9.27 -8.81 -13.93
CA SER A 61 8.82 -8.20 -15.18
C SER A 61 8.68 -9.25 -16.27
N GLY A 62 7.66 -9.09 -17.11
CA GLY A 62 7.43 -10.03 -18.19
C GLY A 62 8.71 -10.53 -18.80
N PRO A 63 9.28 -9.74 -19.73
CA PRO A 63 10.53 -10.10 -20.41
C PRO A 63 11.74 -10.04 -19.49
N SER A 64 12.11 -11.19 -18.94
CA SER A 64 13.26 -11.26 -18.03
C SER A 64 14.56 -10.96 -18.76
N SER A 65 15.15 -9.82 -18.45
CA SER A 65 16.41 -9.42 -19.08
C SER A 65 17.35 -10.60 -19.22
N GLY A 66 18.14 -10.61 -20.30
CA GLY A 66 19.08 -11.69 -20.53
C GLY A 66 20.47 -11.37 -20.02
N GLY A 1 1.30 -12.62 -1.84
CA GLY A 1 1.34 -13.67 -0.84
C GLY A 1 0.44 -14.84 -1.21
N SER A 2 0.01 -15.58 -0.19
CA SER A 2 -0.85 -16.73 -0.40
C SER A 2 -2.19 -16.54 0.30
N SER A 3 -2.15 -16.35 1.61
CA SER A 3 -3.36 -16.15 2.41
C SER A 3 -3.56 -14.68 2.75
N GLY A 4 -4.74 -14.16 2.42
CA GLY A 4 -5.02 -12.76 2.71
C GLY A 4 -5.93 -12.59 3.91
N SER A 5 -5.33 -12.53 5.10
CA SER A 5 -6.09 -12.37 6.33
C SER A 5 -5.78 -11.03 6.98
N SER A 6 -4.50 -10.74 7.18
CA SER A 6 -4.08 -9.49 7.79
C SER A 6 -4.80 -8.30 7.15
N GLY A 7 -5.32 -7.42 7.99
CA GLY A 7 -6.03 -6.24 7.50
C GLY A 7 -7.52 -6.35 7.69
N LYS A 8 -8.27 -5.52 6.97
CA LYS A 8 -9.73 -5.52 7.06
C LYS A 8 -10.35 -5.94 5.73
N LYS A 9 -9.77 -6.95 5.09
CA LYS A 9 -10.26 -7.45 3.82
C LYS A 9 -10.55 -6.29 2.86
N THR A 10 -9.62 -5.35 2.79
CA THR A 10 -9.75 -4.19 1.91
C THR A 10 -8.73 -4.22 0.79
N GLU A 11 -9.15 -3.79 -0.40
CA GLU A 11 -8.25 -3.77 -1.56
C GLU A 11 -7.97 -2.33 -1.99
N TRP A 12 -6.70 -2.07 -2.32
CA TRP A 12 -6.29 -0.73 -2.75
C TRP A 12 -6.28 -0.63 -4.28
N SER A 13 -6.28 0.59 -4.78
CA SER A 13 -6.28 0.82 -6.22
C SER A 13 -5.05 1.64 -6.64
N ARG A 14 -4.67 1.51 -7.89
CA ARG A 14 -3.52 2.23 -8.42
C ARG A 14 -3.42 3.63 -7.81
N GLU A 15 -4.57 4.28 -7.68
CA GLU A 15 -4.62 5.63 -7.12
C GLU A 15 -4.20 5.62 -5.65
N GLU A 16 -4.94 4.87 -4.83
CA GLU A 16 -4.65 4.77 -3.41
C GLU A 16 -3.16 4.51 -3.18
N GLU A 17 -2.58 3.69 -4.04
CA GLU A 17 -1.16 3.35 -3.94
C GLU A 17 -0.28 4.55 -4.25
N GLU A 18 -0.36 5.03 -5.49
CA GLU A 18 0.43 6.18 -5.92
C GLU A 18 0.55 7.20 -4.80
N LYS A 19 -0.58 7.65 -4.29
CA LYS A 19 -0.61 8.63 -3.21
C LYS A 19 0.09 8.08 -1.96
N LEU A 20 -0.05 6.78 -1.74
CA LEU A 20 0.57 6.14 -0.59
C LEU A 20 2.09 6.25 -0.64
N LEU A 21 2.66 5.88 -1.78
CA LEU A 21 4.11 5.94 -1.97
C LEU A 21 4.62 7.36 -1.76
N HIS A 22 3.80 8.34 -2.15
CA HIS A 22 4.18 9.74 -2.00
C HIS A 22 4.23 10.15 -0.53
N LEU A 23 3.11 9.99 0.16
CA LEU A 23 3.02 10.33 1.57
C LEU A 23 4.09 9.59 2.38
N ALA A 24 4.00 8.27 2.37
CA ALA A 24 4.95 7.43 3.10
C ALA A 24 6.35 8.05 3.08
N LYS A 25 6.80 8.44 1.89
CA LYS A 25 8.11 9.05 1.73
C LYS A 25 8.17 10.42 2.40
N LEU A 26 7.09 11.18 2.27
CA LEU A 26 7.01 12.51 2.87
C LEU A 26 7.12 12.43 4.39
N MET A 27 6.27 11.61 5.00
CA MET A 27 6.27 11.44 6.45
C MET A 27 6.15 9.97 6.82
N PRO A 28 7.31 9.28 6.87
CA PRO A 28 7.36 7.86 7.20
C PRO A 28 7.03 7.60 8.68
N THR A 29 7.01 8.67 9.47
CA THR A 29 6.71 8.56 10.89
C THR A 29 5.46 9.35 11.25
N GLN A 30 4.53 9.45 10.30
CA GLN A 30 3.29 10.19 10.51
C GLN A 30 2.10 9.40 9.98
N TRP A 31 2.16 8.08 10.11
CA TRP A 31 1.09 7.22 9.64
C TRP A 31 -0.26 7.68 10.18
N ARG A 32 -0.28 8.09 11.43
CA ARG A 32 -1.50 8.55 12.08
C ARG A 32 -2.09 9.74 11.32
N THR A 33 -1.24 10.42 10.55
CA THR A 33 -1.68 11.58 9.78
C THR A 33 -1.99 11.20 8.34
N ILE A 34 -1.21 10.28 7.79
CA ILE A 34 -1.40 9.83 6.43
C ILE A 34 -2.70 9.04 6.29
N ALA A 35 -3.09 8.36 7.36
CA ALA A 35 -4.31 7.57 7.36
C ALA A 35 -5.51 8.40 6.90
N PRO A 36 -5.78 9.49 7.62
CA PRO A 36 -6.90 10.40 7.31
C PRO A 36 -6.66 11.18 6.03
N ILE A 37 -5.43 11.12 5.52
CA ILE A 37 -5.07 11.83 4.30
C ILE A 37 -5.28 10.95 3.08
N ILE A 38 -5.37 9.63 3.30
CA ILE A 38 -5.57 8.69 2.21
C ILE A 38 -6.95 8.05 2.28
N GLY A 39 -7.42 7.79 3.49
CA GLY A 39 -8.73 7.19 3.67
C GLY A 39 -8.69 5.95 4.54
N ARG A 40 -7.56 5.24 4.50
CA ARG A 40 -7.39 4.02 5.29
C ARG A 40 -6.83 4.34 6.67
N THR A 41 -6.70 3.31 7.51
CA THR A 41 -6.18 3.48 8.85
C THR A 41 -4.66 3.46 8.87
N ALA A 42 -4.08 4.02 9.91
CA ALA A 42 -2.62 4.07 10.04
C ALA A 42 -2.01 2.69 9.85
N ALA A 43 -2.67 1.67 10.39
CA ALA A 43 -2.19 0.30 10.27
C ALA A 43 -2.36 -0.23 8.86
N GLN A 44 -3.49 0.10 8.24
CA GLN A 44 -3.78 -0.35 6.88
C GLN A 44 -2.79 0.26 5.89
N CYS A 45 -2.59 1.57 5.99
CA CYS A 45 -1.67 2.27 5.11
C CYS A 45 -0.26 1.72 5.24
N LEU A 46 0.22 1.58 6.47
CA LEU A 46 1.55 1.07 6.73
C LEU A 46 1.68 -0.38 6.25
N GLU A 47 0.64 -1.17 6.52
CA GLU A 47 0.63 -2.57 6.13
C GLU A 47 0.74 -2.70 4.61
N HIS A 48 -0.19 -2.06 3.90
CA HIS A 48 -0.20 -2.11 2.45
C HIS A 48 1.09 -1.55 1.87
N TYR A 49 1.48 -0.36 2.33
CA TYR A 49 2.69 0.29 1.85
C TYR A 49 3.87 -0.69 1.87
N GLU A 50 4.30 -1.05 3.07
CA GLU A 50 5.42 -1.98 3.23
C GLU A 50 5.33 -3.12 2.22
N PHE A 51 4.13 -3.66 2.07
CA PHE A 51 3.91 -4.77 1.13
C PHE A 51 4.26 -4.34 -0.29
N LEU A 52 3.97 -3.09 -0.63
CA LEU A 52 4.24 -2.57 -1.95
C LEU A 52 5.74 -2.61 -2.25
N LEU A 53 6.54 -2.21 -1.28
CA LEU A 53 7.99 -2.21 -1.43
C LEU A 53 8.50 -3.58 -1.86
N ASP A 54 8.12 -4.61 -1.11
CA ASP A 54 8.53 -5.97 -1.41
C ASP A 54 7.88 -6.46 -2.70
N LYS A 55 6.60 -6.15 -2.86
CA LYS A 55 5.86 -6.57 -4.06
C LYS A 55 6.57 -6.09 -5.32
N ALA A 56 7.03 -4.85 -5.30
CA ALA A 56 7.73 -4.28 -6.44
C ALA A 56 8.96 -5.11 -6.81
N ALA A 57 9.69 -5.55 -5.80
CA ALA A 57 10.89 -6.35 -6.02
C ALA A 57 10.54 -7.67 -6.72
N GLN A 58 9.57 -8.38 -6.19
CA GLN A 58 9.14 -9.66 -6.77
C GLN A 58 8.89 -9.51 -8.27
N ARG A 59 8.11 -8.51 -8.64
CA ARG A 59 7.80 -8.27 -10.04
C ARG A 59 9.02 -7.74 -10.79
N ASP A 60 9.09 -8.05 -12.09
CA ASP A 60 10.20 -7.60 -12.91
C ASP A 60 9.77 -6.48 -13.86
N SER A 61 10.46 -5.35 -13.79
CA SER A 61 10.15 -4.21 -14.64
C SER A 61 11.32 -3.86 -15.55
N GLY A 62 11.20 -4.18 -16.83
CA GLY A 62 12.26 -3.89 -17.78
C GLY A 62 13.63 -4.03 -17.16
N PRO A 63 14.21 -2.88 -16.75
CA PRO A 63 15.54 -2.84 -16.13
C PRO A 63 15.55 -3.47 -14.74
N SER A 64 16.72 -3.48 -14.12
CA SER A 64 16.88 -4.06 -12.79
C SER A 64 17.93 -3.31 -11.98
N SER A 65 17.56 -2.91 -10.77
CA SER A 65 18.46 -2.17 -9.90
C SER A 65 18.46 -2.75 -8.49
N GLY A 66 19.60 -2.65 -7.81
CA GLY A 66 19.70 -3.17 -6.46
C GLY A 66 19.17 -2.20 -5.42
N GLY A 1 -0.82 -14.46 -8.92
CA GLY A 1 -1.82 -13.75 -8.15
C GLY A 1 -2.70 -12.88 -9.01
N SER A 2 -4.02 -13.02 -8.86
CA SER A 2 -4.97 -12.23 -9.63
C SER A 2 -5.09 -10.82 -9.07
N SER A 3 -5.34 -9.86 -9.96
CA SER A 3 -5.47 -8.47 -9.56
C SER A 3 -6.79 -7.88 -10.05
N GLY A 4 -7.81 -7.95 -9.19
CA GLY A 4 -9.12 -7.42 -9.56
C GLY A 4 -10.25 -8.18 -8.89
N SER A 5 -10.64 -7.74 -7.70
CA SER A 5 -11.71 -8.38 -6.97
C SER A 5 -12.37 -7.41 -6.00
N SER A 6 -13.56 -7.78 -5.51
CA SER A 6 -14.29 -6.94 -4.58
C SER A 6 -15.09 -7.78 -3.59
N GLY A 7 -15.70 -7.12 -2.61
CA GLY A 7 -16.49 -7.82 -1.62
C GLY A 7 -16.37 -7.20 -0.24
N LYS A 8 -15.77 -7.94 0.69
CA LYS A 8 -15.60 -7.47 2.06
C LYS A 8 -14.15 -7.05 2.31
N LYS A 9 -13.22 -7.98 2.04
CA LYS A 9 -11.81 -7.71 2.23
C LYS A 9 -11.40 -6.39 1.58
N THR A 10 -10.63 -5.59 2.30
CA THR A 10 -10.17 -4.30 1.79
C THR A 10 -9.11 -4.49 0.72
N GLU A 11 -9.23 -3.72 -0.36
CA GLU A 11 -8.27 -3.80 -1.46
C GLU A 11 -7.87 -2.40 -1.94
N TRP A 12 -6.60 -2.24 -2.26
CA TRP A 12 -6.09 -0.96 -2.73
C TRP A 12 -6.07 -0.91 -4.26
N SER A 13 -5.75 0.27 -4.80
CA SER A 13 -5.70 0.45 -6.24
C SER A 13 -4.53 1.34 -6.64
N ARG A 14 -4.24 1.39 -7.93
CA ARG A 14 -3.14 2.20 -8.44
C ARG A 14 -3.16 3.59 -7.81
N GLU A 15 -4.36 4.15 -7.67
CA GLU A 15 -4.52 5.48 -7.09
C GLU A 15 -4.07 5.49 -5.63
N GLU A 16 -4.78 4.74 -4.80
CA GLU A 16 -4.46 4.66 -3.37
C GLU A 16 -2.97 4.40 -3.17
N GLU A 17 -2.39 3.62 -4.07
CA GLU A 17 -0.97 3.28 -3.98
C GLU A 17 -0.10 4.51 -4.27
N GLU A 18 -0.20 5.02 -5.49
CA GLU A 18 0.58 6.19 -5.90
C GLU A 18 0.66 7.20 -4.76
N LYS A 19 -0.49 7.64 -4.28
CA LYS A 19 -0.55 8.61 -3.20
C LYS A 19 0.16 8.08 -1.95
N LEU A 20 0.04 6.78 -1.72
CA LEU A 20 0.68 6.15 -0.58
C LEU A 20 2.19 6.31 -0.63
N LEU A 21 2.79 5.84 -1.72
CA LEU A 21 4.24 5.93 -1.90
C LEU A 21 4.72 7.36 -1.65
N HIS A 22 3.93 8.33 -2.07
CA HIS A 22 4.28 9.73 -1.90
C HIS A 22 4.26 10.12 -0.42
N LEU A 23 3.09 10.02 0.19
CA LEU A 23 2.94 10.36 1.61
C LEU A 23 3.94 9.59 2.46
N ALA A 24 3.88 8.27 2.37
CA ALA A 24 4.79 7.41 3.14
C ALA A 24 6.19 8.01 3.19
N LYS A 25 6.67 8.47 2.04
CA LYS A 25 8.00 9.06 1.95
C LYS A 25 8.04 10.42 2.64
N LEU A 26 6.99 11.22 2.43
CA LEU A 26 6.91 12.54 3.04
C LEU A 26 6.97 12.45 4.55
N MET A 27 6.05 11.67 5.14
CA MET A 27 6.00 11.49 6.58
C MET A 27 5.81 10.02 6.94
N PRO A 28 6.93 9.29 7.05
CA PRO A 28 6.92 7.86 7.38
C PRO A 28 6.50 7.62 8.83
N THR A 29 6.95 8.50 9.73
CA THR A 29 6.62 8.38 11.15
C THR A 29 5.37 9.17 11.49
N GLN A 30 4.52 9.40 10.49
CA GLN A 30 3.29 10.14 10.69
C GLN A 30 2.10 9.42 10.07
N TRP A 31 2.09 8.10 10.21
CA TRP A 31 1.01 7.27 9.68
C TRP A 31 -0.34 7.76 10.17
N ARG A 32 -0.39 8.15 11.44
CA ARG A 32 -1.63 8.64 12.04
C ARG A 32 -2.17 9.84 11.28
N THR A 33 -1.31 10.48 10.49
CA THR A 33 -1.70 11.64 9.71
C THR A 33 -2.03 11.26 8.28
N ILE A 34 -1.30 10.28 7.75
CA ILE A 34 -1.51 9.82 6.38
C ILE A 34 -2.79 8.97 6.29
N ALA A 35 -3.21 8.43 7.42
CA ALA A 35 -4.41 7.60 7.47
C ALA A 35 -5.65 8.40 7.07
N PRO A 36 -5.92 9.48 7.81
CA PRO A 36 -7.07 10.35 7.55
C PRO A 36 -6.92 11.14 6.26
N ILE A 37 -5.70 11.14 5.71
CA ILE A 37 -5.43 11.86 4.48
C ILE A 37 -5.65 10.98 3.25
N ILE A 38 -5.64 9.67 3.48
CA ILE A 38 -5.84 8.71 2.39
C ILE A 38 -7.22 8.06 2.49
N GLY A 39 -7.66 7.81 3.72
CA GLY A 39 -8.96 7.19 3.92
C GLY A 39 -8.86 5.89 4.71
N ARG A 40 -7.70 5.25 4.65
CA ARG A 40 -7.49 3.99 5.35
C ARG A 40 -6.91 4.25 6.74
N THR A 41 -6.74 3.17 7.51
CA THR A 41 -6.19 3.28 8.86
C THR A 41 -4.67 3.21 8.85
N ALA A 42 -4.04 3.93 9.77
CA ALA A 42 -2.59 3.95 9.87
C ALA A 42 -2.00 2.56 9.60
N ALA A 43 -2.52 1.56 10.30
CA ALA A 43 -2.04 0.19 10.13
C ALA A 43 -2.20 -0.27 8.69
N GLN A 44 -3.35 0.02 8.09
CA GLN A 44 -3.62 -0.36 6.71
C GLN A 44 -2.64 0.32 5.76
N CYS A 45 -2.45 1.62 5.95
CA CYS A 45 -1.54 2.39 5.10
C CYS A 45 -0.12 1.84 5.20
N LEU A 46 0.38 1.72 6.42
CA LEU A 46 1.73 1.21 6.66
C LEU A 46 1.87 -0.22 6.15
N GLU A 47 0.92 -1.07 6.53
CA GLU A 47 0.93 -2.47 6.11
C GLU A 47 0.96 -2.58 4.59
N HIS A 48 0.00 -1.93 3.93
CA HIS A 48 -0.07 -1.96 2.47
C HIS A 48 1.19 -1.38 1.85
N TYR A 49 1.59 -0.20 2.31
CA TYR A 49 2.77 0.47 1.79
C TYR A 49 3.96 -0.50 1.75
N GLU A 50 4.47 -0.85 2.93
CA GLU A 50 5.60 -1.76 3.02
C GLU A 50 5.45 -2.93 2.04
N PHE A 51 4.25 -3.49 1.99
CA PHE A 51 3.98 -4.61 1.11
C PHE A 51 4.28 -4.24 -0.35
N LEU A 52 3.93 -3.02 -0.73
CA LEU A 52 4.16 -2.54 -2.09
C LEU A 52 5.64 -2.59 -2.43
N LEU A 53 6.48 -2.13 -1.50
CA LEU A 53 7.92 -2.11 -1.70
C LEU A 53 8.42 -3.50 -2.11
N ASP A 54 8.06 -4.51 -1.33
CA ASP A 54 8.48 -5.88 -1.62
C ASP A 54 7.82 -6.39 -2.90
N LYS A 55 6.52 -6.14 -3.02
CA LYS A 55 5.77 -6.57 -4.20
C LYS A 55 6.45 -6.13 -5.48
N ALA A 56 7.02 -4.93 -5.45
CA ALA A 56 7.72 -4.38 -6.61
C ALA A 56 8.90 -5.25 -7.01
N ALA A 57 9.53 -5.86 -6.02
CA ALA A 57 10.68 -6.72 -6.26
C ALA A 57 10.23 -8.15 -6.60
N GLN A 58 9.25 -8.65 -5.86
CA GLN A 58 8.74 -9.99 -6.08
C GLN A 58 8.09 -10.11 -7.47
N ARG A 59 7.21 -9.16 -7.77
CA ARG A 59 6.53 -9.16 -9.07
C ARG A 59 7.51 -9.41 -10.20
N ASP A 60 7.00 -9.88 -11.33
CA ASP A 60 7.83 -10.16 -12.50
C ASP A 60 8.80 -11.30 -12.22
N SER A 61 8.30 -12.34 -11.55
CA SER A 61 9.12 -13.49 -11.21
C SER A 61 8.89 -14.63 -12.21
N GLY A 62 7.63 -14.97 -12.44
CA GLY A 62 7.31 -16.04 -13.37
C GLY A 62 6.21 -15.64 -14.34
N PRO A 63 6.61 -15.00 -15.45
CA PRO A 63 5.68 -14.55 -16.49
C PRO A 63 5.06 -15.72 -17.26
N SER A 64 3.73 -15.80 -17.24
CA SER A 64 3.03 -16.86 -17.93
C SER A 64 2.05 -16.30 -18.96
N SER A 65 1.33 -15.26 -18.57
CA SER A 65 0.36 -14.62 -19.45
C SER A 65 -0.37 -15.67 -20.30
N GLY A 66 -0.74 -16.77 -19.67
CA GLY A 66 -1.44 -17.83 -20.38
C GLY A 66 -1.52 -19.11 -19.57
N GLY A 1 -11.76 -7.37 -8.95
CA GLY A 1 -11.88 -8.46 -9.91
C GLY A 1 -12.82 -8.11 -11.05
N SER A 2 -13.88 -8.90 -11.21
CA SER A 2 -14.85 -8.69 -12.27
C SER A 2 -15.31 -7.23 -12.29
N SER A 3 -15.68 -6.71 -11.12
CA SER A 3 -16.14 -5.33 -11.02
C SER A 3 -15.75 -4.74 -9.67
N GLY A 4 -15.79 -3.41 -9.58
CA GLY A 4 -15.44 -2.75 -8.33
C GLY A 4 -16.55 -2.84 -7.30
N SER A 5 -16.77 -4.04 -6.78
CA SER A 5 -17.81 -4.25 -5.77
C SER A 5 -17.26 -5.03 -4.59
N SER A 6 -16.88 -4.32 -3.54
CA SER A 6 -16.34 -4.95 -2.33
C SER A 6 -17.01 -4.40 -1.09
N GLY A 7 -16.94 -5.17 -0.01
CA GLY A 7 -17.56 -4.75 1.24
C GLY A 7 -16.84 -5.31 2.45
N LYS A 8 -16.59 -6.61 2.45
CA LYS A 8 -15.90 -7.26 3.56
C LYS A 8 -14.56 -6.61 3.82
N LYS A 9 -13.69 -6.61 2.81
CA LYS A 9 -12.37 -6.01 2.93
C LYS A 9 -12.26 -4.75 2.08
N THR A 10 -11.12 -4.08 2.17
CA THR A 10 -10.88 -2.85 1.40
C THR A 10 -9.67 -3.00 0.48
N GLU A 11 -9.94 -3.25 -0.79
CA GLU A 11 -8.87 -3.42 -1.77
C GLU A 11 -8.33 -2.07 -2.21
N TRP A 12 -7.01 -1.98 -2.37
CA TRP A 12 -6.36 -0.75 -2.79
C TRP A 12 -6.38 -0.61 -4.31
N SER A 13 -6.39 0.64 -4.79
CA SER A 13 -6.41 0.91 -6.22
C SER A 13 -5.14 1.64 -6.65
N ARG A 14 -4.88 1.64 -7.95
CA ARG A 14 -3.70 2.30 -8.49
C ARG A 14 -3.49 3.66 -7.83
N GLU A 15 -4.58 4.39 -7.62
CA GLU A 15 -4.51 5.71 -7.00
C GLU A 15 -4.07 5.60 -5.54
N GLU A 16 -4.85 4.87 -4.75
CA GLU A 16 -4.54 4.69 -3.34
C GLU A 16 -3.06 4.36 -3.14
N GLU A 17 -2.51 3.56 -4.05
CA GLU A 17 -1.11 3.17 -3.98
C GLU A 17 -0.20 4.35 -4.29
N GLU A 18 -0.28 4.84 -5.52
CA GLU A 18 0.54 5.98 -5.94
C GLU A 18 0.65 7.02 -4.84
N LYS A 19 -0.50 7.48 -4.34
CA LYS A 19 -0.54 8.47 -3.29
C LYS A 19 0.15 7.95 -2.03
N LEU A 20 0.02 6.65 -1.79
CA LEU A 20 0.63 6.02 -0.61
C LEU A 20 2.15 6.14 -0.67
N LEU A 21 2.74 5.67 -1.75
CA LEU A 21 4.19 5.71 -1.93
C LEU A 21 4.71 7.13 -1.73
N HIS A 22 3.95 8.11 -2.20
CA HIS A 22 4.34 9.51 -2.07
C HIS A 22 4.33 9.94 -0.60
N LEU A 23 3.17 9.81 0.04
CA LEU A 23 3.03 10.18 1.44
C LEU A 23 4.07 9.47 2.30
N ALA A 24 4.00 8.15 2.35
CA ALA A 24 4.93 7.34 3.12
C ALA A 24 6.32 7.97 3.12
N LYS A 25 6.80 8.32 1.93
CA LYS A 25 8.12 8.93 1.79
C LYS A 25 8.16 10.30 2.45
N LEU A 26 7.10 11.09 2.24
CA LEU A 26 7.03 12.43 2.82
C LEU A 26 7.13 12.37 4.34
N MET A 27 6.28 11.55 4.96
CA MET A 27 6.28 11.40 6.41
C MET A 27 6.18 9.93 6.80
N PRO A 28 7.34 9.24 6.80
CA PRO A 28 7.41 7.82 7.15
C PRO A 28 7.16 7.58 8.64
N THR A 29 6.93 8.66 9.38
CA THR A 29 6.66 8.57 10.81
C THR A 29 5.42 9.36 11.20
N GLN A 30 4.51 9.51 10.24
CA GLN A 30 3.27 10.24 10.49
C GLN A 30 2.06 9.47 9.95
N TRP A 31 2.11 8.15 10.09
CA TRP A 31 1.03 7.30 9.61
C TRP A 31 -0.33 7.78 10.14
N ARG A 32 -0.34 8.17 11.42
CA ARG A 32 -1.57 8.65 12.05
C ARG A 32 -2.11 9.87 11.32
N THR A 33 -1.26 10.52 10.53
CA THR A 33 -1.65 11.70 9.78
C THR A 33 -2.01 11.35 8.34
N ILE A 34 -1.26 10.41 7.76
CA ILE A 34 -1.49 9.98 6.39
C ILE A 34 -2.79 9.17 6.29
N ALA A 35 -3.16 8.51 7.38
CA ALA A 35 -4.37 7.71 7.41
C ALA A 35 -5.58 8.52 6.99
N PRO A 36 -5.85 9.63 7.70
CA PRO A 36 -6.97 10.51 7.41
C PRO A 36 -6.78 11.29 6.12
N ILE A 37 -5.57 11.24 5.57
CA ILE A 37 -5.26 11.93 4.33
C ILE A 37 -5.49 11.03 3.12
N ILE A 38 -5.55 9.73 3.37
CA ILE A 38 -5.78 8.76 2.30
C ILE A 38 -7.16 8.12 2.41
N GLY A 39 -7.63 7.95 3.65
CA GLY A 39 -8.93 7.35 3.86
C GLY A 39 -8.86 6.12 4.74
N ARG A 40 -7.74 5.40 4.67
CA ARG A 40 -7.56 4.19 5.46
C ARG A 40 -6.94 4.52 6.81
N THR A 41 -6.75 3.49 7.63
CA THR A 41 -6.15 3.67 8.95
C THR A 41 -4.64 3.52 8.91
N ALA A 42 -3.96 4.15 9.88
CA ALA A 42 -2.51 4.08 9.95
C ALA A 42 -2.00 2.67 9.70
N ALA A 43 -2.68 1.69 10.30
CA ALA A 43 -2.31 0.29 10.16
C ALA A 43 -2.43 -0.16 8.70
N GLN A 44 -3.61 0.02 8.12
CA GLN A 44 -3.85 -0.36 6.74
C GLN A 44 -2.84 0.30 5.80
N CYS A 45 -2.56 1.57 6.04
CA CYS A 45 -1.61 2.30 5.23
C CYS A 45 -0.20 1.70 5.33
N LEU A 46 0.25 1.50 6.57
CA LEU A 46 1.58 0.94 6.81
C LEU A 46 1.67 -0.47 6.25
N GLU A 47 0.77 -1.34 6.66
CA GLU A 47 0.76 -2.73 6.20
C GLU A 47 0.81 -2.78 4.68
N HIS A 48 -0.11 -2.06 4.03
CA HIS A 48 -0.17 -2.03 2.57
C HIS A 48 1.13 -1.49 1.99
N TYR A 49 1.51 -0.28 2.43
CA TYR A 49 2.73 0.36 1.95
C TYR A 49 3.89 -0.63 1.94
N GLU A 50 4.30 -1.05 3.14
CA GLU A 50 5.41 -1.99 3.27
C GLU A 50 5.30 -3.11 2.25
N PHE A 51 4.11 -3.68 2.13
CA PHE A 51 3.86 -4.76 1.19
C PHE A 51 4.24 -4.35 -0.23
N LEU A 52 3.96 -3.09 -0.56
CA LEU A 52 4.26 -2.57 -1.89
C LEU A 52 5.76 -2.63 -2.17
N LEU A 53 6.56 -2.25 -1.18
CA LEU A 53 8.01 -2.26 -1.31
C LEU A 53 8.50 -3.64 -1.74
N ASP A 54 8.11 -4.66 -0.99
CA ASP A 54 8.50 -6.03 -1.29
C ASP A 54 7.90 -6.49 -2.61
N LYS A 55 6.65 -6.13 -2.85
CA LYS A 55 5.97 -6.50 -4.08
C LYS A 55 6.71 -5.96 -5.30
N ALA A 56 7.11 -4.70 -5.25
CA ALA A 56 7.83 -4.07 -6.35
C ALA A 56 9.00 -4.95 -6.81
N ALA A 57 9.78 -5.42 -5.85
CA ALA A 57 10.93 -6.27 -6.15
C ALA A 57 10.51 -7.49 -6.96
N GLN A 58 9.41 -8.12 -6.55
CA GLN A 58 8.90 -9.30 -7.23
C GLN A 58 8.69 -9.03 -8.71
N ARG A 59 7.99 -7.93 -9.02
CA ARG A 59 7.72 -7.56 -10.40
C ARG A 59 9.00 -7.10 -11.10
N ASP A 60 9.74 -8.05 -11.64
CA ASP A 60 10.99 -7.75 -12.34
C ASP A 60 10.78 -7.73 -13.84
N SER A 61 9.66 -7.16 -14.28
CA SER A 61 9.33 -7.09 -15.69
C SER A 61 9.22 -5.64 -16.15
N GLY A 62 8.28 -4.91 -15.56
CA GLY A 62 8.09 -3.52 -15.93
C GLY A 62 6.67 -3.23 -16.36
N PRO A 63 6.17 -2.03 -16.01
CA PRO A 63 4.82 -1.60 -16.35
C PRO A 63 4.65 -1.34 -17.85
N SER A 64 3.52 -1.77 -18.40
CA SER A 64 3.25 -1.59 -19.82
C SER A 64 1.87 -0.96 -20.02
N SER A 65 0.83 -1.63 -19.53
CA SER A 65 -0.53 -1.15 -19.66
C SER A 65 -1.26 -1.20 -18.32
N GLY A 66 -2.06 -0.17 -18.04
CA GLY A 66 -2.81 -0.12 -16.80
C GLY A 66 -3.78 -1.26 -16.67
N GLY A 1 -12.72 -11.44 5.20
CA GLY A 1 -12.39 -12.84 5.28
C GLY A 1 -11.76 -13.36 4.00
N SER A 2 -11.55 -14.67 3.93
CA SER A 2 -10.94 -15.28 2.76
C SER A 2 -11.74 -16.52 2.32
N SER A 3 -12.07 -17.37 3.28
CA SER A 3 -12.82 -18.59 2.99
C SER A 3 -14.13 -18.61 3.79
N GLY A 4 -15.00 -19.56 3.45
CA GLY A 4 -16.26 -19.68 4.14
C GLY A 4 -17.32 -18.75 3.58
N SER A 5 -17.39 -17.53 4.12
CA SER A 5 -18.37 -16.55 3.67
C SER A 5 -17.66 -15.32 3.07
N SER A 6 -18.32 -14.70 2.10
CA SER A 6 -17.76 -13.52 1.44
C SER A 6 -18.04 -12.26 2.25
N GLY A 7 -17.06 -11.36 2.29
CA GLY A 7 -17.23 -10.13 3.03
C GLY A 7 -16.94 -8.90 2.19
N LYS A 8 -16.49 -7.82 2.84
CA LYS A 8 -16.18 -6.59 2.14
C LYS A 8 -14.72 -6.58 1.68
N LYS A 9 -14.51 -6.19 0.43
CA LYS A 9 -13.16 -6.12 -0.13
C LYS A 9 -12.65 -4.69 -0.16
N THR A 10 -11.49 -4.47 0.45
CA THR A 10 -10.89 -3.14 0.50
C THR A 10 -9.58 -3.10 -0.29
N GLU A 11 -9.55 -3.80 -1.41
CA GLU A 11 -8.35 -3.85 -2.24
C GLU A 11 -7.87 -2.45 -2.60
N TRP A 12 -6.57 -2.28 -2.70
CA TRP A 12 -5.97 -0.99 -3.02
C TRP A 12 -6.03 -0.74 -4.53
N SER A 13 -6.19 0.53 -4.90
CA SER A 13 -6.26 0.92 -6.31
C SER A 13 -5.05 1.74 -6.71
N ARG A 14 -4.66 1.64 -7.97
CA ARG A 14 -3.51 2.38 -8.48
C ARG A 14 -3.40 3.75 -7.81
N GLU A 15 -4.53 4.39 -7.58
CA GLU A 15 -4.57 5.70 -6.95
C GLU A 15 -4.11 5.61 -5.49
N GLU A 16 -4.85 4.84 -4.69
CA GLU A 16 -4.53 4.66 -3.29
C GLU A 16 -3.05 4.36 -3.10
N GLU A 17 -2.49 3.57 -4.02
CA GLU A 17 -1.08 3.21 -3.96
C GLU A 17 -0.19 4.42 -4.22
N GLU A 18 -0.26 4.95 -5.44
CA GLU A 18 0.54 6.11 -5.80
C GLU A 18 0.62 7.11 -4.65
N LYS A 19 -0.53 7.57 -4.19
CA LYS A 19 -0.59 8.52 -3.09
C LYS A 19 0.11 7.96 -1.85
N LEU A 20 -0.02 6.67 -1.63
CA LEU A 20 0.60 6.01 -0.50
C LEU A 20 2.13 6.15 -0.53
N LEU A 21 2.72 5.74 -1.64
CA LEU A 21 4.17 5.83 -1.81
C LEU A 21 4.66 7.25 -1.57
N HIS A 22 3.85 8.23 -1.95
CA HIS A 22 4.19 9.63 -1.78
C HIS A 22 4.14 10.02 -0.30
N LEU A 23 2.94 9.99 0.27
CA LEU A 23 2.75 10.34 1.68
C LEU A 23 3.67 9.51 2.57
N ALA A 24 3.61 8.18 2.41
CA ALA A 24 4.43 7.28 3.21
C ALA A 24 5.87 7.78 3.28
N LYS A 25 6.43 8.14 2.13
CA LYS A 25 7.80 8.63 2.07
C LYS A 25 7.92 10.01 2.71
N LEU A 26 6.91 10.85 2.47
CA LEU A 26 6.90 12.20 3.02
C LEU A 26 7.00 12.16 4.55
N MET A 27 6.12 11.39 5.18
CA MET A 27 6.12 11.26 6.63
C MET A 27 5.97 9.80 7.05
N PRO A 28 7.10 9.10 7.13
CA PRO A 28 7.13 7.68 7.52
C PRO A 28 6.78 7.49 9.00
N THR A 29 6.71 8.58 9.73
CA THR A 29 6.39 8.53 11.16
C THR A 29 5.15 9.35 11.47
N GLN A 30 4.25 9.46 10.50
CA GLN A 30 3.01 10.22 10.66
C GLN A 30 1.83 9.45 10.11
N TRP A 31 1.86 8.13 10.26
CA TRP A 31 0.78 7.28 9.77
C TRP A 31 -0.58 7.77 10.30
N ARG A 32 -0.59 8.25 11.53
CA ARG A 32 -1.82 8.75 12.15
C ARG A 32 -2.33 9.98 11.40
N THR A 33 -1.45 10.64 10.67
CA THR A 33 -1.81 11.83 9.91
C THR A 33 -2.10 11.49 8.46
N ILE A 34 -1.35 10.53 7.92
CA ILE A 34 -1.53 10.11 6.53
C ILE A 34 -2.81 9.31 6.36
N ALA A 35 -3.21 8.60 7.41
CA ALA A 35 -4.42 7.79 7.38
C ALA A 35 -5.62 8.62 6.92
N PRO A 36 -5.91 9.70 7.66
CA PRO A 36 -7.03 10.60 7.33
C PRO A 36 -6.78 11.40 6.06
N ILE A 37 -5.57 11.31 5.53
CA ILE A 37 -5.21 12.02 4.31
C ILE A 37 -5.38 11.15 3.08
N ILE A 38 -5.40 9.83 3.30
CA ILE A 38 -5.56 8.88 2.21
C ILE A 38 -6.95 8.25 2.23
N GLY A 39 -7.45 7.99 3.43
CA GLY A 39 -8.76 7.38 3.57
C GLY A 39 -8.70 5.97 4.11
N ARG A 40 -7.67 5.68 4.89
CA ARG A 40 -7.50 4.36 5.48
C ARG A 40 -6.93 4.45 6.89
N THR A 41 -6.70 3.30 7.51
CA THR A 41 -6.17 3.25 8.87
C THR A 41 -4.64 3.20 8.86
N ALA A 42 -4.01 4.05 9.66
CA ALA A 42 -2.55 4.10 9.73
C ALA A 42 -1.95 2.71 9.54
N ALA A 43 -2.55 1.71 10.19
CA ALA A 43 -2.07 0.34 10.09
C ALA A 43 -2.13 -0.15 8.65
N GLN A 44 -3.27 0.06 8.01
CA GLN A 44 -3.47 -0.37 6.63
C GLN A 44 -2.44 0.28 5.71
N CYS A 45 -2.36 1.61 5.77
CA CYS A 45 -1.42 2.35 4.94
C CYS A 45 0.00 1.82 5.13
N LEU A 46 0.43 1.71 6.38
CA LEU A 46 1.77 1.22 6.68
C LEU A 46 1.96 -0.20 6.17
N GLU A 47 1.07 -1.11 6.58
CA GLU A 47 1.15 -2.49 6.17
C GLU A 47 1.20 -2.61 4.64
N HIS A 48 0.15 -2.11 3.99
CA HIS A 48 0.08 -2.16 2.53
C HIS A 48 1.32 -1.53 1.90
N TYR A 49 1.64 -0.30 2.33
CA TYR A 49 2.80 0.41 1.81
C TYR A 49 4.01 -0.52 1.71
N GLU A 50 4.58 -0.87 2.86
CA GLU A 50 5.74 -1.75 2.91
C GLU A 50 5.57 -2.92 1.94
N PHE A 51 4.41 -3.57 2.00
CA PHE A 51 4.12 -4.70 1.13
C PHE A 51 4.36 -4.34 -0.33
N LEU A 52 4.01 -3.12 -0.70
CA LEU A 52 4.18 -2.65 -2.08
C LEU A 52 5.66 -2.63 -2.46
N LEU A 53 6.50 -2.17 -1.54
CA LEU A 53 7.93 -2.11 -1.79
C LEU A 53 8.49 -3.48 -2.16
N ASP A 54 8.17 -4.48 -1.35
CA ASP A 54 8.64 -5.84 -1.60
C ASP A 54 7.93 -6.45 -2.80
N LYS A 55 6.63 -6.15 -2.92
CA LYS A 55 5.84 -6.67 -4.03
C LYS A 55 6.48 -6.32 -5.36
N ALA A 56 6.95 -5.08 -5.50
CA ALA A 56 7.59 -4.62 -6.72
C ALA A 56 8.77 -5.50 -7.08
N ALA A 57 9.61 -5.78 -6.07
CA ALA A 57 10.80 -6.61 -6.28
C ALA A 57 10.42 -7.99 -6.79
N GLN A 58 9.47 -8.62 -6.12
CA GLN A 58 9.01 -9.96 -6.49
C GLN A 58 8.75 -10.03 -8.00
N ARG A 59 8.06 -9.02 -8.52
CA ARG A 59 7.73 -8.97 -9.94
C ARG A 59 9.00 -8.93 -10.79
N ASP A 60 8.89 -9.36 -12.04
CA ASP A 60 10.02 -9.37 -12.95
C ASP A 60 10.16 -8.04 -13.68
N SER A 61 11.32 -7.42 -13.56
CA SER A 61 11.57 -6.14 -14.21
C SER A 61 11.53 -6.27 -15.72
N GLY A 62 12.34 -7.19 -16.24
CA GLY A 62 12.39 -7.40 -17.69
C GLY A 62 12.97 -8.75 -18.05
N PRO A 63 13.52 -8.86 -19.26
CA PRO A 63 14.11 -10.10 -19.77
C PRO A 63 15.41 -10.46 -19.04
N SER A 64 16.16 -9.43 -18.67
CA SER A 64 17.43 -9.64 -17.96
C SER A 64 17.25 -9.48 -16.46
N SER A 65 18.29 -9.81 -15.70
CA SER A 65 18.25 -9.72 -14.25
C SER A 65 19.03 -8.51 -13.75
N GLY A 66 20.24 -8.34 -14.28
CA GLY A 66 21.08 -7.23 -13.88
C GLY A 66 22.22 -7.65 -12.99
N GLY A 1 -6.96 -4.29 -11.17
CA GLY A 1 -5.67 -4.63 -10.58
C GLY A 1 -5.38 -6.12 -10.65
N SER A 2 -5.26 -6.74 -9.49
CA SER A 2 -4.98 -8.17 -9.42
C SER A 2 -6.07 -8.91 -8.65
N SER A 3 -7.00 -9.52 -9.37
CA SER A 3 -8.09 -10.25 -8.76
C SER A 3 -7.57 -11.36 -7.84
N GLY A 4 -8.49 -12.03 -7.16
CA GLY A 4 -8.09 -13.10 -6.25
C GLY A 4 -8.25 -12.71 -4.80
N SER A 5 -9.35 -13.15 -4.19
CA SER A 5 -9.61 -12.84 -2.78
C SER A 5 -10.33 -14.00 -2.10
N SER A 6 -10.12 -14.14 -0.80
CA SER A 6 -10.74 -15.20 -0.02
C SER A 6 -12.15 -14.81 0.42
N GLY A 7 -12.25 -13.65 1.06
CA GLY A 7 -13.55 -13.17 1.53
C GLY A 7 -13.62 -11.66 1.58
N LYS A 8 -14.20 -11.12 2.65
CA LYS A 8 -14.34 -9.68 2.80
C LYS A 8 -13.00 -9.05 3.18
N LYS A 9 -12.33 -8.46 2.19
CA LYS A 9 -11.05 -7.81 2.42
C LYS A 9 -10.93 -6.54 1.58
N THR A 10 -10.30 -5.52 2.15
CA THR A 10 -10.11 -4.26 1.45
C THR A 10 -8.99 -4.36 0.43
N GLU A 11 -9.22 -3.81 -0.76
CA GLU A 11 -8.24 -3.84 -1.83
C GLU A 11 -7.83 -2.43 -2.24
N TRP A 12 -6.53 -2.18 -2.28
CA TRP A 12 -6.01 -0.86 -2.65
C TRP A 12 -5.94 -0.72 -4.16
N SER A 13 -6.26 0.47 -4.65
CA SER A 13 -6.23 0.74 -6.09
C SER A 13 -5.08 1.67 -6.45
N ARG A 14 -4.70 1.66 -7.72
CA ARG A 14 -3.60 2.51 -8.19
C ARG A 14 -3.57 3.83 -7.42
N GLU A 15 -4.62 4.62 -7.58
CA GLU A 15 -4.71 5.92 -6.91
C GLU A 15 -4.24 5.80 -5.46
N GLU A 16 -4.95 5.00 -4.68
CA GLU A 16 -4.60 4.80 -3.27
C GLU A 16 -3.12 4.50 -3.11
N GLU A 17 -2.58 3.70 -4.02
CA GLU A 17 -1.17 3.34 -3.98
C GLU A 17 -0.28 4.56 -4.27
N GLU A 18 -0.38 5.07 -5.49
CA GLU A 18 0.41 6.22 -5.90
C GLU A 18 0.54 7.22 -4.75
N LYS A 19 -0.60 7.67 -4.24
CA LYS A 19 -0.62 8.64 -3.15
C LYS A 19 0.08 8.08 -1.92
N LEU A 20 -0.04 6.77 -1.72
CA LEU A 20 0.59 6.10 -0.58
C LEU A 20 2.11 6.22 -0.64
N LEU A 21 2.68 5.83 -1.77
CA LEU A 21 4.12 5.90 -1.96
C LEU A 21 4.63 7.30 -1.73
N HIS A 22 3.84 8.29 -2.12
CA HIS A 22 4.21 9.69 -1.95
C HIS A 22 4.22 10.08 -0.47
N LEU A 23 3.07 9.93 0.18
CA LEU A 23 2.94 10.26 1.59
C LEU A 23 3.95 9.47 2.43
N ALA A 24 3.87 8.15 2.36
CA ALA A 24 4.78 7.29 3.11
C ALA A 24 6.20 7.87 3.13
N LYS A 25 6.68 8.29 1.97
CA LYS A 25 8.01 8.86 1.84
C LYS A 25 8.08 10.22 2.54
N LEU A 26 7.03 11.03 2.38
CA LEU A 26 6.97 12.34 2.99
C LEU A 26 7.06 12.24 4.51
N MET A 27 6.18 11.44 5.09
CA MET A 27 6.15 11.25 6.54
C MET A 27 6.01 9.78 6.90
N PRO A 28 7.14 9.06 6.94
CA PRO A 28 7.16 7.63 7.27
C PRO A 28 6.82 7.37 8.73
N THR A 29 6.76 8.43 9.52
CA THR A 29 6.45 8.32 10.95
C THR A 29 5.20 9.12 11.30
N GLN A 30 4.30 9.26 10.32
CA GLN A 30 3.07 10.01 10.55
C GLN A 30 1.87 9.26 9.97
N TRP A 31 1.88 7.94 10.12
CA TRP A 31 0.79 7.10 9.62
C TRP A 31 -0.55 7.59 10.15
N ARG A 32 -0.57 8.03 11.39
CA ARG A 32 -1.79 8.53 12.02
C ARG A 32 -2.32 9.75 11.28
N THR A 33 -1.44 10.42 10.54
CA THR A 33 -1.82 11.60 9.79
C THR A 33 -2.12 11.27 8.33
N ILE A 34 -1.34 10.34 7.78
CA ILE A 34 -1.51 9.91 6.40
C ILE A 34 -2.77 9.08 6.23
N ALA A 35 -3.18 8.41 7.31
CA ALA A 35 -4.38 7.57 7.29
C ALA A 35 -5.59 8.36 6.80
N PRO A 36 -5.92 9.44 7.51
CA PRO A 36 -7.06 10.30 7.17
C PRO A 36 -6.82 11.10 5.90
N ILE A 37 -5.57 11.14 5.46
CA ILE A 37 -5.21 11.87 4.26
C ILE A 37 -5.32 10.98 3.01
N ILE A 38 -5.40 9.68 3.24
CA ILE A 38 -5.52 8.72 2.15
C ILE A 38 -6.89 8.05 2.15
N GLY A 39 -7.43 7.81 3.35
CA GLY A 39 -8.72 7.17 3.46
C GLY A 39 -8.69 5.96 4.36
N ARG A 40 -7.56 5.26 4.37
CA ARG A 40 -7.40 4.07 5.19
C ARG A 40 -6.85 4.42 6.57
N THR A 41 -6.68 3.41 7.41
CA THR A 41 -6.16 3.60 8.75
C THR A 41 -4.64 3.66 8.76
N ALA A 42 -4.07 4.08 9.89
CA ALA A 42 -2.62 4.18 10.02
C ALA A 42 -1.96 2.81 9.81
N ALA A 43 -2.53 1.78 10.42
CA ALA A 43 -2.00 0.43 10.30
C ALA A 43 -2.12 -0.08 8.86
N GLN A 44 -3.25 0.22 8.22
CA GLN A 44 -3.49 -0.21 6.85
C GLN A 44 -2.48 0.43 5.90
N CYS A 45 -2.39 1.75 5.95
CA CYS A 45 -1.46 2.49 5.09
C CYS A 45 -0.05 1.93 5.21
N LEU A 46 0.36 1.64 6.45
CA LEU A 46 1.69 1.10 6.70
C LEU A 46 1.81 -0.33 6.20
N GLU A 47 0.80 -1.14 6.50
CA GLU A 47 0.80 -2.54 6.07
C GLU A 47 0.90 -2.64 4.55
N HIS A 48 -0.02 -1.98 3.86
CA HIS A 48 -0.03 -2.00 2.40
C HIS A 48 1.27 -1.44 1.83
N TYR A 49 1.61 -0.23 2.24
CA TYR A 49 2.83 0.43 1.78
C TYR A 49 4.00 -0.55 1.79
N GLU A 50 4.42 -0.96 2.98
CA GLU A 50 5.54 -1.90 3.12
C GLU A 50 5.41 -3.04 2.12
N PHE A 51 4.23 -3.64 2.05
CA PHE A 51 3.99 -4.75 1.14
C PHE A 51 4.35 -4.36 -0.30
N LEU A 52 4.09 -3.10 -0.65
CA LEU A 52 4.40 -2.61 -1.98
C LEU A 52 5.90 -2.66 -2.26
N LEU A 53 6.69 -2.22 -1.29
CA LEU A 53 8.14 -2.23 -1.42
C LEU A 53 8.65 -3.61 -1.81
N ASP A 54 8.26 -4.62 -1.03
CA ASP A 54 8.67 -5.99 -1.30
C ASP A 54 8.00 -6.54 -2.55
N LYS A 55 6.73 -6.18 -2.73
CA LYS A 55 5.96 -6.64 -3.89
C LYS A 55 6.66 -6.23 -5.18
N ALA A 56 7.09 -4.98 -5.25
CA ALA A 56 7.77 -4.46 -6.43
C ALA A 56 8.93 -5.38 -6.83
N ALA A 57 9.68 -5.84 -5.84
CA ALA A 57 10.81 -6.72 -6.11
C ALA A 57 10.39 -7.96 -6.89
N GLN A 58 9.30 -8.58 -6.44
CA GLN A 58 8.78 -9.78 -7.10
C GLN A 58 8.48 -9.51 -8.57
N ARG A 59 7.84 -8.39 -8.84
CA ARG A 59 7.49 -8.02 -10.20
C ARG A 59 8.57 -8.47 -11.18
N ASP A 60 8.20 -9.35 -12.09
CA ASP A 60 9.15 -9.86 -13.09
C ASP A 60 8.96 -9.15 -14.43
N SER A 61 9.69 -8.06 -14.61
CA SER A 61 9.61 -7.28 -15.84
C SER A 61 10.91 -7.38 -16.64
N GLY A 62 12.03 -7.24 -15.94
CA GLY A 62 13.32 -7.32 -16.60
C GLY A 62 13.88 -8.73 -16.63
N PRO A 63 15.19 -8.85 -16.81
CA PRO A 63 15.88 -10.14 -16.87
C PRO A 63 15.92 -10.84 -15.51
N SER A 64 15.98 -12.16 -15.53
CA SER A 64 16.02 -12.94 -14.30
C SER A 64 17.18 -12.51 -13.42
N SER A 65 16.86 -11.72 -12.38
CA SER A 65 17.89 -11.23 -11.47
C SER A 65 17.33 -11.11 -10.05
N GLY A 66 18.19 -10.71 -9.11
CA GLY A 66 17.76 -10.56 -7.74
C GLY A 66 16.66 -9.53 -7.57
N GLY A 1 -30.18 -9.49 -3.64
CA GLY A 1 -29.33 -10.58 -3.18
C GLY A 1 -28.28 -10.12 -2.19
N SER A 2 -28.45 -10.52 -0.94
CA SER A 2 -27.51 -10.14 0.12
C SER A 2 -27.10 -11.36 0.94
N SER A 3 -25.95 -11.25 1.61
CA SER A 3 -25.45 -12.35 2.42
C SER A 3 -25.20 -11.88 3.86
N GLY A 4 -25.36 -12.81 4.80
CA GLY A 4 -25.16 -12.48 6.20
C GLY A 4 -23.79 -12.91 6.71
N SER A 5 -22.75 -12.39 6.09
CA SER A 5 -21.38 -12.73 6.48
C SER A 5 -20.47 -11.51 6.36
N SER A 6 -19.29 -11.60 6.98
CA SER A 6 -18.32 -10.51 6.94
C SER A 6 -18.25 -9.90 5.55
N GLY A 7 -17.67 -8.69 5.48
CA GLY A 7 -17.55 -8.02 4.20
C GLY A 7 -16.41 -7.01 4.18
N LYS A 8 -15.28 -7.40 4.74
CA LYS A 8 -14.11 -6.54 4.80
C LYS A 8 -12.97 -7.10 3.96
N LYS A 9 -12.30 -6.23 3.20
CA LYS A 9 -11.19 -6.65 2.36
C LYS A 9 -10.25 -5.47 2.08
N THR A 10 -8.95 -5.72 2.23
CA THR A 10 -7.95 -4.68 2.01
C THR A 10 -7.50 -4.67 0.54
N GLU A 11 -8.23 -3.94 -0.29
CA GLU A 11 -7.91 -3.84 -1.70
C GLU A 11 -7.58 -2.40 -2.09
N TRP A 12 -6.40 -2.21 -2.65
CA TRP A 12 -5.95 -0.87 -3.06
C TRP A 12 -5.98 -0.75 -4.58
N SER A 13 -6.11 0.49 -5.06
CA SER A 13 -6.16 0.74 -6.50
C SER A 13 -4.91 1.52 -6.94
N ARG A 14 -4.53 1.33 -8.20
CA ARG A 14 -3.36 2.01 -8.75
C ARG A 14 -3.21 3.41 -8.16
N GLU A 15 -4.35 4.04 -7.87
CA GLU A 15 -4.34 5.39 -7.30
C GLU A 15 -3.95 5.35 -5.82
N GLU A 16 -4.85 4.81 -4.99
CA GLU A 16 -4.59 4.73 -3.56
C GLU A 16 -3.12 4.47 -3.28
N GLU A 17 -2.50 3.62 -4.11
CA GLU A 17 -1.09 3.30 -3.94
C GLU A 17 -0.21 4.51 -4.22
N GLU A 18 -0.29 5.02 -5.45
CA GLU A 18 0.50 6.18 -5.83
C GLU A 18 0.60 7.19 -4.70
N LYS A 19 -0.55 7.66 -4.23
CA LYS A 19 -0.60 8.63 -3.14
C LYS A 19 0.08 8.08 -1.90
N LEU A 20 0.00 6.77 -1.71
CA LEU A 20 0.61 6.11 -0.56
C LEU A 20 2.14 6.23 -0.63
N LEU A 21 2.71 5.76 -1.73
CA LEU A 21 4.16 5.81 -1.92
C LEU A 21 4.69 7.23 -1.70
N HIS A 22 3.87 8.22 -2.05
CA HIS A 22 4.26 9.62 -1.89
C HIS A 22 4.25 10.02 -0.42
N LEU A 23 3.09 9.87 0.22
CA LEU A 23 2.95 10.21 1.63
C LEU A 23 3.95 9.44 2.49
N ALA A 24 3.91 8.12 2.37
CA ALA A 24 4.81 7.27 3.13
C ALA A 24 6.23 7.84 3.15
N LYS A 25 6.73 8.22 1.98
CA LYS A 25 8.07 8.79 1.86
C LYS A 25 8.14 10.16 2.53
N LEU A 26 7.11 10.97 2.31
CA LEU A 26 7.06 12.31 2.89
C LEU A 26 7.19 12.24 4.41
N MET A 27 6.33 11.45 5.04
CA MET A 27 6.36 11.29 6.49
C MET A 27 6.26 9.82 6.88
N PRO A 28 7.41 9.13 6.89
CA PRO A 28 7.48 7.72 7.24
C PRO A 28 7.22 7.47 8.73
N THR A 29 6.93 8.55 9.45
CA THR A 29 6.66 8.45 10.88
C THR A 29 5.44 9.29 11.27
N GLN A 30 4.52 9.44 10.32
CA GLN A 30 3.31 10.21 10.56
C GLN A 30 2.08 9.48 10.02
N TRP A 31 2.07 8.16 10.18
CA TRP A 31 0.96 7.34 9.72
C TRP A 31 -0.37 7.86 10.26
N ARG A 32 -0.34 8.37 11.48
CA ARG A 32 -1.54 8.90 12.12
C ARG A 32 -2.11 10.07 11.33
N THR A 33 -1.25 10.69 10.51
CA THR A 33 -1.66 11.83 9.70
C THR A 33 -1.99 11.39 8.27
N ILE A 34 -1.22 10.45 7.76
CA ILE A 34 -1.44 9.94 6.40
C ILE A 34 -2.71 9.11 6.33
N ALA A 35 -3.11 8.53 7.45
CA ALA A 35 -4.30 7.71 7.52
C ALA A 35 -5.53 8.51 7.09
N PRO A 36 -5.80 9.62 7.81
CA PRO A 36 -6.94 10.49 7.52
C PRO A 36 -6.78 11.25 6.21
N ILE A 37 -5.56 11.27 5.69
CA ILE A 37 -5.27 11.96 4.44
C ILE A 37 -5.53 11.06 3.24
N ILE A 38 -5.49 9.75 3.47
CA ILE A 38 -5.71 8.79 2.40
C ILE A 38 -7.11 8.18 2.51
N GLY A 39 -7.54 7.93 3.74
CA GLY A 39 -8.86 7.35 3.97
C GLY A 39 -8.82 6.19 4.93
N ARG A 40 -7.73 5.42 4.90
CA ARG A 40 -7.58 4.27 5.78
C ARG A 40 -6.86 4.67 7.06
N THR A 41 -6.70 3.70 7.96
CA THR A 41 -6.03 3.94 9.24
C THR A 41 -4.51 3.86 9.08
N ALA A 42 -3.80 4.25 10.13
CA ALA A 42 -2.35 4.21 10.11
C ALA A 42 -1.82 2.83 9.77
N ALA A 43 -2.34 1.81 10.47
CA ALA A 43 -1.93 0.44 10.24
C ALA A 43 -2.23 0.01 8.81
N GLN A 44 -3.52 -0.13 8.49
CA GLN A 44 -3.95 -0.53 7.16
C GLN A 44 -3.05 0.09 6.09
N CYS A 45 -2.81 1.39 6.22
CA CYS A 45 -1.98 2.11 5.25
C CYS A 45 -0.56 1.55 5.24
N LEU A 46 0.09 1.57 6.40
CA LEU A 46 1.45 1.07 6.52
C LEU A 46 1.56 -0.35 5.98
N GLU A 47 0.73 -1.25 6.51
CA GLU A 47 0.72 -2.64 6.08
C GLU A 47 0.82 -2.74 4.56
N HIS A 48 -0.16 -2.17 3.87
CA HIS A 48 -0.18 -2.19 2.41
C HIS A 48 1.09 -1.58 1.84
N TYR A 49 1.39 -0.35 2.26
CA TYR A 49 2.57 0.35 1.78
C TYR A 49 3.79 -0.57 1.77
N GLU A 50 4.25 -0.95 2.96
CA GLU A 50 5.40 -1.84 3.08
C GLU A 50 5.31 -2.99 2.08
N PHE A 51 4.15 -3.65 2.06
CA PHE A 51 3.93 -4.77 1.16
C PHE A 51 4.27 -4.40 -0.28
N LEU A 52 3.89 -3.20 -0.68
CA LEU A 52 4.15 -2.71 -2.02
C LEU A 52 5.64 -2.71 -2.32
N LEU A 53 6.43 -2.14 -1.40
CA LEU A 53 7.88 -2.08 -1.56
C LEU A 53 8.44 -3.44 -1.98
N ASP A 54 8.13 -4.46 -1.19
CA ASP A 54 8.60 -5.81 -1.46
C ASP A 54 8.00 -6.34 -2.76
N LYS A 55 6.69 -6.17 -2.92
CA LYS A 55 5.98 -6.62 -4.11
C LYS A 55 6.68 -6.13 -5.37
N ALA A 56 7.06 -4.85 -5.38
CA ALA A 56 7.73 -4.26 -6.53
C ALA A 56 8.93 -5.10 -6.94
N ALA A 57 9.76 -5.47 -5.96
CA ALA A 57 10.94 -6.27 -6.23
C ALA A 57 10.58 -7.61 -6.85
N GLN A 58 9.57 -8.27 -6.27
CA GLN A 58 9.12 -9.56 -6.76
C GLN A 58 8.81 -9.51 -8.25
N ARG A 59 8.13 -8.45 -8.67
CA ARG A 59 7.76 -8.27 -10.07
C ARG A 59 8.98 -8.41 -10.97
N ASP A 60 10.07 -7.76 -10.58
CA ASP A 60 11.31 -7.82 -11.35
C ASP A 60 11.61 -9.25 -11.78
N SER A 61 11.57 -9.48 -13.09
CA SER A 61 11.84 -10.81 -13.63
C SER A 61 13.30 -10.95 -14.04
N GLY A 62 13.85 -12.14 -13.84
CA GLY A 62 15.24 -12.37 -14.19
C GLY A 62 15.44 -12.63 -15.66
N PRO A 63 14.86 -13.74 -16.17
CA PRO A 63 14.96 -14.12 -17.57
C PRO A 63 14.16 -13.18 -18.48
N SER A 64 13.58 -12.13 -17.89
CA SER A 64 12.80 -11.17 -18.64
C SER A 64 13.35 -11.00 -20.05
N SER A 65 14.63 -10.64 -20.15
CA SER A 65 15.27 -10.44 -21.45
C SER A 65 15.35 -11.75 -22.21
N GLY A 66 15.14 -11.67 -23.53
CA GLY A 66 15.18 -12.85 -24.36
C GLY A 66 15.99 -12.64 -25.63
N GLY A 1 -1.22 -21.11 -0.82
CA GLY A 1 -1.15 -19.89 -1.60
C GLY A 1 -1.58 -18.67 -0.81
N SER A 2 -2.82 -18.23 -1.04
CA SER A 2 -3.35 -17.06 -0.36
C SER A 2 -3.21 -17.22 1.16
N SER A 3 -3.43 -16.11 1.88
CA SER A 3 -3.33 -16.12 3.33
C SER A 3 -4.64 -16.54 3.98
N GLY A 4 -5.71 -15.80 3.65
CA GLY A 4 -7.02 -16.11 4.20
C GLY A 4 -7.46 -15.11 5.24
N SER A 5 -7.94 -13.96 4.78
CA SER A 5 -8.41 -12.90 5.68
C SER A 5 -9.92 -12.96 5.85
N SER A 6 -10.38 -13.77 6.79
CA SER A 6 -11.80 -13.91 7.05
C SER A 6 -12.47 -12.55 7.20
N GLY A 7 -13.35 -12.23 6.26
CA GLY A 7 -14.05 -10.95 6.29
C GLY A 7 -13.99 -10.23 4.97
N LYS A 8 -13.82 -8.91 5.02
CA LYS A 8 -13.75 -8.10 3.82
C LYS A 8 -12.38 -8.21 3.16
N LYS A 9 -12.31 -7.85 1.88
CA LYS A 9 -11.05 -7.91 1.13
C LYS A 9 -10.45 -6.51 0.97
N THR A 10 -9.19 -6.37 1.34
CA THR A 10 -8.50 -5.10 1.23
C THR A 10 -7.71 -5.00 -0.07
N GLU A 11 -8.32 -4.39 -1.08
CA GLU A 11 -7.67 -4.24 -2.38
C GLU A 11 -7.44 -2.77 -2.70
N TRP A 12 -6.19 -2.44 -3.03
CA TRP A 12 -5.83 -1.07 -3.36
C TRP A 12 -5.78 -0.86 -4.87
N SER A 13 -5.83 0.40 -5.30
CA SER A 13 -5.80 0.73 -6.71
C SER A 13 -4.64 1.69 -7.02
N ARG A 14 -4.18 1.64 -8.26
CA ARG A 14 -3.08 2.50 -8.69
C ARG A 14 -3.17 3.87 -8.02
N GLU A 15 -4.40 4.37 -7.87
CA GLU A 15 -4.61 5.67 -7.25
C GLU A 15 -4.26 5.64 -5.77
N GLU A 16 -4.99 4.83 -5.01
CA GLU A 16 -4.75 4.72 -3.57
C GLU A 16 -3.28 4.45 -3.30
N GLU A 17 -2.64 3.65 -4.15
CA GLU A 17 -1.24 3.32 -3.99
C GLU A 17 -0.35 4.53 -4.29
N GLU A 18 -0.43 5.01 -5.51
CA GLU A 18 0.36 6.17 -5.93
C GLU A 18 0.47 7.19 -4.80
N LYS A 19 -0.68 7.64 -4.31
CA LYS A 19 -0.73 8.61 -3.23
C LYS A 19 -0.02 8.08 -1.99
N LEU A 20 -0.15 6.78 -1.74
CA LEU A 20 0.49 6.15 -0.60
C LEU A 20 2.00 6.26 -0.67
N LEU A 21 2.58 5.81 -1.78
CA LEU A 21 4.02 5.86 -1.97
C LEU A 21 4.54 7.29 -1.76
N HIS A 22 3.77 8.27 -2.22
CA HIS A 22 4.15 9.66 -2.09
C HIS A 22 4.20 10.07 -0.61
N LEU A 23 3.07 9.91 0.08
CA LEU A 23 2.98 10.26 1.49
C LEU A 23 4.03 9.51 2.30
N ALA A 24 3.93 8.19 2.34
CA ALA A 24 4.87 7.36 3.08
C ALA A 24 6.27 7.96 3.03
N LYS A 25 6.71 8.33 1.83
CA LYS A 25 8.03 8.92 1.64
C LYS A 25 8.13 10.28 2.32
N LEU A 26 7.08 11.08 2.18
CA LEU A 26 7.04 12.41 2.77
C LEU A 26 7.19 12.33 4.28
N MET A 27 6.33 11.54 4.92
CA MET A 27 6.37 11.37 6.37
C MET A 27 6.24 9.90 6.75
N PRO A 28 7.37 9.19 6.74
CA PRO A 28 7.42 7.76 7.09
C PRO A 28 7.15 7.52 8.56
N THR A 29 7.10 8.59 9.35
CA THR A 29 6.86 8.50 10.78
C THR A 29 5.62 9.29 11.18
N GLN A 30 4.70 9.45 10.24
CA GLN A 30 3.46 10.19 10.50
C GLN A 30 2.26 9.44 9.96
N TRP A 31 2.29 8.12 10.05
CA TRP A 31 1.20 7.29 9.57
C TRP A 31 -0.13 7.75 10.14
N ARG A 32 -0.12 8.12 11.42
CA ARG A 32 -1.33 8.58 12.10
C ARG A 32 -1.90 9.81 11.40
N THR A 33 -1.07 10.47 10.61
CA THR A 33 -1.49 11.67 9.89
C THR A 33 -1.89 11.33 8.45
N ILE A 34 -1.20 10.38 7.85
CA ILE A 34 -1.48 9.96 6.49
C ILE A 34 -2.78 9.19 6.42
N ALA A 35 -3.09 8.44 7.47
CA ALA A 35 -4.32 7.65 7.52
C ALA A 35 -5.53 8.50 7.16
N PRO A 36 -5.73 9.59 7.92
CA PRO A 36 -6.85 10.50 7.69
C PRO A 36 -6.71 11.31 6.40
N ILE A 37 -5.52 11.25 5.82
CA ILE A 37 -5.25 11.97 4.58
C ILE A 37 -5.55 11.10 3.36
N ILE A 38 -5.64 9.79 3.57
CA ILE A 38 -5.93 8.85 2.50
C ILE A 38 -7.31 8.24 2.66
N GLY A 39 -7.72 8.04 3.90
CA GLY A 39 -9.03 7.46 4.16
C GLY A 39 -8.96 6.21 5.03
N ARG A 40 -7.87 5.47 4.90
CA ARG A 40 -7.68 4.25 5.67
C ARG A 40 -6.93 4.54 6.97
N THR A 41 -6.84 3.53 7.84
CA THR A 41 -6.15 3.68 9.11
C THR A 41 -4.64 3.56 8.93
N ALA A 42 -3.89 4.04 9.92
CA ALA A 42 -2.43 3.98 9.88
C ALA A 42 -1.95 2.55 9.64
N ALA A 43 -2.60 1.60 10.30
CA ALA A 43 -2.24 0.19 10.16
C ALA A 43 -2.42 -0.29 8.73
N GLN A 44 -3.59 -0.02 8.17
CA GLN A 44 -3.89 -0.43 6.80
C GLN A 44 -2.93 0.22 5.81
N CYS A 45 -2.72 1.52 5.96
CA CYS A 45 -1.82 2.26 5.09
C CYS A 45 -0.39 1.73 5.20
N LEU A 46 0.11 1.67 6.42
CA LEU A 46 1.47 1.19 6.67
C LEU A 46 1.64 -0.24 6.18
N GLU A 47 0.70 -1.11 6.58
CA GLU A 47 0.74 -2.51 6.17
C GLU A 47 0.83 -2.64 4.66
N HIS A 48 -0.11 -2.01 3.96
CA HIS A 48 -0.14 -2.05 2.51
C HIS A 48 1.15 -1.48 1.91
N TYR A 49 1.48 -0.26 2.32
CA TYR A 49 2.69 0.39 1.83
C TYR A 49 3.87 -0.57 1.80
N GLU A 50 4.32 -0.99 2.98
CA GLU A 50 5.43 -1.92 3.09
C GLU A 50 5.29 -3.06 2.09
N PHE A 51 4.11 -3.67 2.08
CA PHE A 51 3.84 -4.79 1.17
C PHE A 51 4.18 -4.41 -0.27
N LEU A 52 3.90 -3.17 -0.63
CA LEU A 52 4.18 -2.69 -1.98
C LEU A 52 5.68 -2.74 -2.28
N LEU A 53 6.49 -2.32 -1.32
CA LEU A 53 7.94 -2.33 -1.49
C LEU A 53 8.43 -3.71 -1.86
N ASP A 54 8.04 -4.71 -1.07
CA ASP A 54 8.44 -6.09 -1.31
C ASP A 54 7.85 -6.61 -2.61
N LYS A 55 6.57 -6.31 -2.84
CA LYS A 55 5.88 -6.75 -4.05
C LYS A 55 6.65 -6.32 -5.30
N ALA A 56 7.04 -5.05 -5.34
CA ALA A 56 7.78 -4.51 -6.48
C ALA A 56 9.07 -5.31 -6.71
N ALA A 57 9.81 -5.54 -5.63
CA ALA A 57 11.06 -6.29 -5.71
C ALA A 57 10.88 -7.59 -6.49
N GLN A 58 9.81 -8.31 -6.17
CA GLN A 58 9.52 -9.58 -6.83
C GLN A 58 9.42 -9.39 -8.35
N ARG A 59 8.75 -8.32 -8.77
CA ARG A 59 8.60 -8.03 -10.18
C ARG A 59 9.95 -7.99 -10.89
N ASP A 60 10.15 -8.89 -11.83
CA ASP A 60 11.39 -8.97 -12.58
C ASP A 60 11.16 -8.71 -14.07
N SER A 61 11.94 -7.81 -14.65
CA SER A 61 11.80 -7.48 -16.06
C SER A 61 12.54 -8.50 -16.93
N GLY A 62 12.45 -8.32 -18.25
CA GLY A 62 13.10 -9.22 -19.17
C GLY A 62 12.39 -10.56 -19.27
N PRO A 63 12.41 -11.15 -20.47
CA PRO A 63 11.76 -12.46 -20.72
C PRO A 63 12.48 -13.60 -20.02
N SER A 64 11.88 -14.79 -20.08
CA SER A 64 12.46 -15.98 -19.45
C SER A 64 12.41 -17.17 -20.39
N SER A 65 13.55 -17.79 -20.62
CA SER A 65 13.65 -18.95 -21.50
C SER A 65 13.02 -18.64 -22.86
N GLY A 66 13.31 -17.44 -23.38
CA GLY A 66 12.78 -17.04 -24.67
C GLY A 66 11.45 -16.34 -24.55
N GLY A 1 -23.38 -3.02 0.39
CA GLY A 1 -22.46 -1.90 0.35
C GLY A 1 -22.22 -1.31 1.73
N SER A 2 -23.28 -0.81 2.34
CA SER A 2 -23.18 -0.19 3.67
C SER A 2 -22.43 -1.10 4.62
N SER A 3 -22.75 -2.39 4.58
CA SER A 3 -22.11 -3.37 5.46
C SER A 3 -22.26 -4.78 4.90
N GLY A 4 -21.18 -5.55 4.93
CA GLY A 4 -21.21 -6.90 4.43
C GLY A 4 -21.67 -7.90 5.47
N SER A 5 -22.21 -9.03 5.02
CA SER A 5 -22.70 -10.06 5.91
C SER A 5 -21.55 -10.66 6.72
N SER A 6 -20.59 -11.27 6.02
CA SER A 6 -19.44 -11.89 6.67
C SER A 6 -18.17 -11.64 5.86
N GLY A 7 -17.12 -11.19 6.55
CA GLY A 7 -15.86 -10.92 5.88
C GLY A 7 -15.69 -9.46 5.51
N LYS A 8 -14.65 -8.83 6.05
CA LYS A 8 -14.38 -7.42 5.77
C LYS A 8 -12.99 -7.23 5.20
N LYS A 9 -12.91 -7.05 3.89
CA LYS A 9 -11.64 -6.87 3.21
C LYS A 9 -11.53 -5.45 2.64
N THR A 10 -10.30 -4.99 2.43
CA THR A 10 -10.06 -3.66 1.90
C THR A 10 -9.07 -3.71 0.73
N GLU A 11 -9.59 -3.61 -0.48
CA GLU A 11 -8.76 -3.64 -1.68
C GLU A 11 -8.31 -2.24 -2.07
N TRP A 12 -7.02 -2.08 -2.32
CA TRP A 12 -6.46 -0.79 -2.71
C TRP A 12 -6.49 -0.61 -4.22
N SER A 13 -6.53 0.65 -4.67
CA SER A 13 -6.57 0.95 -6.09
C SER A 13 -5.34 1.75 -6.51
N ARG A 14 -5.03 1.73 -7.80
CA ARG A 14 -3.88 2.45 -8.33
C ARG A 14 -3.73 3.81 -7.64
N GLU A 15 -4.84 4.51 -7.47
CA GLU A 15 -4.83 5.82 -6.83
C GLU A 15 -4.35 5.71 -5.38
N GLU A 16 -5.09 4.95 -4.58
CA GLU A 16 -4.73 4.77 -3.18
C GLU A 16 -3.24 4.49 -3.02
N GLU A 17 -2.71 3.68 -3.93
CA GLU A 17 -1.30 3.32 -3.89
C GLU A 17 -0.42 4.54 -4.21
N GLU A 18 -0.51 5.01 -5.45
CA GLU A 18 0.27 6.16 -5.88
C GLU A 18 0.40 7.19 -4.76
N LYS A 19 -0.74 7.62 -4.23
CA LYS A 19 -0.75 8.61 -3.15
C LYS A 19 -0.04 8.06 -1.92
N LEU A 20 -0.18 6.76 -1.69
CA LEU A 20 0.44 6.11 -0.53
C LEU A 20 1.96 6.24 -0.60
N LEU A 21 2.53 5.84 -1.73
CA LEU A 21 3.98 5.91 -1.93
C LEU A 21 4.49 7.33 -1.69
N HIS A 22 3.70 8.31 -2.11
CA HIS A 22 4.07 9.71 -1.95
C HIS A 22 4.12 10.09 -0.48
N LEU A 23 3.02 9.87 0.23
CA LEU A 23 2.94 10.20 1.64
C LEU A 23 3.94 9.37 2.44
N ALA A 24 3.78 8.05 2.39
CA ALA A 24 4.67 7.15 3.10
C ALA A 24 6.11 7.64 3.08
N LYS A 25 6.55 8.08 1.91
CA LYS A 25 7.91 8.58 1.74
C LYS A 25 8.07 9.94 2.42
N LEU A 26 7.08 10.80 2.24
CA LEU A 26 7.10 12.14 2.83
C LEU A 26 7.23 12.06 4.34
N MET A 27 6.34 11.32 4.97
CA MET A 27 6.35 11.15 6.43
C MET A 27 6.15 9.69 6.81
N PRO A 28 7.27 8.94 6.87
CA PRO A 28 7.24 7.51 7.22
C PRO A 28 6.90 7.28 8.69
N THR A 29 7.01 8.34 9.49
CA THR A 29 6.73 8.27 10.91
C THR A 29 5.50 9.10 11.27
N GLN A 30 4.60 9.26 10.30
CA GLN A 30 3.38 10.04 10.52
C GLN A 30 2.16 9.31 9.96
N TRP A 31 2.13 8.00 10.15
CA TRP A 31 1.02 7.19 9.67
C TRP A 31 -0.32 7.71 10.19
N ARG A 32 -0.31 8.18 11.44
CA ARG A 32 -1.52 8.71 12.06
C ARG A 32 -2.06 9.90 11.27
N THR A 33 -1.18 10.53 10.49
CA THR A 33 -1.56 11.68 9.68
C THR A 33 -1.89 11.27 8.25
N ILE A 34 -1.12 10.32 7.72
CA ILE A 34 -1.32 9.84 6.37
C ILE A 34 -2.62 9.05 6.25
N ALA A 35 -3.08 8.50 7.36
CA ALA A 35 -4.31 7.73 7.39
C ALA A 35 -5.50 8.60 6.96
N PRO A 36 -5.74 9.68 7.71
CA PRO A 36 -6.85 10.60 7.44
C PRO A 36 -6.63 11.41 6.16
N ILE A 37 -5.40 11.37 5.65
CA ILE A 37 -5.06 12.09 4.43
C ILE A 37 -5.29 11.23 3.20
N ILE A 38 -5.27 9.91 3.40
CA ILE A 38 -5.47 8.98 2.29
C ILE A 38 -6.87 8.38 2.34
N GLY A 39 -7.36 8.16 3.55
CA GLY A 39 -8.69 7.58 3.72
C GLY A 39 -8.69 6.32 4.56
N ARG A 40 -7.58 5.58 4.49
CA ARG A 40 -7.45 4.35 5.25
C ARG A 40 -6.84 4.61 6.62
N THR A 41 -6.68 3.55 7.41
CA THR A 41 -6.09 3.66 8.74
C THR A 41 -4.58 3.55 8.69
N ALA A 42 -3.92 4.10 9.71
CA ALA A 42 -2.46 4.06 9.79
C ALA A 42 -1.94 2.65 9.54
N ALA A 43 -2.59 1.66 10.15
CA ALA A 43 -2.20 0.27 9.99
C ALA A 43 -2.37 -0.19 8.55
N GLN A 44 -3.51 0.16 7.95
CA GLN A 44 -3.79 -0.22 6.58
C GLN A 44 -2.77 0.38 5.62
N CYS A 45 -2.47 1.67 5.81
CA CYS A 45 -1.52 2.36 4.96
C CYS A 45 -0.13 1.75 5.09
N LEU A 46 0.34 1.59 6.32
CA LEU A 46 1.65 1.02 6.58
C LEU A 46 1.72 -0.41 6.07
N GLU A 47 0.75 -1.23 6.46
CA GLU A 47 0.70 -2.63 6.05
C GLU A 47 0.79 -2.73 4.52
N HIS A 48 -0.11 -2.04 3.83
CA HIS A 48 -0.14 -2.06 2.37
C HIS A 48 1.16 -1.52 1.80
N TYR A 49 1.53 -0.31 2.19
CA TYR A 49 2.75 0.32 1.71
C TYR A 49 3.91 -0.66 1.73
N GLU A 50 4.32 -1.07 2.93
CA GLU A 50 5.42 -2.01 3.09
C GLU A 50 5.30 -3.16 2.09
N PHE A 51 4.10 -3.73 2.01
CA PHE A 51 3.85 -4.85 1.10
C PHE A 51 4.20 -4.47 -0.33
N LEU A 52 3.94 -3.22 -0.70
CA LEU A 52 4.24 -2.74 -2.04
C LEU A 52 5.73 -2.82 -2.33
N LEU A 53 6.53 -2.30 -1.41
CA LEU A 53 7.99 -2.31 -1.57
C LEU A 53 8.47 -3.70 -1.96
N ASP A 54 8.07 -4.71 -1.21
CA ASP A 54 8.46 -6.08 -1.49
C ASP A 54 7.87 -6.57 -2.80
N LYS A 55 6.58 -6.29 -3.00
CA LYS A 55 5.89 -6.70 -4.22
C LYS A 55 6.64 -6.22 -5.45
N ALA A 56 7.10 -4.97 -5.42
CA ALA A 56 7.84 -4.40 -6.54
C ALA A 56 9.20 -5.07 -6.69
N ALA A 57 9.86 -5.35 -5.57
CA ALA A 57 11.16 -6.00 -5.59
C ALA A 57 11.09 -7.39 -6.19
N GLN A 58 10.13 -8.19 -5.73
CA GLN A 58 9.95 -9.55 -6.23
C GLN A 58 9.61 -9.54 -7.71
N ARG A 59 8.71 -8.64 -8.10
CA ARG A 59 8.29 -8.53 -9.50
C ARG A 59 9.50 -8.63 -10.43
N ASP A 60 9.45 -9.58 -11.36
CA ASP A 60 10.53 -9.79 -12.31
C ASP A 60 10.91 -8.47 -12.99
N SER A 61 12.21 -8.29 -13.23
CA SER A 61 12.70 -7.07 -13.87
C SER A 61 12.19 -5.84 -13.14
N GLY A 62 12.21 -5.88 -11.82
CA GLY A 62 11.74 -4.75 -11.03
C GLY A 62 12.53 -3.49 -11.29
N PRO A 63 11.86 -2.34 -11.24
CA PRO A 63 12.48 -1.04 -11.48
C PRO A 63 13.42 -0.64 -10.35
N SER A 64 14.47 0.11 -10.70
CA SER A 64 15.46 0.55 -9.72
C SER A 64 16.22 -0.63 -9.15
N SER A 65 16.61 -1.56 -10.02
CA SER A 65 17.34 -2.75 -9.60
C SER A 65 18.54 -3.00 -10.52
N GLY A 66 19.55 -3.67 -9.99
CA GLY A 66 20.74 -3.97 -10.77
C GLY A 66 20.83 -5.43 -11.16
N GLY A 1 -6.42 -20.46 -4.95
CA GLY A 1 -5.29 -19.70 -4.42
C GLY A 1 -5.72 -18.44 -3.70
N SER A 2 -5.94 -18.55 -2.40
CA SER A 2 -6.36 -17.41 -1.59
C SER A 2 -7.54 -16.69 -2.25
N SER A 3 -8.48 -17.47 -2.76
CA SER A 3 -9.66 -16.92 -3.42
C SER A 3 -10.91 -17.16 -2.58
N GLY A 4 -11.16 -16.29 -1.61
CA GLY A 4 -12.32 -16.43 -0.75
C GLY A 4 -13.20 -15.21 -0.77
N SER A 5 -12.63 -14.06 -0.44
CA SER A 5 -13.38 -12.81 -0.41
C SER A 5 -14.65 -12.95 0.41
N SER A 6 -14.53 -13.63 1.56
CA SER A 6 -15.67 -13.84 2.44
C SER A 6 -16.25 -12.51 2.92
N GLY A 7 -17.56 -12.32 2.72
CA GLY A 7 -18.20 -11.10 3.13
C GLY A 7 -17.65 -9.88 2.42
N LYS A 8 -16.66 -9.24 3.03
CA LYS A 8 -16.04 -8.05 2.44
C LYS A 8 -14.59 -7.92 2.89
N LYS A 9 -13.78 -7.26 2.07
CA LYS A 9 -12.38 -7.05 2.38
C LYS A 9 -11.86 -5.76 1.77
N THR A 10 -11.45 -4.83 2.62
CA THR A 10 -10.93 -3.54 2.15
C THR A 10 -9.71 -3.73 1.26
N GLU A 11 -9.84 -3.35 -0.01
CA GLU A 11 -8.75 -3.48 -0.96
C GLU A 11 -8.35 -2.12 -1.53
N TRP A 12 -7.06 -1.89 -1.68
CA TRP A 12 -6.55 -0.64 -2.21
C TRP A 12 -6.69 -0.59 -3.73
N SER A 13 -6.35 0.55 -4.32
CA SER A 13 -6.43 0.72 -5.77
C SER A 13 -5.14 1.30 -6.32
N ARG A 14 -5.04 1.34 -7.65
CA ARG A 14 -3.85 1.87 -8.30
C ARG A 14 -3.65 3.34 -7.96
N GLU A 15 -4.73 4.01 -7.55
CA GLU A 15 -4.67 5.41 -7.19
C GLU A 15 -4.25 5.59 -5.73
N GLU A 16 -4.90 4.84 -4.84
CA GLU A 16 -4.59 4.91 -3.42
C GLU A 16 -3.10 4.67 -3.17
N GLU A 17 -2.50 3.81 -3.98
CA GLU A 17 -1.08 3.50 -3.85
C GLU A 17 -0.22 4.72 -4.18
N GLU A 18 -0.34 5.20 -5.42
CA GLU A 18 0.43 6.36 -5.85
C GLU A 18 0.60 7.37 -4.72
N LYS A 19 -0.53 7.83 -4.17
CA LYS A 19 -0.51 8.78 -3.07
C LYS A 19 0.19 8.21 -1.85
N LEU A 20 0.03 6.90 -1.64
CA LEU A 20 0.65 6.22 -0.51
C LEU A 20 2.16 6.33 -0.57
N LEU A 21 2.73 5.96 -1.71
CA LEU A 21 4.18 6.01 -1.90
C LEU A 21 4.71 7.42 -1.63
N HIS A 22 3.91 8.43 -1.99
CA HIS A 22 4.30 9.82 -1.78
C HIS A 22 4.28 10.18 -0.30
N LEU A 23 3.10 10.09 0.31
CA LEU A 23 2.94 10.41 1.73
C LEU A 23 3.93 9.60 2.57
N ALA A 24 3.91 8.29 2.39
CA ALA A 24 4.80 7.40 3.14
C ALA A 24 6.22 7.97 3.18
N LYS A 25 6.72 8.38 2.03
CA LYS A 25 8.07 8.94 1.95
C LYS A 25 8.14 10.29 2.65
N LEU A 26 7.10 11.11 2.48
CA LEU A 26 7.06 12.42 3.11
C LEU A 26 7.16 12.31 4.63
N MET A 27 6.30 11.49 5.22
CA MET A 27 6.30 11.29 6.66
C MET A 27 6.17 9.81 7.00
N PRO A 28 7.32 9.11 7.03
CA PRO A 28 7.37 7.68 7.33
C PRO A 28 7.05 7.40 8.80
N THR A 29 6.92 8.46 9.59
CA THR A 29 6.62 8.33 11.01
C THR A 29 5.39 9.12 11.39
N GLN A 30 4.49 9.31 10.42
CA GLN A 30 3.26 10.06 10.66
C GLN A 30 2.05 9.34 10.06
N TRP A 31 2.06 8.02 10.16
CA TRP A 31 0.97 7.20 9.63
C TRP A 31 -0.38 7.70 10.14
N ARG A 32 -0.42 8.09 11.40
CA ARG A 32 -1.65 8.59 12.01
C ARG A 32 -2.18 9.79 11.25
N THR A 33 -1.31 10.43 10.49
CA THR A 33 -1.70 11.60 9.70
C THR A 33 -2.01 11.23 8.26
N ILE A 34 -1.27 10.26 7.73
CA ILE A 34 -1.47 9.80 6.36
C ILE A 34 -2.74 8.97 6.24
N ALA A 35 -3.20 8.44 7.37
CA ALA A 35 -4.41 7.62 7.39
C ALA A 35 -5.62 8.43 6.91
N PRO A 36 -5.89 9.55 7.61
CA PRO A 36 -7.01 10.43 7.28
C PRO A 36 -6.81 11.17 5.97
N ILE A 37 -5.58 11.14 5.47
CA ILE A 37 -5.25 11.82 4.22
C ILE A 37 -5.50 10.90 3.02
N ILE A 38 -5.47 9.60 3.26
CA ILE A 38 -5.69 8.62 2.20
C ILE A 38 -7.09 8.02 2.31
N GLY A 39 -7.52 7.75 3.53
CA GLY A 39 -8.85 7.18 3.75
C GLY A 39 -8.81 5.96 4.65
N ARG A 40 -7.70 5.24 4.63
CA ARG A 40 -7.54 4.05 5.45
C ARG A 40 -6.92 4.40 6.81
N THR A 41 -6.67 3.38 7.62
CA THR A 41 -6.08 3.59 8.94
C THR A 41 -4.56 3.51 8.87
N ALA A 42 -3.90 4.09 9.86
CA ALA A 42 -2.44 4.09 9.92
C ALA A 42 -1.90 2.68 9.69
N ALA A 43 -2.38 1.73 10.47
CA ALA A 43 -1.94 0.35 10.34
C ALA A 43 -2.09 -0.16 8.90
N GLN A 44 -3.23 0.14 8.30
CA GLN A 44 -3.49 -0.29 6.93
C GLN A 44 -2.48 0.34 5.97
N CYS A 45 -2.36 1.66 6.04
CA CYS A 45 -1.43 2.38 5.18
C CYS A 45 -0.03 1.78 5.24
N LEU A 46 0.43 1.51 6.46
CA LEU A 46 1.75 0.93 6.66
C LEU A 46 1.83 -0.47 6.07
N GLU A 47 0.87 -1.32 6.43
CA GLU A 47 0.83 -2.69 5.92
C GLU A 47 0.85 -2.71 4.40
N HIS A 48 -0.08 -1.98 3.79
CA HIS A 48 -0.18 -1.91 2.33
C HIS A 48 1.10 -1.34 1.73
N TYR A 49 1.50 -0.17 2.22
CA TYR A 49 2.71 0.50 1.74
C TYR A 49 3.87 -0.50 1.65
N GLU A 50 4.35 -0.94 2.81
CA GLU A 50 5.47 -1.87 2.87
C GLU A 50 5.27 -3.00 1.86
N PHE A 51 4.08 -3.60 1.85
CA PHE A 51 3.77 -4.68 0.94
C PHE A 51 4.13 -4.31 -0.49
N LEU A 52 3.86 -3.07 -0.86
CA LEU A 52 4.15 -2.59 -2.21
C LEU A 52 5.65 -2.67 -2.50
N LEU A 53 6.45 -2.24 -1.54
CA LEU A 53 7.91 -2.26 -1.68
C LEU A 53 8.39 -3.67 -2.07
N ASP A 54 7.96 -4.66 -1.31
CA ASP A 54 8.35 -6.04 -1.57
C ASP A 54 7.71 -6.56 -2.85
N LYS A 55 6.43 -6.22 -3.05
CA LYS A 55 5.70 -6.64 -4.24
C LYS A 55 6.41 -6.16 -5.51
N ALA A 56 7.04 -4.99 -5.43
CA ALA A 56 7.75 -4.44 -6.57
C ALA A 56 9.07 -5.17 -6.80
N ALA A 57 9.64 -5.70 -5.73
CA ALA A 57 10.90 -6.42 -5.82
C ALA A 57 10.68 -7.86 -6.31
N GLN A 58 9.73 -8.55 -5.69
CA GLN A 58 9.41 -9.93 -6.06
C GLN A 58 8.90 -10.00 -7.50
N ARG A 59 7.96 -9.13 -7.83
CA ARG A 59 7.39 -9.10 -9.17
C ARG A 59 8.50 -9.05 -10.23
N ASP A 60 8.10 -9.19 -11.49
CA ASP A 60 9.05 -9.16 -12.60
C ASP A 60 10.02 -10.34 -12.51
N SER A 61 9.48 -11.51 -12.18
CA SER A 61 10.30 -12.71 -12.06
C SER A 61 9.56 -13.93 -12.63
N GLY A 62 10.32 -14.94 -13.02
CA GLY A 62 9.72 -16.15 -13.58
C GLY A 62 10.76 -17.14 -14.04
N PRO A 63 10.29 -18.33 -14.46
CA PRO A 63 11.17 -19.40 -14.94
C PRO A 63 11.83 -19.07 -16.28
N SER A 64 11.02 -18.62 -17.23
CA SER A 64 11.52 -18.27 -18.55
C SER A 64 11.65 -16.76 -18.69
N SER A 65 12.84 -16.24 -18.39
CA SER A 65 13.09 -14.80 -18.48
C SER A 65 13.32 -14.39 -19.93
N GLY A 66 13.01 -13.14 -20.24
CA GLY A 66 13.19 -12.63 -21.59
C GLY A 66 11.88 -12.21 -22.24
N GLY A 1 -10.18 -18.73 7.49
CA GLY A 1 -9.53 -19.55 8.50
C GLY A 1 -8.54 -18.76 9.33
N SER A 2 -7.36 -18.50 8.77
CA SER A 2 -6.32 -17.75 9.47
C SER A 2 -6.46 -16.25 9.22
N SER A 3 -6.39 -15.86 7.95
CA SER A 3 -6.50 -14.46 7.57
C SER A 3 -7.53 -14.28 6.45
N GLY A 4 -8.57 -13.52 6.73
CA GLY A 4 -9.61 -13.28 5.74
C GLY A 4 -10.50 -12.10 6.10
N SER A 5 -11.12 -11.51 5.09
CA SER A 5 -12.01 -10.37 5.31
C SER A 5 -13.46 -10.82 5.42
N SER A 6 -14.21 -10.16 6.30
CA SER A 6 -15.61 -10.50 6.51
C SER A 6 -16.50 -9.30 6.22
N GLY A 7 -16.97 -9.20 4.98
CA GLY A 7 -17.83 -8.10 4.59
C GLY A 7 -17.21 -7.22 3.51
N LYS A 8 -17.34 -5.92 3.67
CA LYS A 8 -16.79 -4.97 2.70
C LYS A 8 -15.27 -5.08 2.64
N LYS A 9 -14.74 -5.31 1.44
CA LYS A 9 -13.31 -5.44 1.24
C LYS A 9 -12.67 -4.07 0.99
N THR A 10 -11.83 -3.64 1.91
CA THR A 10 -11.15 -2.35 1.79
C THR A 10 -9.91 -2.46 0.90
N GLU A 11 -10.04 -3.22 -0.18
CA GLU A 11 -8.93 -3.41 -1.11
C GLU A 11 -8.44 -2.07 -1.65
N TRP A 12 -7.15 -2.00 -1.98
CA TRP A 12 -6.55 -0.78 -2.50
C TRP A 12 -6.64 -0.73 -4.02
N SER A 13 -6.08 0.31 -4.61
CA SER A 13 -6.10 0.47 -6.06
C SER A 13 -4.85 1.22 -6.54
N ARG A 14 -4.66 1.24 -7.86
CA ARG A 14 -3.51 1.91 -8.44
C ARG A 14 -3.35 3.32 -7.89
N GLU A 15 -4.48 4.02 -7.76
CA GLU A 15 -4.47 5.38 -7.23
C GLU A 15 -4.03 5.40 -5.77
N GLU A 16 -4.82 4.76 -4.91
CA GLU A 16 -4.52 4.71 -3.49
C GLU A 16 -3.02 4.47 -3.26
N GLU A 17 -2.45 3.59 -4.06
CA GLU A 17 -1.03 3.27 -3.94
C GLU A 17 -0.16 4.49 -4.24
N GLU A 18 -0.25 4.99 -5.48
CA GLU A 18 0.52 6.15 -5.90
C GLU A 18 0.63 7.16 -4.75
N LYS A 19 -0.51 7.64 -4.29
CA LYS A 19 -0.55 8.61 -3.20
C LYS A 19 0.12 8.05 -1.95
N LEU A 20 -0.01 6.75 -1.75
CA LEU A 20 0.59 6.08 -0.60
C LEU A 20 2.11 6.21 -0.61
N LEU A 21 2.72 5.82 -1.73
CA LEU A 21 4.16 5.89 -1.87
C LEU A 21 4.67 7.29 -1.60
N HIS A 22 3.86 8.29 -1.98
CA HIS A 22 4.23 9.69 -1.77
C HIS A 22 4.17 10.05 -0.29
N LEU A 23 2.97 9.97 0.28
CA LEU A 23 2.77 10.30 1.69
C LEU A 23 3.69 9.46 2.57
N ALA A 24 3.63 8.14 2.39
CA ALA A 24 4.45 7.22 3.18
C ALA A 24 5.90 7.72 3.26
N LYS A 25 6.45 8.10 2.11
CA LYS A 25 7.82 8.59 2.05
C LYS A 25 7.95 9.93 2.76
N LEU A 26 6.97 10.81 2.54
CA LEU A 26 6.98 12.13 3.16
C LEU A 26 7.07 12.02 4.69
N MET A 27 6.16 11.23 5.27
CA MET A 27 6.14 11.04 6.71
C MET A 27 5.96 9.57 7.06
N PRO A 28 7.06 8.81 7.04
CA PRO A 28 7.04 7.38 7.36
C PRO A 28 6.76 7.11 8.83
N THR A 29 6.62 8.18 9.60
CA THR A 29 6.34 8.06 11.03
C THR A 29 5.12 8.87 11.43
N GLN A 30 4.25 9.14 10.45
CA GLN A 30 3.03 9.91 10.70
C GLN A 30 1.80 9.19 10.13
N TRP A 31 1.80 7.86 10.23
CA TRP A 31 0.70 7.07 9.73
C TRP A 31 -0.63 7.58 10.28
N ARG A 32 -0.63 8.00 11.54
CA ARG A 32 -1.83 8.50 12.17
C ARG A 32 -2.31 9.78 11.49
N THR A 33 -1.40 10.45 10.79
CA THR A 33 -1.73 11.69 10.09
C THR A 33 -2.01 11.43 8.62
N ILE A 34 -1.31 10.47 8.04
CA ILE A 34 -1.48 10.12 6.64
C ILE A 34 -2.74 9.30 6.44
N ALA A 35 -3.17 8.60 7.49
CA ALA A 35 -4.37 7.77 7.42
C ALA A 35 -5.56 8.58 6.91
N PRO A 36 -5.88 9.68 7.60
CA PRO A 36 -7.00 10.56 7.23
C PRO A 36 -6.73 11.32 5.94
N ILE A 37 -5.50 11.23 5.44
CA ILE A 37 -5.12 11.91 4.22
C ILE A 37 -5.30 11.01 3.01
N ILE A 38 -5.36 9.70 3.25
CA ILE A 38 -5.52 8.72 2.19
C ILE A 38 -6.91 8.08 2.25
N GLY A 39 -7.38 7.82 3.46
CA GLY A 39 -8.68 7.20 3.63
C GLY A 39 -8.62 5.94 4.46
N ARG A 40 -7.46 5.28 4.44
CA ARG A 40 -7.28 4.04 5.19
C ARG A 40 -6.71 4.33 6.57
N THR A 41 -6.60 3.28 7.39
CA THR A 41 -6.07 3.41 8.74
C THR A 41 -4.55 3.39 8.74
N ALA A 42 -3.95 4.11 9.69
CA ALA A 42 -2.50 4.16 9.80
C ALA A 42 -1.88 2.78 9.58
N ALA A 43 -2.36 1.79 10.32
CA ALA A 43 -1.86 0.43 10.20
C ALA A 43 -2.03 -0.09 8.78
N GLN A 44 -3.19 0.18 8.18
CA GLN A 44 -3.46 -0.28 6.83
C GLN A 44 -2.49 0.35 5.83
N CYS A 45 -2.30 1.66 5.95
CA CYS A 45 -1.39 2.38 5.06
C CYS A 45 0.04 1.85 5.19
N LEU A 46 0.48 1.65 6.43
CA LEU A 46 1.82 1.15 6.69
C LEU A 46 1.96 -0.29 6.20
N GLU A 47 0.98 -1.12 6.52
CA GLU A 47 1.00 -2.52 6.12
C GLU A 47 0.99 -2.65 4.60
N HIS A 48 0.04 -1.97 3.96
CA HIS A 48 -0.07 -2.00 2.51
C HIS A 48 1.14 -1.36 1.85
N TYR A 49 1.48 -0.16 2.29
CA TYR A 49 2.63 0.56 1.73
C TYR A 49 3.86 -0.34 1.69
N GLU A 50 4.37 -0.70 2.86
CA GLU A 50 5.55 -1.55 2.95
C GLU A 50 5.44 -2.73 2.00
N PHE A 51 4.28 -3.37 1.97
CA PHE A 51 4.04 -4.52 1.11
C PHE A 51 4.34 -4.17 -0.34
N LEU A 52 3.97 -2.96 -0.75
CA LEU A 52 4.20 -2.51 -2.12
C LEU A 52 5.68 -2.52 -2.45
N LEU A 53 6.49 -2.01 -1.53
CA LEU A 53 7.94 -1.96 -1.73
C LEU A 53 8.48 -3.34 -2.09
N ASP A 54 8.15 -4.33 -1.27
CA ASP A 54 8.61 -5.70 -1.51
C ASP A 54 7.95 -6.28 -2.76
N LYS A 55 6.66 -6.01 -2.92
CA LYS A 55 5.91 -6.51 -4.06
C LYS A 55 6.61 -6.15 -5.37
N ALA A 56 7.06 -4.90 -5.46
CA ALA A 56 7.74 -4.42 -6.66
C ALA A 56 8.86 -5.37 -7.06
N ALA A 57 9.63 -5.82 -6.08
CA ALA A 57 10.74 -6.74 -6.33
C ALA A 57 10.22 -8.09 -6.83
N GLN A 58 9.30 -8.68 -6.06
CA GLN A 58 8.73 -9.97 -6.43
C GLN A 58 8.25 -9.98 -7.87
N ARG A 59 7.51 -8.93 -8.23
CA ARG A 59 6.98 -8.81 -9.59
C ARG A 59 8.10 -8.93 -10.62
N ASP A 60 7.87 -9.75 -11.64
CA ASP A 60 8.86 -9.95 -12.70
C ASP A 60 10.17 -10.49 -12.12
N SER A 61 10.06 -11.45 -11.21
CA SER A 61 11.23 -12.04 -10.59
C SER A 61 11.51 -13.43 -11.16
N GLY A 62 12.65 -13.56 -11.85
CA GLY A 62 13.01 -14.83 -12.44
C GLY A 62 12.37 -15.05 -13.80
N PRO A 63 12.73 -16.16 -14.46
CA PRO A 63 12.21 -16.50 -15.78
C PRO A 63 10.74 -16.89 -15.74
N SER A 64 10.02 -16.57 -16.81
CA SER A 64 8.59 -16.88 -16.89
C SER A 64 8.32 -17.89 -18.01
N SER A 65 8.69 -17.50 -19.23
CA SER A 65 8.48 -18.35 -20.40
C SER A 65 9.79 -19.03 -20.83
N GLY A 66 9.94 -20.30 -20.47
CA GLY A 66 11.15 -21.02 -20.81
C GLY A 66 11.42 -22.17 -19.88
N GLY A 1 3.46 -11.70 -14.19
CA GLY A 1 2.59 -11.85 -15.34
C GLY A 1 1.31 -11.05 -15.21
N SER A 2 0.21 -11.61 -15.71
CA SER A 2 -1.09 -10.94 -15.65
C SER A 2 -1.58 -10.85 -14.21
N SER A 3 -1.21 -9.76 -13.54
CA SER A 3 -1.61 -9.54 -12.15
C SER A 3 -3.13 -9.50 -12.03
N GLY A 4 -3.70 -10.59 -11.54
CA GLY A 4 -5.15 -10.66 -11.37
C GLY A 4 -5.67 -9.60 -10.43
N SER A 5 -6.68 -9.97 -9.65
CA SER A 5 -7.29 -9.03 -8.69
C SER A 5 -8.10 -9.78 -7.65
N SER A 6 -7.70 -9.66 -6.39
CA SER A 6 -8.39 -10.33 -5.29
C SER A 6 -9.39 -9.39 -4.62
N GLY A 7 -10.35 -9.96 -3.92
CA GLY A 7 -11.35 -9.15 -3.24
C GLY A 7 -11.01 -8.91 -1.78
N LYS A 8 -9.83 -8.36 -1.53
CA LYS A 8 -9.38 -8.08 -0.17
C LYS A 8 -10.20 -6.96 0.44
N LYS A 9 -10.65 -7.17 1.67
CA LYS A 9 -11.44 -6.17 2.38
C LYS A 9 -10.84 -4.78 2.22
N THR A 10 -11.52 -3.93 1.47
CA THR A 10 -11.05 -2.57 1.23
C THR A 10 -9.80 -2.56 0.36
N GLU A 11 -9.79 -3.41 -0.65
CA GLU A 11 -8.66 -3.51 -1.56
C GLU A 11 -8.15 -2.13 -1.94
N TRP A 12 -6.86 -2.04 -2.25
CA TRP A 12 -6.24 -0.77 -2.62
C TRP A 12 -6.25 -0.58 -4.12
N SER A 13 -6.29 0.68 -4.57
CA SER A 13 -6.31 0.99 -5.99
C SER A 13 -5.07 1.79 -6.38
N ARG A 14 -4.74 1.75 -7.67
CA ARG A 14 -3.57 2.46 -8.18
C ARG A 14 -3.46 3.84 -7.54
N GLU A 15 -4.60 4.49 -7.34
CA GLU A 15 -4.63 5.82 -6.74
C GLU A 15 -4.14 5.78 -5.30
N GLU A 16 -4.86 5.04 -4.46
CA GLU A 16 -4.50 4.92 -3.05
C GLU A 16 -3.01 4.57 -2.90
N GLU A 17 -2.51 3.72 -3.79
CA GLU A 17 -1.12 3.31 -3.75
C GLU A 17 -0.20 4.48 -4.11
N GLU A 18 -0.31 4.93 -5.36
CA GLU A 18 0.52 6.04 -5.85
C GLU A 18 0.73 7.07 -4.75
N LYS A 19 -0.37 7.59 -4.20
CA LYS A 19 -0.31 8.58 -3.14
C LYS A 19 0.39 8.02 -1.90
N LEU A 20 0.14 6.74 -1.62
CA LEU A 20 0.75 6.08 -0.47
C LEU A 20 2.27 6.16 -0.54
N LEU A 21 2.83 5.72 -1.66
CA LEU A 21 4.28 5.73 -1.86
C LEU A 21 4.84 7.13 -1.62
N HIS A 22 4.10 8.14 -2.05
CA HIS A 22 4.52 9.53 -1.88
C HIS A 22 4.44 9.96 -0.42
N LEU A 23 3.22 9.90 0.13
CA LEU A 23 3.00 10.28 1.52
C LEU A 23 4.01 9.60 2.44
N ALA A 24 4.11 8.28 2.32
CA ALA A 24 5.04 7.51 3.13
C ALA A 24 6.40 8.19 3.21
N LYS A 25 6.90 8.63 2.06
CA LYS A 25 8.19 9.30 1.99
C LYS A 25 8.14 10.67 2.67
N LEU A 26 7.06 11.40 2.44
CA LEU A 26 6.89 12.72 3.03
C LEU A 26 6.93 12.64 4.55
N MET A 27 6.07 11.80 5.12
CA MET A 27 6.00 11.63 6.57
C MET A 27 5.92 10.15 6.94
N PRO A 28 7.09 9.50 7.03
CA PRO A 28 7.17 8.08 7.37
C PRO A 28 6.80 7.81 8.82
N THR A 29 6.80 8.86 9.63
CA THR A 29 6.45 8.75 11.05
C THR A 29 5.17 9.51 11.37
N GLN A 30 4.29 9.61 10.38
CA GLN A 30 3.02 10.32 10.57
C GLN A 30 1.87 9.52 9.98
N TRP A 31 1.93 8.19 10.14
CA TRP A 31 0.88 7.32 9.63
C TRP A 31 -0.50 7.77 10.10
N ARG A 32 -0.56 8.24 11.33
CA ARG A 32 -1.82 8.70 11.91
C ARG A 32 -2.39 9.87 11.10
N THR A 33 -1.53 10.53 10.34
CA THR A 33 -1.94 11.67 9.52
C THR A 33 -2.19 11.24 8.08
N ILE A 34 -1.35 10.34 7.58
CA ILE A 34 -1.49 9.85 6.21
C ILE A 34 -2.69 8.92 6.08
N ALA A 35 -3.12 8.36 7.20
CA ALA A 35 -4.26 7.47 7.20
C ALA A 35 -5.53 8.18 6.75
N PRO A 36 -5.90 9.24 7.46
CA PRO A 36 -7.09 10.05 7.14
C PRO A 36 -6.93 10.84 5.84
N ILE A 37 -5.69 10.98 5.39
CA ILE A 37 -5.41 11.71 4.17
C ILE A 37 -5.53 10.81 2.95
N ILE A 38 -5.41 9.51 3.16
CA ILE A 38 -5.51 8.54 2.07
C ILE A 38 -6.87 7.84 2.08
N GLY A 39 -7.38 7.59 3.28
CA GLY A 39 -8.67 6.93 3.41
C GLY A 39 -8.62 5.71 4.30
N ARG A 40 -7.46 5.06 4.33
CA ARG A 40 -7.28 3.86 5.16
C ARG A 40 -6.72 4.23 6.53
N THR A 41 -6.65 3.23 7.41
CA THR A 41 -6.14 3.44 8.76
C THR A 41 -4.61 3.42 8.78
N ALA A 42 -4.03 3.99 9.84
CA ALA A 42 -2.58 4.02 9.97
C ALA A 42 -1.96 2.66 9.71
N ALA A 43 -2.50 1.64 10.38
CA ALA A 43 -2.00 0.28 10.21
C ALA A 43 -2.16 -0.20 8.77
N GLN A 44 -3.30 0.14 8.17
CA GLN A 44 -3.57 -0.25 6.79
C GLN A 44 -2.57 0.40 5.83
N CYS A 45 -2.28 1.66 6.05
CA CYS A 45 -1.34 2.40 5.21
C CYS A 45 0.08 1.83 5.36
N LEU A 46 0.50 1.64 6.60
CA LEU A 46 1.83 1.10 6.88
C LEU A 46 1.96 -0.33 6.37
N GLU A 47 0.97 -1.16 6.70
CA GLU A 47 0.97 -2.55 6.28
C GLU A 47 0.96 -2.66 4.76
N HIS A 48 0.00 -1.98 4.13
CA HIS A 48 -0.12 -2.00 2.68
C HIS A 48 1.12 -1.42 2.02
N TYR A 49 1.54 -0.24 2.47
CA TYR A 49 2.71 0.42 1.92
C TYR A 49 3.87 -0.56 1.76
N GLU A 50 4.43 -1.00 2.89
CA GLU A 50 5.54 -1.94 2.87
C GLU A 50 5.29 -3.07 1.87
N PHE A 51 4.11 -3.68 1.97
CA PHE A 51 3.74 -4.78 1.08
C PHE A 51 4.02 -4.41 -0.38
N LEU A 52 3.70 -3.18 -0.74
CA LEU A 52 3.91 -2.69 -2.10
C LEU A 52 5.39 -2.77 -2.48
N LEU A 53 6.24 -2.30 -1.59
CA LEU A 53 7.69 -2.32 -1.83
C LEU A 53 8.15 -3.71 -2.23
N ASP A 54 7.86 -4.69 -1.38
CA ASP A 54 8.24 -6.07 -1.65
C ASP A 54 7.61 -6.58 -2.95
N LYS A 55 6.34 -6.26 -3.14
CA LYS A 55 5.62 -6.67 -4.34
C LYS A 55 6.34 -6.19 -5.60
N ALA A 56 6.82 -4.95 -5.56
CA ALA A 56 7.53 -4.38 -6.70
C ALA A 56 8.85 -5.09 -6.95
N ALA A 57 9.52 -5.47 -5.86
CA ALA A 57 10.80 -6.17 -5.96
C ALA A 57 10.61 -7.59 -6.50
N GLN A 58 9.65 -8.31 -5.91
CA GLN A 58 9.38 -9.68 -6.34
C GLN A 58 8.84 -9.72 -7.76
N ARG A 59 7.89 -8.84 -8.06
CA ARG A 59 7.29 -8.77 -9.38
C ARG A 59 8.34 -8.39 -10.42
N ASP A 60 8.46 -9.22 -11.46
CA ASP A 60 9.42 -8.97 -12.53
C ASP A 60 9.18 -7.61 -13.18
N SER A 61 7.95 -7.39 -13.63
CA SER A 61 7.58 -6.14 -14.28
C SER A 61 7.72 -4.97 -13.32
N GLY A 62 7.70 -3.75 -13.86
CA GLY A 62 7.81 -2.57 -13.02
C GLY A 62 8.93 -1.66 -13.48
N PRO A 63 8.63 -0.80 -14.46
CA PRO A 63 9.61 0.16 -15.01
C PRO A 63 9.95 1.26 -14.02
N SER A 64 10.86 2.14 -14.42
CA SER A 64 11.28 3.25 -13.56
C SER A 64 10.43 4.48 -13.81
N SER A 65 9.77 4.96 -12.76
CA SER A 65 8.92 6.13 -12.86
C SER A 65 9.72 7.36 -13.26
N GLY A 66 9.83 7.60 -14.57
CA GLY A 66 10.58 8.74 -15.06
C GLY A 66 9.97 10.06 -14.65
N GLY A 1 6.44 -20.67 8.87
CA GLY A 1 5.16 -21.14 8.37
C GLY A 1 4.67 -20.32 7.19
N SER A 2 3.35 -20.30 6.99
CA SER A 2 2.76 -19.55 5.89
C SER A 2 1.54 -18.77 6.37
N SER A 3 1.07 -17.85 5.53
CA SER A 3 -0.09 -17.03 5.87
C SER A 3 -1.39 -17.78 5.60
N GLY A 4 -2.14 -18.05 6.66
CA GLY A 4 -3.40 -18.76 6.52
C GLY A 4 -4.56 -17.84 6.26
N SER A 5 -5.54 -17.84 7.17
CA SER A 5 -6.71 -17.00 7.03
C SER A 5 -6.37 -15.54 7.30
N SER A 6 -6.38 -14.73 6.25
CA SER A 6 -6.06 -13.31 6.38
C SER A 6 -7.05 -12.62 7.31
N GLY A 7 -8.33 -12.66 6.95
CA GLY A 7 -9.36 -12.03 7.76
C GLY A 7 -10.26 -11.12 6.96
N LYS A 8 -9.86 -9.85 6.84
CA LYS A 8 -10.64 -8.88 6.09
C LYS A 8 -10.14 -8.77 4.65
N LYS A 9 -11.02 -8.34 3.75
CA LYS A 9 -10.66 -8.18 2.34
C LYS A 9 -10.72 -6.72 1.93
N THR A 10 -9.61 -6.22 1.39
CA THR A 10 -9.55 -4.83 0.94
C THR A 10 -8.42 -4.64 -0.06
N GLU A 11 -8.79 -4.33 -1.30
CA GLU A 11 -7.81 -4.13 -2.36
C GLU A 11 -7.61 -2.64 -2.63
N TRP A 12 -6.35 -2.22 -2.72
CA TRP A 12 -6.04 -0.82 -2.98
C TRP A 12 -6.08 -0.52 -4.47
N SER A 13 -6.47 0.72 -4.81
CA SER A 13 -6.55 1.14 -6.20
C SER A 13 -5.29 1.88 -6.63
N ARG A 14 -4.98 1.78 -7.92
CA ARG A 14 -3.79 2.44 -8.46
C ARG A 14 -3.57 3.81 -7.80
N GLU A 15 -4.66 4.55 -7.61
CA GLU A 15 -4.57 5.86 -6.99
C GLU A 15 -4.18 5.75 -5.52
N GLU A 16 -4.89 4.89 -4.79
CA GLU A 16 -4.60 4.69 -3.36
C GLU A 16 -3.12 4.39 -3.15
N GLU A 17 -2.54 3.63 -4.05
CA GLU A 17 -1.12 3.26 -3.96
C GLU A 17 -0.24 4.47 -4.23
N GLU A 18 -0.31 4.99 -5.45
CA GLU A 18 0.49 6.15 -5.83
C GLU A 18 0.57 7.16 -4.70
N LYS A 19 -0.59 7.59 -4.22
CA LYS A 19 -0.65 8.56 -3.13
C LYS A 19 0.05 8.03 -1.88
N LEU A 20 -0.04 6.72 -1.66
CA LEU A 20 0.58 6.08 -0.51
C LEU A 20 2.10 6.22 -0.57
N LEU A 21 2.68 5.78 -1.68
CA LEU A 21 4.13 5.86 -1.86
C LEU A 21 4.63 7.28 -1.65
N HIS A 22 3.82 8.26 -2.04
CA HIS A 22 4.19 9.66 -1.88
C HIS A 22 4.15 10.07 -0.41
N LEU A 23 2.98 9.98 0.21
CA LEU A 23 2.81 10.33 1.60
C LEU A 23 3.84 9.61 2.47
N ALA A 24 3.89 8.28 2.33
CA ALA A 24 4.82 7.47 3.10
C ALA A 24 6.22 8.09 3.10
N LYS A 25 6.69 8.50 1.92
CA LYS A 25 8.00 9.11 1.80
C LYS A 25 8.03 10.49 2.47
N LEU A 26 6.96 11.25 2.30
CA LEU A 26 6.87 12.58 2.89
C LEU A 26 7.00 12.51 4.41
N MET A 27 6.18 11.68 5.03
CA MET A 27 6.21 11.51 6.48
C MET A 27 6.15 10.04 6.87
N PRO A 28 7.32 9.38 6.85
CA PRO A 28 7.42 7.95 7.19
C PRO A 28 7.19 7.69 8.67
N THR A 29 6.90 8.77 9.41
CA THR A 29 6.65 8.65 10.84
C THR A 29 5.37 9.37 11.24
N GLN A 30 4.49 9.57 10.28
CA GLN A 30 3.22 10.26 10.53
C GLN A 30 2.05 9.45 9.97
N TRP A 31 2.13 8.14 10.10
CA TRP A 31 1.08 7.25 9.62
C TRP A 31 -0.28 7.68 10.15
N ARG A 32 -0.32 8.06 11.42
CA ARG A 32 -1.56 8.51 12.04
C ARG A 32 -2.16 9.69 11.30
N THR A 33 -1.32 10.39 10.54
CA THR A 33 -1.76 11.55 9.78
C THR A 33 -2.05 11.17 8.33
N ILE A 34 -1.26 10.26 7.78
CA ILE A 34 -1.44 9.81 6.41
C ILE A 34 -2.71 8.99 6.26
N ALA A 35 -3.19 8.45 7.37
CA ALA A 35 -4.41 7.65 7.37
C ALA A 35 -5.61 8.45 6.90
N PRO A 36 -5.91 9.54 7.63
CA PRO A 36 -7.03 10.43 7.31
C PRO A 36 -6.80 11.22 6.03
N ILE A 37 -5.55 11.23 5.57
CA ILE A 37 -5.20 11.96 4.35
C ILE A 37 -5.37 11.08 3.12
N ILE A 38 -5.45 9.78 3.34
CA ILE A 38 -5.62 8.82 2.24
C ILE A 38 -7.00 8.20 2.26
N GLY A 39 -7.52 7.96 3.47
CA GLY A 39 -8.85 7.38 3.59
C GLY A 39 -8.84 6.11 4.44
N ARG A 40 -7.70 5.43 4.45
CA ARG A 40 -7.57 4.19 5.22
C ARG A 40 -6.99 4.47 6.60
N THR A 41 -6.84 3.42 7.40
CA THR A 41 -6.30 3.55 8.75
C THR A 41 -4.78 3.53 8.73
N ALA A 42 -4.17 4.03 9.79
CA ALA A 42 -2.71 4.07 9.91
C ALA A 42 -2.12 2.69 9.61
N ALA A 43 -2.61 1.68 10.32
CA ALA A 43 -2.13 0.31 10.14
C ALA A 43 -2.27 -0.13 8.68
N GLN A 44 -3.33 0.32 8.04
CA GLN A 44 -3.59 -0.04 6.64
C GLN A 44 -2.50 0.53 5.73
N CYS A 45 -2.26 1.83 5.83
CA CYS A 45 -1.24 2.49 5.02
C CYS A 45 0.11 1.81 5.19
N LEU A 46 0.51 1.61 6.45
CA LEU A 46 1.79 0.98 6.74
C LEU A 46 1.82 -0.46 6.22
N GLU A 47 0.76 -1.22 6.52
CA GLU A 47 0.68 -2.60 6.08
C GLU A 47 0.79 -2.70 4.56
N HIS A 48 -0.12 -2.04 3.86
CA HIS A 48 -0.12 -2.04 2.41
C HIS A 48 1.19 -1.51 1.86
N TYR A 49 1.56 -0.31 2.29
CA TYR A 49 2.80 0.32 1.83
C TYR A 49 3.95 -0.67 1.86
N GLU A 50 4.35 -1.10 3.05
CA GLU A 50 5.45 -2.04 3.21
C GLU A 50 5.31 -3.18 2.20
N PHE A 51 4.12 -3.74 2.08
CA PHE A 51 3.86 -4.84 1.16
C PHE A 51 4.25 -4.44 -0.27
N LEU A 52 4.01 -3.18 -0.61
CA LEU A 52 4.33 -2.68 -1.94
C LEU A 52 5.82 -2.74 -2.22
N LEU A 53 6.61 -2.30 -1.24
CA LEU A 53 8.06 -2.31 -1.37
C LEU A 53 8.56 -3.70 -1.77
N ASP A 54 8.21 -4.70 -0.97
CA ASP A 54 8.62 -6.07 -1.24
C ASP A 54 7.99 -6.59 -2.53
N LYS A 55 6.71 -6.27 -2.72
CA LYS A 55 5.99 -6.70 -3.91
C LYS A 55 6.74 -6.28 -5.18
N ALA A 56 7.08 -5.00 -5.26
CA ALA A 56 7.80 -4.48 -6.42
C ALA A 56 8.95 -5.40 -6.81
N ALA A 57 9.81 -5.72 -5.85
CA ALA A 57 10.95 -6.60 -6.10
C ALA A 57 10.52 -7.86 -6.85
N GLN A 58 9.38 -8.41 -6.46
CA GLN A 58 8.86 -9.61 -7.09
C GLN A 58 8.79 -9.45 -8.61
N ARG A 59 8.43 -8.24 -9.04
CA ARG A 59 8.31 -7.94 -10.46
C ARG A 59 9.35 -8.71 -11.26
N ASP A 60 8.94 -9.24 -12.41
CA ASP A 60 9.84 -10.00 -13.27
C ASP A 60 10.24 -9.19 -14.49
N SER A 61 10.50 -7.90 -14.28
CA SER A 61 10.88 -7.01 -15.37
C SER A 61 12.14 -7.52 -16.08
N GLY A 62 11.95 -8.30 -17.13
CA GLY A 62 13.07 -8.85 -17.88
C GLY A 62 13.18 -8.25 -19.26
N PRO A 63 14.41 -8.24 -19.80
CA PRO A 63 14.69 -7.70 -21.14
C PRO A 63 14.10 -8.55 -22.24
N SER A 64 13.78 -9.80 -21.92
CA SER A 64 13.20 -10.73 -22.88
C SER A 64 12.25 -11.70 -22.21
N SER A 65 11.00 -11.73 -22.67
CA SER A 65 10.00 -12.61 -22.10
C SER A 65 8.71 -12.58 -22.93
N GLY A 66 7.84 -13.55 -22.70
CA GLY A 66 6.59 -13.62 -23.43
C GLY A 66 6.79 -13.91 -24.90
N GLY A 1 -6.05 -28.67 14.27
CA GLY A 1 -6.22 -28.14 12.93
C GLY A 1 -7.37 -27.15 12.84
N SER A 2 -7.13 -25.94 13.30
CA SER A 2 -8.15 -24.89 13.26
C SER A 2 -7.74 -23.76 12.33
N SER A 3 -8.73 -23.00 11.86
CA SER A 3 -8.47 -21.89 10.96
C SER A 3 -8.93 -20.57 11.58
N GLY A 4 -7.97 -19.68 11.83
CA GLY A 4 -8.29 -18.40 12.42
C GLY A 4 -8.00 -17.24 11.48
N SER A 5 -8.34 -16.03 11.93
CA SER A 5 -8.12 -14.84 11.12
C SER A 5 -8.22 -13.58 11.97
N SER A 6 -7.41 -12.58 11.63
CA SER A 6 -7.39 -11.32 12.37
C SER A 6 -8.47 -10.37 11.84
N GLY A 7 -8.54 -10.25 10.52
CA GLY A 7 -9.52 -9.38 9.91
C GLY A 7 -9.35 -9.27 8.40
N LYS A 8 -10.38 -8.77 7.73
CA LYS A 8 -10.35 -8.63 6.28
C LYS A 8 -9.85 -7.24 5.87
N LYS A 9 -8.55 -7.13 5.64
CA LYS A 9 -7.95 -5.85 5.25
C LYS A 9 -8.71 -5.23 4.09
N THR A 10 -8.69 -3.90 4.02
CA THR A 10 -9.38 -3.18 2.95
C THR A 10 -8.54 -3.17 1.67
N GLU A 11 -9.20 -3.45 0.55
CA GLU A 11 -8.51 -3.47 -0.74
C GLU A 11 -8.19 -2.06 -1.21
N TRP A 12 -6.96 -1.86 -1.68
CA TRP A 12 -6.52 -0.56 -2.15
C TRP A 12 -6.71 -0.44 -3.66
N SER A 13 -6.57 0.78 -4.19
CA SER A 13 -6.73 1.02 -5.60
C SER A 13 -5.44 1.59 -6.21
N ARG A 14 -5.26 1.36 -7.51
CA ARG A 14 -4.07 1.85 -8.20
C ARG A 14 -3.80 3.31 -7.85
N GLU A 15 -4.84 4.01 -7.38
CA GLU A 15 -4.70 5.41 -7.02
C GLU A 15 -4.21 5.56 -5.58
N GLU A 16 -4.83 4.81 -4.67
CA GLU A 16 -4.45 4.86 -3.26
C GLU A 16 -2.96 4.56 -3.09
N GLU A 17 -2.43 3.71 -3.97
CA GLU A 17 -1.03 3.34 -3.91
C GLU A 17 -0.13 4.53 -4.27
N GLU A 18 -0.21 4.96 -5.52
CA GLU A 18 0.59 6.09 -5.98
C GLU A 18 0.75 7.14 -4.88
N LYS A 19 -0.37 7.62 -4.36
CA LYS A 19 -0.36 8.63 -3.30
C LYS A 19 0.30 8.08 -2.05
N LEU A 20 0.09 6.79 -1.78
CA LEU A 20 0.67 6.15 -0.60
C LEU A 20 2.19 6.25 -0.62
N LEU A 21 2.79 5.80 -1.72
CA LEU A 21 4.24 5.85 -1.87
C LEU A 21 4.78 7.25 -1.61
N HIS A 22 4.04 8.26 -2.08
CA HIS A 22 4.44 9.65 -1.89
C HIS A 22 4.38 10.04 -0.42
N LEU A 23 3.19 9.96 0.16
CA LEU A 23 3.00 10.31 1.56
C LEU A 23 3.97 9.53 2.45
N ALA A 24 3.87 8.21 2.41
CA ALA A 24 4.73 7.35 3.21
C ALA A 24 6.15 7.92 3.29
N LYS A 25 6.69 8.33 2.16
CA LYS A 25 8.03 8.90 2.09
C LYS A 25 8.08 10.25 2.80
N LEU A 26 7.14 11.12 2.47
CA LEU A 26 7.08 12.44 3.07
C LEU A 26 7.13 12.35 4.59
N MET A 27 6.20 11.59 5.16
CA MET A 27 6.14 11.41 6.61
C MET A 27 5.94 9.94 6.97
N PRO A 28 7.06 9.20 7.08
CA PRO A 28 7.03 7.78 7.43
C PRO A 28 6.61 7.53 8.87
N THR A 29 6.90 8.51 9.73
CA THR A 29 6.55 8.40 11.14
C THR A 29 5.30 9.21 11.47
N GLN A 30 4.44 9.38 10.47
CA GLN A 30 3.21 10.15 10.64
C GLN A 30 2.02 9.41 10.05
N TRP A 31 2.02 8.08 10.19
CA TRP A 31 0.93 7.25 9.67
C TRP A 31 -0.42 7.74 10.17
N ARG A 32 -0.45 8.25 11.40
CA ARG A 32 -1.67 8.76 12.00
C ARG A 32 -2.20 9.95 11.21
N THR A 33 -1.33 10.58 10.44
CA THR A 33 -1.71 11.74 9.64
C THR A 33 -2.02 11.33 8.20
N ILE A 34 -1.24 10.40 7.67
CA ILE A 34 -1.44 9.92 6.30
C ILE A 34 -2.70 9.07 6.19
N ALA A 35 -3.10 8.47 7.31
CA ALA A 35 -4.29 7.63 7.33
C ALA A 35 -5.53 8.43 6.95
N PRO A 36 -5.82 9.48 7.72
CA PRO A 36 -6.98 10.34 7.49
C PRO A 36 -6.83 11.19 6.23
N ILE A 37 -5.61 11.24 5.70
CA ILE A 37 -5.34 12.01 4.50
C ILE A 37 -5.55 11.16 3.24
N ILE A 38 -5.59 9.84 3.43
CA ILE A 38 -5.79 8.93 2.32
C ILE A 38 -7.16 8.27 2.39
N GLY A 39 -7.58 7.94 3.60
CA GLY A 39 -8.89 7.30 3.79
C GLY A 39 -8.79 6.03 4.59
N ARG A 40 -7.63 5.37 4.52
CA ARG A 40 -7.42 4.11 5.24
C ARG A 40 -6.89 4.39 6.64
N THR A 41 -6.68 3.32 7.40
CA THR A 41 -6.16 3.44 8.77
C THR A 41 -4.65 3.39 8.79
N ALA A 42 -4.05 4.04 9.78
CA ALA A 42 -2.60 4.06 9.92
C ALA A 42 -2.00 2.69 9.66
N ALA A 43 -2.54 1.68 10.33
CA ALA A 43 -2.06 0.31 10.16
C ALA A 43 -2.24 -0.17 8.72
N GLN A 44 -3.39 0.13 8.14
CA GLN A 44 -3.68 -0.26 6.78
C GLN A 44 -2.69 0.36 5.80
N CYS A 45 -2.41 1.64 5.99
CA CYS A 45 -1.48 2.36 5.13
C CYS A 45 -0.08 1.77 5.23
N LEU A 46 0.41 1.64 6.46
CA LEU A 46 1.75 1.09 6.70
C LEU A 46 1.83 -0.35 6.21
N GLU A 47 0.78 -1.12 6.46
CA GLU A 47 0.74 -2.52 6.05
C GLU A 47 0.82 -2.64 4.53
N HIS A 48 -0.09 -1.96 3.84
CA HIS A 48 -0.12 -1.99 2.38
C HIS A 48 1.18 -1.45 1.79
N TYR A 49 1.57 -0.25 2.22
CA TYR A 49 2.79 0.37 1.74
C TYR A 49 3.94 -0.62 1.74
N GLU A 50 4.39 -1.01 2.93
CA GLU A 50 5.48 -1.97 3.06
C GLU A 50 5.33 -3.13 2.09
N PHE A 51 4.11 -3.66 2.01
CA PHE A 51 3.82 -4.78 1.11
C PHE A 51 4.15 -4.41 -0.33
N LEU A 52 3.83 -3.19 -0.71
CA LEU A 52 4.09 -2.72 -2.07
C LEU A 52 5.57 -2.82 -2.40
N LEU A 53 6.41 -2.31 -1.50
CA LEU A 53 7.85 -2.34 -1.69
C LEU A 53 8.32 -3.73 -2.12
N ASP A 54 7.93 -4.73 -1.34
CA ASP A 54 8.31 -6.11 -1.63
C ASP A 54 7.70 -6.57 -2.96
N LYS A 55 6.40 -6.32 -3.13
CA LYS A 55 5.70 -6.70 -4.34
C LYS A 55 6.45 -6.21 -5.57
N ALA A 56 6.92 -4.97 -5.52
CA ALA A 56 7.65 -4.38 -6.64
C ALA A 56 8.98 -5.09 -6.85
N ALA A 57 9.67 -5.39 -5.76
CA ALA A 57 10.96 -6.06 -5.83
C ALA A 57 10.82 -7.46 -6.45
N GLN A 58 9.87 -8.23 -5.95
CA GLN A 58 9.63 -9.58 -6.46
C GLN A 58 9.19 -9.53 -7.92
N ARG A 59 8.30 -8.60 -8.24
CA ARG A 59 7.81 -8.46 -9.60
C ARG A 59 8.91 -8.71 -10.62
N ASP A 60 8.56 -9.35 -11.73
CA ASP A 60 9.52 -9.64 -12.79
C ASP A 60 10.15 -8.36 -13.33
N SER A 61 11.18 -8.52 -14.15
CA SER A 61 11.87 -7.37 -14.74
C SER A 61 11.91 -6.20 -13.76
N GLY A 62 12.23 -6.50 -12.51
CA GLY A 62 12.29 -5.45 -11.50
C GLY A 62 13.71 -5.00 -11.23
N PRO A 63 13.88 -3.71 -10.91
CA PRO A 63 15.18 -3.12 -10.63
C PRO A 63 15.77 -3.61 -9.30
N SER A 64 15.02 -4.48 -8.62
CA SER A 64 15.45 -5.02 -7.34
C SER A 64 16.94 -5.39 -7.39
N SER A 65 17.59 -5.35 -6.23
CA SER A 65 19.01 -5.69 -6.14
C SER A 65 19.38 -6.09 -4.72
N GLY A 66 20.58 -6.61 -4.55
CA GLY A 66 21.05 -7.03 -3.25
C GLY A 66 20.44 -8.35 -2.81
N GLY A 1 -23.81 -2.04 7.57
CA GLY A 1 -23.84 -2.21 9.01
C GLY A 1 -22.58 -2.83 9.57
N SER A 2 -22.48 -2.90 10.88
CA SER A 2 -21.30 -3.48 11.53
C SER A 2 -21.35 -5.01 11.48
N SER A 3 -22.49 -5.57 11.91
CA SER A 3 -22.66 -7.02 11.93
C SER A 3 -22.11 -7.64 10.64
N GLY A 4 -21.56 -8.84 10.76
CA GLY A 4 -21.00 -9.53 9.61
C GLY A 4 -19.64 -9.00 9.22
N SER A 5 -18.64 -9.26 10.06
CA SER A 5 -17.29 -8.80 9.79
C SER A 5 -16.32 -9.98 9.69
N SER A 6 -15.94 -10.34 8.47
CA SER A 6 -15.03 -11.44 8.24
C SER A 6 -13.58 -10.96 8.16
N GLY A 7 -12.94 -10.86 9.32
CA GLY A 7 -11.56 -10.41 9.38
C GLY A 7 -11.40 -9.00 8.82
N LYS A 8 -10.18 -8.68 8.39
CA LYS A 8 -9.90 -7.36 7.84
C LYS A 8 -9.22 -7.48 6.47
N LYS A 9 -9.98 -7.19 5.43
CA LYS A 9 -9.47 -7.26 4.06
C LYS A 9 -9.89 -6.03 3.26
N THR A 10 -8.91 -5.22 2.86
CA THR A 10 -9.18 -4.01 2.09
C THR A 10 -8.37 -4.00 0.80
N GLU A 11 -9.05 -3.86 -0.33
CA GLU A 11 -8.39 -3.84 -1.63
C GLU A 11 -8.06 -2.40 -2.03
N TRP A 12 -6.80 -2.15 -2.35
CA TRP A 12 -6.37 -0.82 -2.76
C TRP A 12 -6.40 -0.68 -4.27
N SER A 13 -6.27 0.56 -4.75
CA SER A 13 -6.29 0.83 -6.19
C SER A 13 -5.09 1.67 -6.59
N ARG A 14 -4.69 1.56 -7.85
CA ARG A 14 -3.56 2.31 -8.36
C ARG A 14 -3.50 3.70 -7.74
N GLU A 15 -4.64 4.35 -7.63
CA GLU A 15 -4.72 5.69 -7.05
C GLU A 15 -4.26 5.67 -5.59
N GLU A 16 -4.99 4.94 -4.75
CA GLU A 16 -4.67 4.84 -3.34
C GLU A 16 -3.18 4.57 -3.15
N GLU A 17 -2.61 3.74 -4.02
CA GLU A 17 -1.20 3.40 -3.94
C GLU A 17 -0.33 4.61 -4.26
N GLU A 18 -0.42 5.08 -5.50
CA GLU A 18 0.36 6.25 -5.92
C GLU A 18 0.48 7.27 -4.80
N LYS A 19 -0.66 7.73 -4.31
CA LYS A 19 -0.68 8.72 -3.22
C LYS A 19 0.01 8.17 -1.98
N LEU A 20 -0.12 6.87 -1.75
CA LEU A 20 0.49 6.23 -0.60
C LEU A 20 2.01 6.34 -0.65
N LEU A 21 2.60 5.92 -1.77
CA LEU A 21 4.04 5.97 -1.95
C LEU A 21 4.56 7.38 -1.72
N HIS A 22 3.77 8.38 -2.14
CA HIS A 22 4.16 9.78 -1.97
C HIS A 22 4.15 10.17 -0.50
N LEU A 23 3.00 10.04 0.14
CA LEU A 23 2.87 10.39 1.55
C LEU A 23 3.82 9.55 2.41
N ALA A 24 3.70 8.23 2.31
CA ALA A 24 4.55 7.33 3.06
C ALA A 24 6.00 7.81 3.08
N LYS A 25 6.51 8.18 1.92
CA LYS A 25 7.87 8.67 1.80
C LYS A 25 8.03 10.04 2.46
N LEU A 26 7.01 10.87 2.31
CA LEU A 26 7.02 12.22 2.90
C LEU A 26 7.15 12.14 4.42
N MET A 27 6.25 11.39 5.04
CA MET A 27 6.26 11.22 6.49
C MET A 27 6.06 9.76 6.87
N PRO A 28 7.18 9.03 7.00
CA PRO A 28 7.16 7.61 7.36
C PRO A 28 6.75 7.39 8.81
N THR A 29 6.94 8.41 9.64
CA THR A 29 6.60 8.33 11.05
C THR A 29 5.37 9.18 11.36
N GLN A 30 4.48 9.30 10.38
CA GLN A 30 3.26 10.08 10.55
C GLN A 30 2.05 9.34 9.99
N TRP A 31 2.02 8.02 10.20
CA TRP A 31 0.93 7.20 9.71
C TRP A 31 -0.41 7.69 10.26
N ARG A 32 -0.41 8.16 11.50
CA ARG A 32 -1.62 8.66 12.13
C ARG A 32 -2.13 9.91 11.41
N THR A 33 -1.25 10.54 10.64
CA THR A 33 -1.61 11.75 9.90
C THR A 33 -1.97 11.42 8.45
N ILE A 34 -1.25 10.46 7.88
CA ILE A 34 -1.49 10.06 6.49
C ILE A 34 -2.78 9.26 6.37
N ALA A 35 -3.10 8.49 7.42
CA ALA A 35 -4.32 7.69 7.43
C ALA A 35 -5.54 8.52 7.03
N PRO A 36 -5.80 9.59 7.79
CA PRO A 36 -6.93 10.49 7.53
C PRO A 36 -6.74 11.32 6.26
N ILE A 37 -5.51 11.30 5.73
CA ILE A 37 -5.20 12.03 4.51
C ILE A 37 -5.41 11.18 3.27
N ILE A 38 -5.50 9.87 3.48
CA ILE A 38 -5.69 8.93 2.38
C ILE A 38 -7.06 8.26 2.46
N GLY A 39 -7.53 8.02 3.68
CA GLY A 39 -8.83 7.40 3.88
C GLY A 39 -8.75 6.18 4.78
N ARG A 40 -7.65 5.44 4.68
CA ARG A 40 -7.47 4.24 5.49
C ARG A 40 -6.78 4.58 6.81
N THR A 41 -6.58 3.57 7.65
CA THR A 41 -5.93 3.76 8.94
C THR A 41 -4.42 3.59 8.83
N ALA A 42 -3.70 4.12 9.82
CA ALA A 42 -2.24 4.02 9.83
C ALA A 42 -1.78 2.59 9.57
N ALA A 43 -2.33 1.65 10.32
CA ALA A 43 -1.98 0.25 10.16
C ALA A 43 -2.21 -0.22 8.73
N GLN A 44 -3.39 0.06 8.20
CA GLN A 44 -3.73 -0.34 6.84
C GLN A 44 -2.75 0.26 5.84
N CYS A 45 -2.51 1.56 5.96
CA CYS A 45 -1.59 2.26 5.06
C CYS A 45 -0.19 1.64 5.14
N LEU A 46 0.36 1.60 6.35
CA LEU A 46 1.70 1.05 6.55
C LEU A 46 1.76 -0.40 6.09
N GLU A 47 0.70 -1.16 6.37
CA GLU A 47 0.63 -2.56 5.98
C GLU A 47 0.71 -2.71 4.47
N HIS A 48 -0.13 -1.96 3.76
CA HIS A 48 -0.17 -2.01 2.31
C HIS A 48 1.14 -1.45 1.71
N TYR A 49 1.47 -0.22 2.07
CA TYR A 49 2.68 0.42 1.58
C TYR A 49 3.86 -0.54 1.62
N GLU A 50 4.23 -0.97 2.82
CA GLU A 50 5.33 -1.90 2.99
C GLU A 50 5.24 -3.07 2.00
N PHE A 51 4.06 -3.67 1.93
CA PHE A 51 3.83 -4.79 1.03
C PHE A 51 4.25 -4.44 -0.40
N LEU A 52 3.97 -3.21 -0.80
CA LEU A 52 4.32 -2.75 -2.14
C LEU A 52 5.83 -2.82 -2.36
N LEU A 53 6.59 -2.28 -1.42
CA LEU A 53 8.05 -2.28 -1.51
C LEU A 53 8.56 -3.67 -1.88
N ASP A 54 8.14 -4.66 -1.11
CA ASP A 54 8.56 -6.04 -1.35
C ASP A 54 8.03 -6.54 -2.68
N LYS A 55 6.75 -6.31 -2.94
CA LYS A 55 6.12 -6.74 -4.19
C LYS A 55 6.92 -6.26 -5.39
N ALA A 56 7.37 -5.01 -5.33
CA ALA A 56 8.16 -4.44 -6.42
C ALA A 56 9.38 -5.29 -6.73
N ALA A 57 10.00 -5.82 -5.69
CA ALA A 57 11.19 -6.66 -5.85
C ALA A 57 10.83 -8.03 -6.38
N GLN A 58 9.65 -8.52 -5.99
CA GLN A 58 9.18 -9.83 -6.43
C GLN A 58 8.80 -9.80 -7.91
N ARG A 59 8.03 -8.80 -8.30
CA ARG A 59 7.59 -8.66 -9.68
C ARG A 59 8.80 -8.49 -10.61
N ASP A 60 8.72 -9.12 -11.79
CA ASP A 60 9.80 -9.04 -12.76
C ASP A 60 10.26 -7.60 -12.94
N SER A 61 11.56 -7.42 -13.17
CA SER A 61 12.13 -6.09 -13.35
C SER A 61 12.73 -5.94 -14.75
N GLY A 62 12.23 -4.97 -15.49
CA GLY A 62 12.72 -4.74 -16.84
C GLY A 62 14.14 -4.20 -16.86
N PRO A 63 14.26 -2.86 -16.83
CA PRO A 63 15.56 -2.18 -16.84
C PRO A 63 16.33 -2.38 -15.54
N SER A 64 17.12 -3.45 -15.48
CA SER A 64 17.90 -3.76 -14.29
C SER A 64 19.15 -2.87 -14.21
N SER A 65 19.06 -1.81 -13.42
CA SER A 65 20.17 -0.88 -13.26
C SER A 65 21.37 -1.58 -12.62
N GLY A 66 22.52 -1.52 -13.29
CA GLY A 66 23.72 -2.14 -12.76
C GLY A 66 24.84 -2.20 -13.79
N GLY A 1 -9.02 -26.85 6.65
CA GLY A 1 -9.29 -25.76 7.56
C GLY A 1 -8.35 -24.58 7.35
N SER A 2 -8.48 -23.92 6.21
CA SER A 2 -7.64 -22.78 5.88
C SER A 2 -7.83 -21.66 6.89
N SER A 3 -6.75 -20.93 7.17
CA SER A 3 -6.80 -19.83 8.12
C SER A 3 -8.09 -19.03 7.98
N GLY A 4 -8.30 -18.46 6.78
CA GLY A 4 -9.49 -17.68 6.52
C GLY A 4 -9.18 -16.30 5.97
N SER A 5 -8.75 -15.39 6.85
CA SER A 5 -8.43 -14.04 6.45
C SER A 5 -7.64 -13.33 7.55
N SER A 6 -6.81 -12.36 7.14
CA SER A 6 -5.99 -11.61 8.09
C SER A 6 -6.66 -10.29 8.45
N GLY A 7 -6.81 -10.05 9.74
CA GLY A 7 -7.45 -8.83 10.20
C GLY A 7 -8.57 -8.38 9.29
N LYS A 8 -8.61 -7.08 8.99
CA LYS A 8 -9.64 -6.52 8.13
C LYS A 8 -9.33 -6.81 6.66
N LYS A 9 -10.31 -6.57 5.80
CA LYS A 9 -10.14 -6.79 4.37
C LYS A 9 -10.41 -5.52 3.58
N THR A 10 -9.48 -5.17 2.69
CA THR A 10 -9.61 -3.97 1.87
C THR A 10 -8.76 -4.05 0.62
N GLU A 11 -9.30 -3.63 -0.50
CA GLU A 11 -8.57 -3.66 -1.77
C GLU A 11 -8.10 -2.27 -2.16
N TRP A 12 -6.82 -2.15 -2.46
CA TRP A 12 -6.23 -0.87 -2.85
C TRP A 12 -6.26 -0.69 -4.36
N SER A 13 -6.31 0.57 -4.80
CA SER A 13 -6.36 0.88 -6.22
C SER A 13 -5.09 1.63 -6.65
N ARG A 14 -4.69 1.41 -7.90
CA ARG A 14 -3.49 2.07 -8.43
C ARG A 14 -3.33 3.47 -7.85
N GLU A 15 -4.44 4.21 -7.78
CA GLU A 15 -4.42 5.56 -7.23
C GLU A 15 -4.02 5.54 -5.75
N GLU A 16 -4.82 4.87 -4.94
CA GLU A 16 -4.56 4.79 -3.51
C GLU A 16 -3.09 4.50 -3.24
N GLU A 17 -2.49 3.68 -4.08
CA GLU A 17 -1.08 3.33 -3.94
C GLU A 17 -0.18 4.54 -4.20
N GLU A 18 -0.25 5.06 -5.42
CA GLU A 18 0.55 6.22 -5.80
C GLU A 18 0.65 7.21 -4.64
N LYS A 19 -0.49 7.68 -4.17
CA LYS A 19 -0.53 8.63 -3.06
C LYS A 19 0.15 8.06 -1.82
N LEU A 20 0.00 6.75 -1.63
CA LEU A 20 0.59 6.08 -0.48
C LEU A 20 2.12 6.19 -0.51
N LEU A 21 2.71 5.80 -1.63
CA LEU A 21 4.16 5.86 -1.79
C LEU A 21 4.67 7.28 -1.55
N HIS A 22 3.88 8.27 -1.96
CA HIS A 22 4.24 9.67 -1.78
C HIS A 22 4.21 10.06 -0.31
N LEU A 23 3.03 9.98 0.29
CA LEU A 23 2.86 10.33 1.70
C LEU A 23 3.76 9.48 2.58
N ALA A 24 3.65 8.16 2.44
CA ALA A 24 4.46 7.23 3.22
C ALA A 24 5.91 7.69 3.29
N LYS A 25 6.46 8.07 2.14
CA LYS A 25 7.84 8.53 2.07
C LYS A 25 7.99 9.90 2.74
N LEU A 26 7.05 10.79 2.48
CA LEU A 26 7.08 12.12 3.06
C LEU A 26 7.15 12.07 4.58
N MET A 27 6.19 11.37 5.18
CA MET A 27 6.15 11.23 6.64
C MET A 27 5.86 9.79 7.03
N PRO A 28 6.92 8.98 7.18
CA PRO A 28 6.81 7.57 7.56
C PRO A 28 6.34 7.40 9.01
N THR A 29 6.90 8.20 9.91
CA THR A 29 6.54 8.13 11.31
C THR A 29 5.33 9.00 11.63
N GLN A 30 4.53 9.28 10.60
CA GLN A 30 3.33 10.10 10.75
C GLN A 30 2.12 9.42 10.13
N TRP A 31 2.04 8.10 10.30
CA TRP A 31 0.92 7.33 9.75
C TRP A 31 -0.41 7.90 10.24
N ARG A 32 -0.43 8.41 11.46
CA ARG A 32 -1.64 8.98 12.03
C ARG A 32 -2.14 10.15 11.18
N THR A 33 -1.25 10.71 10.38
CA THR A 33 -1.60 11.84 9.51
C THR A 33 -1.93 11.37 8.10
N ILE A 34 -1.18 10.39 7.62
CA ILE A 34 -1.40 9.84 6.28
C ILE A 34 -2.66 9.00 6.22
N ALA A 35 -3.13 8.56 7.39
CA ALA A 35 -4.33 7.73 7.47
C ALA A 35 -5.55 8.54 7.04
N PRO A 36 -5.81 9.65 7.73
CA PRO A 36 -6.95 10.53 7.44
C PRO A 36 -6.79 11.27 6.11
N ILE A 37 -5.58 11.26 5.58
CA ILE A 37 -5.30 11.92 4.31
C ILE A 37 -5.59 11.00 3.13
N ILE A 38 -5.55 9.69 3.38
CA ILE A 38 -5.82 8.70 2.34
C ILE A 38 -7.22 8.13 2.48
N GLY A 39 -7.64 7.89 3.72
CA GLY A 39 -8.96 7.34 3.96
C GLY A 39 -8.92 6.12 4.85
N ARG A 40 -7.79 5.41 4.85
CA ARG A 40 -7.64 4.21 5.66
C ARG A 40 -6.90 4.53 6.96
N THR A 41 -6.73 3.52 7.80
CA THR A 41 -6.04 3.68 9.08
C THR A 41 -4.53 3.61 8.90
N ALA A 42 -3.80 4.18 9.86
CA ALA A 42 -2.34 4.17 9.81
C ALA A 42 -1.80 2.75 9.65
N ALA A 43 -2.28 1.85 10.48
CA ALA A 43 -1.85 0.45 10.42
C ALA A 43 -2.04 -0.13 9.02
N GLN A 44 -3.21 0.13 8.45
CA GLN A 44 -3.52 -0.37 7.11
C GLN A 44 -2.58 0.22 6.07
N CYS A 45 -2.50 1.55 6.04
CA CYS A 45 -1.64 2.24 5.09
C CYS A 45 -0.21 1.71 5.17
N LEU A 46 0.30 1.55 6.39
CA LEU A 46 1.65 1.06 6.60
C LEU A 46 1.79 -0.37 6.09
N GLU A 47 0.85 -1.23 6.48
CA GLU A 47 0.87 -2.63 6.06
C GLU A 47 0.92 -2.74 4.53
N HIS A 48 -0.08 -2.18 3.87
CA HIS A 48 -0.15 -2.21 2.42
C HIS A 48 1.10 -1.56 1.80
N TYR A 49 1.47 -0.39 2.30
CA TYR A 49 2.62 0.32 1.80
C TYR A 49 3.84 -0.60 1.69
N GLU A 50 4.38 -0.99 2.84
CA GLU A 50 5.54 -1.87 2.88
C GLU A 50 5.38 -3.02 1.89
N PHE A 51 4.18 -3.58 1.83
CA PHE A 51 3.88 -4.68 0.93
C PHE A 51 4.16 -4.29 -0.53
N LEU A 52 3.81 -3.04 -0.86
CA LEU A 52 4.02 -2.54 -2.22
C LEU A 52 5.49 -2.55 -2.59
N LEU A 53 6.33 -2.13 -1.65
CA LEU A 53 7.77 -2.09 -1.86
C LEU A 53 8.31 -3.46 -2.25
N ASP A 54 8.00 -4.46 -1.44
CA ASP A 54 8.44 -5.83 -1.70
C ASP A 54 7.75 -6.39 -2.94
N LYS A 55 6.46 -6.11 -3.08
CA LYS A 55 5.68 -6.59 -4.21
C LYS A 55 6.38 -6.27 -5.53
N ALA A 56 6.89 -5.05 -5.64
CA ALA A 56 7.59 -4.61 -6.84
C ALA A 56 8.93 -5.32 -6.98
N ALA A 57 9.63 -5.48 -5.86
CA ALA A 57 10.93 -6.14 -5.86
C ALA A 57 10.81 -7.59 -6.33
N GLN A 58 9.83 -8.30 -5.77
CA GLN A 58 9.60 -9.70 -6.13
C GLN A 58 9.22 -9.83 -7.60
N ARG A 59 8.30 -8.98 -8.04
CA ARG A 59 7.84 -9.00 -9.42
C ARG A 59 8.93 -8.51 -10.37
N ASP A 60 9.46 -9.42 -11.18
CA ASP A 60 10.51 -9.09 -12.13
C ASP A 60 9.92 -8.50 -13.40
N SER A 61 8.94 -7.62 -13.25
CA SER A 61 8.28 -7.00 -14.40
C SER A 61 9.19 -5.94 -15.02
N GLY A 62 9.19 -5.88 -16.34
CA GLY A 62 10.01 -4.92 -17.05
C GLY A 62 9.45 -3.51 -16.97
N PRO A 63 10.33 -2.53 -16.75
CA PRO A 63 9.93 -1.12 -16.66
C PRO A 63 9.48 -0.55 -17.99
N SER A 64 8.18 -0.54 -18.22
CA SER A 64 7.61 -0.03 -19.47
C SER A 64 6.42 0.89 -19.19
N SER A 65 6.71 2.15 -18.89
CA SER A 65 5.66 3.12 -18.60
C SER A 65 5.69 4.27 -19.60
N GLY A 66 4.52 4.79 -19.94
CA GLY A 66 4.44 5.89 -20.88
C GLY A 66 3.71 5.51 -22.15
N GLY A 1 -9.20 -12.39 -13.83
CA GLY A 1 -10.36 -11.81 -13.17
C GLY A 1 -11.55 -12.77 -13.17
N SER A 2 -12.07 -13.04 -11.97
CA SER A 2 -13.21 -13.94 -11.83
C SER A 2 -14.48 -13.30 -12.41
N SER A 3 -15.57 -14.07 -12.39
CA SER A 3 -16.84 -13.59 -12.91
C SER A 3 -17.50 -12.62 -11.92
N GLY A 4 -17.71 -13.09 -10.70
CA GLY A 4 -18.33 -12.25 -9.68
C GLY A 4 -17.34 -11.76 -8.65
N SER A 5 -16.80 -10.56 -8.87
CA SER A 5 -15.84 -9.98 -7.96
C SER A 5 -16.49 -9.57 -6.64
N SER A 6 -16.58 -10.53 -5.73
CA SER A 6 -17.19 -10.28 -4.42
C SER A 6 -16.44 -9.19 -3.67
N GLY A 7 -15.11 -9.28 -3.67
CA GLY A 7 -14.30 -8.30 -2.98
C GLY A 7 -14.82 -7.97 -1.60
N LYS A 8 -14.51 -8.82 -0.62
CA LYS A 8 -14.95 -8.62 0.75
C LYS A 8 -13.82 -8.13 1.62
N LYS A 9 -13.01 -7.21 1.09
CA LYS A 9 -11.89 -6.66 1.83
C LYS A 9 -11.36 -5.39 1.15
N THR A 10 -11.20 -4.34 1.93
CA THR A 10 -10.70 -3.07 1.40
C THR A 10 -9.46 -3.27 0.55
N GLU A 11 -9.64 -3.20 -0.78
CA GLU A 11 -8.52 -3.38 -1.70
C GLU A 11 -7.98 -2.03 -2.16
N TRP A 12 -6.66 -1.95 -2.31
CA TRP A 12 -6.02 -0.72 -2.75
C TRP A 12 -6.13 -0.56 -4.26
N SER A 13 -6.44 0.67 -4.70
CA SER A 13 -6.58 0.95 -6.12
C SER A 13 -5.33 1.65 -6.66
N ARG A 14 -5.03 1.42 -7.93
CA ARG A 14 -3.87 2.03 -8.57
C ARG A 14 -3.62 3.43 -8.01
N GLU A 15 -4.70 4.14 -7.69
CA GLU A 15 -4.59 5.49 -7.15
C GLU A 15 -4.15 5.45 -5.70
N GLU A 16 -5.00 4.93 -4.83
CA GLU A 16 -4.70 4.83 -3.41
C GLU A 16 -3.21 4.58 -3.18
N GLU A 17 -2.64 3.71 -4.02
CA GLU A 17 -1.22 3.38 -3.92
C GLU A 17 -0.35 4.60 -4.22
N GLU A 18 -0.47 5.11 -5.44
CA GLU A 18 0.30 6.27 -5.86
C GLU A 18 0.48 7.26 -4.69
N LYS A 19 -0.64 7.72 -4.14
CA LYS A 19 -0.62 8.66 -3.04
C LYS A 19 0.09 8.06 -1.82
N LEU A 20 -0.03 6.74 -1.66
CA LEU A 20 0.59 6.05 -0.54
C LEU A 20 2.11 6.13 -0.63
N LEU A 21 2.66 5.75 -1.78
CA LEU A 21 4.10 5.80 -2.00
C LEU A 21 4.65 7.19 -1.74
N HIS A 22 3.86 8.20 -2.07
CA HIS A 22 4.26 9.59 -1.88
C HIS A 22 4.26 9.95 -0.40
N LEU A 23 3.09 9.88 0.22
CA LEU A 23 2.96 10.19 1.65
C LEU A 23 3.93 9.36 2.49
N ALA A 24 3.85 8.04 2.31
CA ALA A 24 4.72 7.13 3.05
C ALA A 24 6.16 7.64 3.07
N LYS A 25 6.63 8.09 1.90
CA LYS A 25 7.99 8.59 1.78
C LYS A 25 8.14 9.93 2.49
N LEU A 26 7.13 10.78 2.35
CA LEU A 26 7.14 12.10 2.98
C LEU A 26 7.24 11.98 4.49
N MET A 27 6.30 11.25 5.09
CA MET A 27 6.29 11.05 6.53
C MET A 27 6.03 9.59 6.88
N PRO A 28 7.10 8.79 6.92
CA PRO A 28 7.01 7.37 7.24
C PRO A 28 6.65 7.12 8.70
N THR A 29 6.96 8.09 9.56
CA THR A 29 6.66 7.97 10.97
C THR A 29 5.47 8.84 11.37
N GLN A 30 4.58 9.08 10.41
CA GLN A 30 3.40 9.89 10.65
C GLN A 30 2.16 9.24 10.06
N TRP A 31 2.09 7.91 10.13
CA TRP A 31 0.96 7.16 9.60
C TRP A 31 -0.35 7.71 10.15
N ARG A 32 -0.36 8.06 11.43
CA ARG A 32 -1.54 8.60 12.07
C ARG A 32 -2.04 9.85 11.36
N THR A 33 -1.14 10.47 10.57
CA THR A 33 -1.49 11.68 9.84
C THR A 33 -1.87 11.35 8.40
N ILE A 34 -1.19 10.36 7.82
CA ILE A 34 -1.47 9.94 6.44
C ILE A 34 -2.76 9.15 6.36
N ALA A 35 -3.25 8.67 7.50
CA ALA A 35 -4.48 7.90 7.56
C ALA A 35 -5.68 8.74 7.11
N PRO A 36 -5.87 9.88 7.78
CA PRO A 36 -6.98 10.80 7.48
C PRO A 36 -6.80 11.49 6.13
N ILE A 37 -5.61 11.36 5.55
CA ILE A 37 -5.31 11.98 4.27
C ILE A 37 -5.63 11.03 3.11
N ILE A 38 -5.50 9.73 3.36
CA ILE A 38 -5.77 8.72 2.35
C ILE A 38 -7.17 8.15 2.51
N GLY A 39 -7.61 8.00 3.76
CA GLY A 39 -8.93 7.46 4.03
C GLY A 39 -8.88 6.19 4.85
N ARG A 40 -7.71 5.58 4.92
CA ARG A 40 -7.53 4.35 5.68
C ARG A 40 -6.85 4.62 7.02
N THR A 41 -6.69 3.57 7.82
CA THR A 41 -6.04 3.69 9.12
C THR A 41 -4.53 3.50 9.02
N ALA A 42 -3.80 4.15 9.91
CA ALA A 42 -2.34 4.05 9.92
C ALA A 42 -1.90 2.61 9.69
N ALA A 43 -2.54 1.67 10.36
CA ALA A 43 -2.20 0.26 10.23
C ALA A 43 -2.24 -0.17 8.76
N GLN A 44 -3.31 0.22 8.07
CA GLN A 44 -3.46 -0.14 6.66
C GLN A 44 -2.40 0.54 5.81
N CYS A 45 -2.39 1.88 5.83
CA CYS A 45 -1.43 2.65 5.06
C CYS A 45 -0.03 2.05 5.17
N LEU A 46 0.31 1.61 6.39
CA LEU A 46 1.63 1.02 6.63
C LEU A 46 1.69 -0.40 6.07
N GLU A 47 0.71 -1.21 6.41
CA GLU A 47 0.66 -2.59 5.95
C GLU A 47 0.81 -2.66 4.43
N HIS A 48 -0.14 -2.05 3.73
CA HIS A 48 -0.12 -2.03 2.26
C HIS A 48 1.20 -1.50 1.75
N TYR A 49 1.56 -0.29 2.18
CA TYR A 49 2.80 0.34 1.76
C TYR A 49 3.95 -0.67 1.74
N GLU A 50 4.37 -1.10 2.92
CA GLU A 50 5.45 -2.07 3.04
C GLU A 50 5.28 -3.20 2.04
N PHE A 51 4.06 -3.73 1.96
CA PHE A 51 3.76 -4.83 1.05
C PHE A 51 4.11 -4.45 -0.39
N LEU A 52 3.91 -3.17 -0.73
CA LEU A 52 4.20 -2.68 -2.07
C LEU A 52 5.69 -2.76 -2.36
N LEU A 53 6.50 -2.23 -1.45
CA LEU A 53 7.95 -2.23 -1.61
C LEU A 53 8.45 -3.62 -2.01
N ASP A 54 8.07 -4.63 -1.24
CA ASP A 54 8.47 -6.00 -1.51
C ASP A 54 7.82 -6.50 -2.79
N LYS A 55 6.54 -6.20 -2.97
CA LYS A 55 5.80 -6.63 -4.15
C LYS A 55 6.48 -6.13 -5.42
N ALA A 56 7.02 -4.91 -5.37
CA ALA A 56 7.71 -4.33 -6.51
C ALA A 56 9.07 -4.97 -6.74
N ALA A 57 9.72 -5.34 -5.64
CA ALA A 57 11.04 -5.97 -5.71
C ALA A 57 10.94 -7.38 -6.28
N GLN A 58 9.93 -8.13 -5.82
CA GLN A 58 9.73 -9.49 -6.28
C GLN A 58 9.30 -9.52 -7.74
N ARG A 59 8.30 -8.71 -8.08
CA ARG A 59 7.79 -8.64 -9.45
C ARG A 59 8.90 -8.21 -10.41
N ASP A 60 9.11 -9.01 -11.45
CA ASP A 60 10.13 -8.72 -12.45
C ASP A 60 9.79 -7.45 -13.22
N SER A 61 8.57 -7.41 -13.77
CA SER A 61 8.13 -6.26 -14.54
C SER A 61 8.56 -4.95 -13.88
N GLY A 62 9.51 -4.25 -14.52
CA GLY A 62 9.99 -3.00 -13.96
C GLY A 62 10.66 -2.14 -15.02
N PRO A 63 11.99 -2.26 -15.12
CA PRO A 63 12.78 -1.48 -16.08
C PRO A 63 12.54 -1.93 -17.52
N SER A 64 11.74 -2.98 -17.68
CA SER A 64 11.43 -3.51 -19.01
C SER A 64 10.74 -2.45 -19.86
N SER A 65 11.21 -2.29 -21.09
CA SER A 65 10.64 -1.32 -22.01
C SER A 65 9.55 -1.95 -22.86
N GLY A 66 8.34 -2.03 -22.31
CA GLY A 66 7.23 -2.62 -23.04
C GLY A 66 7.51 -4.03 -23.49
#